data_5A97
#
_entry.id   5A97
#
_cell.length_a   64.989
_cell.length_b   76.102
_cell.length_c   449.282
_cell.angle_alpha   90.00
_cell.angle_beta   90.00
_cell.angle_gamma   90.00
#
_symmetry.space_group_name_H-M   'P 21 21 21'
#
loop_
_entity.id
_entity.type
_entity.pdbx_description
1 polymer 'NUCLEOCAPSID PROTEIN'
2 water water
#
_entity_poly.entity_id   1
_entity_poly.type   'polypeptide(L)'
_entity_poly.pdbx_seq_one_letter_code
;PLGSMENKIVASTKEEFNTWYKQFAEKHKLNNKYTESASFCAEIPQLDTYKYKMELASTDNERDAIYSSALIEATRFCAP
IMECAWASCTGTVKRGLEWFDKNKDSDTVKVWDANYQKLRTETPPAEALLAYQKAALNWRKDVGFSIGEYTSILKKAVAA
EYKVPGTVINNIKEMLSDMIRRRNRIINGGSDDAPKRGPVGREHLDWCREFASGKFLNAFNPPWGEINKAGKSGYPLLAT
GLAKLVELEGKDVMDKAKASIAQLEGWVKENKDQVDQDKAEDLLKGVRESYKTALALAKQSNAFRAQGAQIDTVFSSYYW
LWKAGVTPVTFPSVSQFLFELGKNPKGQKKMQKALINTPLKWGKRLIELFADNDFTENRIYMHPCVLTSGRMSELGISFG
AVPVTSPDDAAQGSGHTKAVLNYKTKTEVGNPCACIISSLFEIQKAGYDIESMDIVASEHLLHQSLVGKRSPFQNAYLIK
GNATNINII
;
_entity_poly.pdbx_strand_id   A,B,C,D
#
# COMPACT_ATOMS: atom_id res chain seq x y z
N MET A 5 45.24 55.10 -38.95
CA MET A 5 44.89 53.83 -38.25
C MET A 5 46.15 53.05 -37.86
N GLU A 6 46.79 53.50 -36.78
CA GLU A 6 47.99 52.87 -36.24
C GLU A 6 47.73 52.37 -34.82
N ASN A 7 48.18 51.15 -34.55
CA ASN A 7 48.17 50.59 -33.20
C ASN A 7 49.31 51.22 -32.39
N LYS A 8 48.97 52.16 -31.50
CA LYS A 8 49.97 52.92 -30.73
C LYS A 8 50.57 52.19 -29.53
N ILE A 9 50.06 51.01 -29.20
CA ILE A 9 50.63 50.17 -28.13
C ILE A 9 51.67 49.24 -28.78
N VAL A 10 52.86 49.78 -29.04
CA VAL A 10 53.91 49.05 -29.76
C VAL A 10 54.76 48.24 -28.78
N ALA A 11 54.67 46.92 -28.87
CA ALA A 11 55.45 46.00 -28.03
C ALA A 11 55.38 44.55 -28.54
N SER A 12 56.47 44.07 -29.15
CA SER A 12 56.54 42.72 -29.71
C SER A 12 57.13 41.66 -28.76
N THR A 13 57.54 42.07 -27.56
CA THR A 13 58.01 41.14 -26.52
C THR A 13 57.45 41.53 -25.15
N LYS A 14 57.68 40.67 -24.17
CA LYS A 14 57.30 40.90 -22.76
C LYS A 14 58.00 42.15 -22.21
N GLU A 15 59.28 42.31 -22.51
CA GLU A 15 60.10 43.40 -21.98
C GLU A 15 59.72 44.75 -22.58
N GLU A 16 59.46 44.79 -23.89
CA GLU A 16 59.05 46.01 -24.59
C GLU A 16 57.68 46.52 -24.15
N PHE A 17 56.79 45.60 -23.80
CA PHE A 17 55.47 45.95 -23.25
C PHE A 17 55.57 46.57 -21.85
N ASN A 18 56.45 46.02 -21.01
CA ASN A 18 56.65 46.53 -19.65
C ASN A 18 57.21 47.96 -19.64
N THR A 19 58.06 48.27 -20.61
CA THR A 19 58.58 49.63 -20.79
C THR A 19 57.48 50.62 -21.21
N TRP A 20 56.55 50.15 -22.05
CA TRP A 20 55.38 50.93 -22.42
C TRP A 20 54.42 51.11 -21.24
N TYR A 21 54.10 50.01 -20.56
CA TYR A 21 53.08 50.02 -19.50
C TYR A 21 53.48 50.85 -18.28
N LYS A 22 54.71 50.68 -17.81
CA LYS A 22 55.22 51.46 -16.68
C LYS A 22 55.26 52.96 -17.00
N GLN A 23 55.53 53.30 -18.26
CA GLN A 23 55.47 54.68 -18.76
C GLN A 23 54.03 55.20 -18.82
N PHE A 24 53.12 54.36 -19.27
CA PHE A 24 51.68 54.68 -19.30
C PHE A 24 51.09 54.77 -17.89
N ALA A 25 51.49 53.85 -17.00
CA ALA A 25 50.93 53.75 -15.64
C ALA A 25 51.30 54.93 -14.75
N GLU A 26 52.58 55.30 -14.78
CA GLU A 26 53.07 56.47 -14.01
C GLU A 26 52.57 57.81 -14.56
N LYS A 27 52.15 57.83 -15.83
CA LYS A 27 51.51 59.02 -16.42
C LYS A 27 50.10 59.23 -15.87
N HIS A 28 49.24 58.23 -16.04
CA HIS A 28 47.81 58.33 -15.68
C HIS A 28 47.45 58.04 -14.21
N LYS A 29 48.46 57.67 -13.41
CA LYS A 29 48.30 57.42 -11.97
C LYS A 29 47.31 56.28 -11.71
N LEU A 30 47.61 55.12 -12.29
CA LEU A 30 46.76 53.94 -12.14
C LEU A 30 46.69 53.48 -10.69
N ASN A 31 45.48 53.12 -10.27
CA ASN A 31 45.11 52.95 -8.88
C ASN A 31 44.64 51.51 -8.63
N ASN A 32 45.45 50.75 -7.87
CA ASN A 32 45.09 49.37 -7.46
C ASN A 32 44.57 49.27 -6.01
N LYS A 33 43.98 50.36 -5.52
CA LYS A 33 43.37 50.42 -4.19
C LYS A 33 42.07 49.62 -4.13
N TYR A 34 41.22 49.79 -5.16
CA TYR A 34 39.92 49.11 -5.25
C TYR A 34 39.85 47.95 -6.25
N THR A 35 40.89 47.76 -7.06
CA THR A 35 40.93 46.68 -8.08
C THR A 35 42.15 45.77 -7.95
N GLU A 36 42.08 44.62 -8.63
CA GLU A 36 43.10 43.56 -8.53
C GLU A 36 44.30 43.92 -9.41
N SER A 37 44.03 44.25 -10.67
CA SER A 37 44.99 44.90 -11.55
C SER A 37 44.83 46.43 -11.42
N ALA A 38 45.87 47.18 -11.76
CA ALA A 38 45.85 48.64 -11.64
C ALA A 38 44.93 49.27 -12.69
N SER A 39 44.10 50.22 -12.26
CA SER A 39 43.00 50.78 -13.07
C SER A 39 42.77 52.28 -12.78
N PHE A 40 41.74 52.85 -13.39
CA PHE A 40 41.28 54.21 -13.07
C PHE A 40 40.26 54.28 -11.91
N CYS A 41 40.16 53.22 -11.10
CA CYS A 41 39.16 53.15 -10.03
C CYS A 41 39.59 53.89 -8.76
N ALA A 42 39.13 55.14 -8.64
CA ALA A 42 39.36 55.96 -7.46
C ALA A 42 38.25 55.81 -6.38
N GLU A 43 37.15 55.14 -6.73
CA GLU A 43 36.05 54.89 -5.78
C GLU A 43 35.13 53.76 -6.23
N ILE A 44 34.38 53.21 -5.27
CA ILE A 44 33.37 52.18 -5.54
C ILE A 44 32.06 52.87 -5.91
N PRO A 45 31.53 52.63 -7.13
CA PRO A 45 30.25 53.26 -7.50
C PRO A 45 29.06 52.69 -6.71
N GLN A 46 28.22 53.56 -6.17
CA GLN A 46 26.99 53.15 -5.48
C GLN A 46 25.81 53.19 -6.47
N LEU A 47 25.33 52.01 -6.84
CA LEU A 47 24.37 51.83 -7.94
C LEU A 47 22.89 51.75 -7.50
N ASP A 48 22.60 51.98 -6.21
CA ASP A 48 21.23 51.84 -5.70
C ASP A 48 20.22 52.77 -6.38
N THR A 49 20.67 53.95 -6.81
CA THR A 49 19.85 54.87 -7.60
C THR A 49 19.26 54.24 -8.89
N TYR A 50 20.02 53.35 -9.54
CA TYR A 50 19.54 52.64 -10.74
C TYR A 50 18.48 51.58 -10.42
N LYS A 51 18.68 50.84 -9.33
CA LYS A 51 17.70 49.87 -8.83
C LYS A 51 16.33 50.50 -8.58
N TYR A 52 16.32 51.73 -8.04
CA TYR A 52 15.08 52.45 -7.74
C TYR A 52 14.46 53.11 -8.98
N LYS A 53 15.30 53.59 -9.90
CA LYS A 53 14.85 54.03 -11.23
C LYS A 53 14.23 52.87 -12.05
N MET A 54 14.82 51.68 -11.91
CA MET A 54 14.32 50.47 -12.57
C MET A 54 12.93 50.06 -12.06
N GLU A 55 12.73 50.16 -10.74
CA GLU A 55 11.42 49.89 -10.12
C GLU A 55 10.28 50.76 -10.71
N LEU A 56 10.59 52.01 -11.03
CA LEU A 56 9.60 52.97 -11.56
C LEU A 56 9.40 52.92 -13.08
N ALA A 57 10.35 52.34 -13.82
CA ALA A 57 10.30 52.29 -15.29
C ALA A 57 9.16 51.39 -15.81
N SER A 58 8.54 51.81 -16.91
CA SER A 58 7.36 51.12 -17.49
C SER A 58 7.62 50.40 -18.83
N THR A 59 8.44 50.98 -19.72
CA THR A 59 8.73 50.41 -21.04
C THR A 59 10.06 49.61 -21.04
N ASP A 60 10.20 48.69 -22.00
CA ASP A 60 11.41 47.84 -22.12
C ASP A 60 12.68 48.62 -22.49
N ASN A 61 12.54 49.66 -23.30
CA ASN A 61 13.67 50.50 -23.72
C ASN A 61 14.27 51.28 -22.55
N GLU A 62 13.39 51.77 -21.67
CA GLU A 62 13.79 52.48 -20.45
C GLU A 62 14.56 51.55 -19.50
N ARG A 63 14.08 50.33 -19.34
CA ARG A 63 14.76 49.31 -18.53
C ARG A 63 16.12 48.92 -19.13
N ASP A 64 16.19 48.80 -20.46
CA ASP A 64 17.46 48.57 -21.17
C ASP A 64 18.42 49.74 -20.97
N ALA A 65 17.90 50.96 -21.04
CA ALA A 65 18.67 52.18 -20.81
C ALA A 65 19.17 52.27 -19.37
N ILE A 66 18.31 51.93 -18.41
CA ILE A 66 18.69 51.92 -16.99
C ILE A 66 19.72 50.82 -16.69
N TYR A 67 19.52 49.63 -17.26
CA TYR A 67 20.43 48.48 -17.04
C TYR A 67 21.82 48.70 -17.64
N SER A 68 21.87 49.19 -18.87
CA SER A 68 23.14 49.51 -19.53
C SER A 68 23.84 50.68 -18.82
N SER A 69 23.09 51.74 -18.52
CA SER A 69 23.61 52.89 -17.73
C SER A 69 24.20 52.46 -16.38
N ALA A 70 23.59 51.45 -15.76
CA ALA A 70 24.11 50.85 -14.52
C ALA A 70 25.42 50.12 -14.76
N LEU A 71 25.50 49.35 -15.84
CA LEU A 71 26.73 48.64 -16.22
C LEU A 71 27.88 49.59 -16.60
N ILE A 72 27.57 50.63 -17.37
CA ILE A 72 28.60 51.62 -17.79
C ILE A 72 29.19 52.27 -16.54
N GLU A 73 28.32 52.85 -15.72
CA GLU A 73 28.69 53.46 -14.43
C GLU A 73 29.58 52.53 -13.60
N ALA A 74 29.12 51.29 -13.46
CA ALA A 74 29.82 50.27 -12.67
C ALA A 74 31.23 49.98 -13.19
N THR A 75 31.36 49.83 -14.51
CA THR A 75 32.57 49.23 -15.10
C THR A 75 33.54 50.18 -15.81
N ARG A 76 33.11 51.40 -16.15
CA ARG A 76 33.88 52.24 -17.08
C ARG A 76 35.32 52.54 -16.65
N PHE A 77 35.51 52.80 -15.36
CA PHE A 77 36.82 53.21 -14.84
C PHE A 77 37.70 52.07 -14.29
N CYS A 78 37.15 50.85 -14.16
CA CYS A 78 37.84 49.77 -13.44
C CYS A 78 38.35 48.62 -14.32
N ALA A 79 38.78 48.93 -15.54
CA ALA A 79 39.33 47.91 -16.45
C ALA A 79 40.80 47.59 -16.10
N PRO A 80 41.23 46.32 -16.25
CA PRO A 80 42.61 45.93 -16.00
C PRO A 80 43.56 46.43 -17.11
N ILE A 81 44.16 47.59 -16.88
CA ILE A 81 44.88 48.35 -17.91
C ILE A 81 46.15 47.63 -18.39
N MET A 82 46.79 46.85 -17.51
CA MET A 82 47.94 46.03 -17.87
C MET A 82 47.55 44.90 -18.83
N GLU A 83 46.51 44.15 -18.46
CA GLU A 83 46.11 42.95 -19.22
C GLU A 83 45.39 43.32 -20.52
N CYS A 84 44.55 44.36 -20.46
CA CYS A 84 43.88 44.89 -21.65
C CYS A 84 44.89 45.32 -22.72
N ALA A 85 45.85 46.13 -22.29
CA ALA A 85 46.91 46.64 -23.17
C ALA A 85 47.79 45.52 -23.74
N TRP A 86 48.03 44.48 -22.93
CA TRP A 86 48.80 43.31 -23.39
C TRP A 86 48.07 42.53 -24.49
N ALA A 87 46.76 42.34 -24.31
CA ALA A 87 45.93 41.69 -25.34
C ALA A 87 45.87 42.50 -26.64
N SER A 88 45.82 43.82 -26.52
CA SER A 88 45.67 44.71 -27.67
C SER A 88 46.98 45.11 -28.38
N CYS A 89 48.14 44.70 -27.85
CA CYS A 89 49.44 45.16 -28.39
C CYS A 89 49.78 44.57 -29.75
N THR A 90 50.64 45.26 -30.49
CA THR A 90 51.01 44.90 -31.88
C THR A 90 51.56 43.47 -32.02
N GLY A 91 52.33 43.04 -31.03
CA GLY A 91 52.89 41.69 -31.00
C GLY A 91 51.83 40.63 -30.77
N THR A 92 51.06 40.79 -29.69
CA THR A 92 49.98 39.86 -29.34
C THR A 92 48.88 39.82 -30.43
N VAL A 93 48.63 40.97 -31.08
CA VAL A 93 47.66 41.04 -32.19
C VAL A 93 48.14 40.27 -33.42
N LYS A 94 49.40 40.47 -33.80
CA LYS A 94 49.96 39.81 -34.99
C LYS A 94 50.08 38.30 -34.79
N ARG A 95 50.64 37.90 -33.64
CA ARG A 95 50.78 36.47 -33.28
C ARG A 95 49.43 35.78 -33.08
N GLY A 96 48.50 36.46 -32.41
CA GLY A 96 47.18 35.91 -32.08
C GLY A 96 46.31 35.58 -33.29
N LEU A 97 46.34 36.45 -34.29
CA LEU A 97 45.58 36.24 -35.53
C LEU A 97 46.24 35.18 -36.42
N GLU A 98 47.55 35.29 -36.61
CA GLU A 98 48.32 34.39 -37.47
C GLU A 98 48.36 32.92 -37.00
N TRP A 99 48.12 32.70 -35.70
CA TRP A 99 47.98 31.34 -35.16
C TRP A 99 46.86 30.56 -35.86
N PHE A 100 45.76 31.24 -36.19
CA PHE A 100 44.61 30.60 -36.84
C PHE A 100 44.88 30.24 -38.30
N ASP A 101 45.71 31.03 -38.98
CA ASP A 101 46.24 30.65 -40.30
C ASP A 101 47.10 29.39 -40.21
N LYS A 102 47.92 29.32 -39.16
CA LYS A 102 48.78 28.16 -38.88
C LYS A 102 48.02 26.91 -38.42
N ASN A 103 46.96 27.07 -37.60
CA ASN A 103 46.32 25.93 -36.91
C ASN A 103 44.91 25.52 -37.37
N LYS A 104 44.27 26.25 -38.29
CA LYS A 104 42.89 25.93 -38.71
C LYS A 104 42.67 24.48 -39.21
N ASP A 105 43.67 23.92 -39.89
CA ASP A 105 43.60 22.55 -40.44
C ASP A 105 43.75 21.42 -39.41
N SER A 106 44.29 21.72 -38.22
CA SER A 106 44.54 20.69 -37.20
C SER A 106 43.25 20.10 -36.59
N ASP A 107 43.41 19.06 -35.78
CA ASP A 107 42.27 18.36 -35.15
C ASP A 107 41.56 19.22 -34.11
N THR A 108 42.33 19.96 -33.32
CA THR A 108 41.81 20.74 -32.21
C THR A 108 41.01 21.99 -32.62
N VAL A 109 41.20 22.48 -33.85
CA VAL A 109 40.49 23.68 -34.36
C VAL A 109 39.40 23.38 -35.40
N LYS A 110 39.65 22.41 -36.28
CA LYS A 110 38.77 22.13 -37.43
C LYS A 110 37.37 21.59 -37.07
N VAL A 111 37.27 20.86 -35.96
CA VAL A 111 36.01 20.21 -35.56
C VAL A 111 34.87 21.22 -35.32
N TRP A 112 35.22 22.43 -34.88
CA TRP A 112 34.25 23.51 -34.60
C TRP A 112 34.24 24.63 -35.65
N ASP A 113 35.42 25.01 -36.14
CA ASP A 113 35.55 26.11 -37.11
C ASP A 113 34.93 25.77 -38.47
N ALA A 114 35.24 24.59 -38.99
CA ALA A 114 34.67 24.10 -40.26
C ALA A 114 33.16 23.81 -40.15
N ASN A 115 32.68 23.52 -38.93
CA ASN A 115 31.25 23.32 -38.65
C ASN A 115 30.59 24.55 -38.04
N TYR A 116 31.15 25.74 -38.22
CA TYR A 116 30.63 26.95 -37.56
C TYR A 116 29.14 27.16 -37.85
N GLN A 117 28.74 27.02 -39.11
CA GLN A 117 27.34 27.22 -39.53
C GLN A 117 26.38 26.25 -38.85
N LYS A 118 26.83 25.02 -38.63
CA LYS A 118 26.06 24.01 -37.90
C LYS A 118 25.87 24.42 -36.43
N LEU A 119 26.95 24.83 -35.79
CA LEU A 119 26.94 25.17 -34.36
C LEU A 119 26.11 26.42 -34.02
N ARG A 120 25.87 27.29 -35.00
CA ARG A 120 24.97 28.45 -34.84
C ARG A 120 23.56 28.04 -34.45
N THR A 121 23.11 26.90 -34.99
CA THR A 121 21.78 26.35 -34.67
C THR A 121 21.89 25.31 -33.56
N GLU A 122 22.70 24.28 -33.80
CA GLU A 122 22.74 23.08 -32.96
C GLU A 122 23.70 23.20 -31.78
N THR A 123 23.45 22.38 -30.76
CA THR A 123 24.37 22.21 -29.63
C THR A 123 25.50 21.28 -30.06
N PRO A 124 26.73 21.51 -29.56
CA PRO A 124 27.88 20.78 -30.07
C PRO A 124 28.01 19.37 -29.49
N PRO A 125 28.79 18.49 -30.17
CA PRO A 125 29.17 17.22 -29.53
C PRO A 125 30.22 17.45 -28.45
N ALA A 126 30.39 16.47 -27.57
CA ALA A 126 31.31 16.59 -26.42
C ALA A 126 32.77 16.79 -26.83
N GLU A 127 33.18 16.14 -27.91
CA GLU A 127 34.57 16.22 -28.40
C GLU A 127 34.91 17.56 -29.05
N ALA A 128 33.91 18.22 -29.65
CA ALA A 128 34.08 19.58 -30.18
C ALA A 128 34.43 20.58 -29.07
N LEU A 129 33.79 20.41 -27.91
CA LEU A 129 34.10 21.22 -26.73
C LEU A 129 35.53 20.94 -26.23
N LEU A 130 35.90 19.66 -26.14
CA LEU A 130 37.27 19.27 -25.77
C LEU A 130 38.32 19.74 -26.78
N ALA A 131 37.94 19.76 -28.06
CA ALA A 131 38.81 20.29 -29.12
C ALA A 131 39.06 21.77 -28.88
N TYR A 132 37.98 22.53 -28.72
CA TYR A 132 38.06 23.96 -28.43
C TYR A 132 38.97 24.24 -27.23
N GLN A 133 38.70 23.55 -26.12
CA GLN A 133 39.42 23.77 -24.86
C GLN A 133 40.92 23.42 -24.93
N LYS A 134 41.26 22.44 -25.76
CA LYS A 134 42.68 22.14 -26.06
C LYS A 134 43.30 23.26 -26.88
N ALA A 135 42.63 23.63 -27.98
CA ALA A 135 43.11 24.69 -28.87
C ALA A 135 43.33 26.03 -28.15
N ALA A 136 42.51 26.31 -27.13
CA ALA A 136 42.68 27.51 -26.30
C ALA A 136 43.98 27.50 -25.48
N LEU A 137 44.31 26.34 -24.93
CA LEU A 137 45.55 26.15 -24.18
C LEU A 137 46.77 26.10 -25.11
N ASN A 138 46.57 25.58 -26.32
CA ASN A 138 47.60 25.59 -27.37
C ASN A 138 47.91 27.02 -27.82
N TRP A 139 46.85 27.81 -28.06
CA TRP A 139 46.96 29.22 -28.44
C TRP A 139 47.76 30.02 -27.40
N ARG A 140 47.47 29.81 -26.12
CA ARG A 140 48.17 30.52 -25.04
C ARG A 140 49.66 30.15 -24.96
N LYS A 141 49.98 28.88 -25.21
CA LYS A 141 51.35 28.40 -25.19
C LYS A 141 52.17 28.84 -26.42
N ASP A 142 51.58 28.75 -27.61
CA ASP A 142 52.27 29.10 -28.87
C ASP A 142 52.48 30.61 -29.03
N VAL A 143 51.47 31.39 -28.68
CA VAL A 143 51.58 32.86 -28.68
C VAL A 143 52.44 33.34 -27.51
N GLY A 144 52.38 32.63 -26.38
CA GLY A 144 53.14 33.01 -25.18
C GLY A 144 52.38 34.06 -24.39
N PHE A 145 51.09 33.80 -24.17
CA PHE A 145 50.16 34.80 -23.64
C PHE A 145 50.38 35.13 -22.15
N SER A 146 50.86 34.16 -21.37
CA SER A 146 51.04 34.37 -19.92
C SER A 146 52.21 35.31 -19.63
N ILE A 147 51.90 36.44 -18.98
CA ILE A 147 52.90 37.37 -18.47
C ILE A 147 52.64 37.68 -16.98
N GLY A 148 52.08 36.71 -16.26
CA GLY A 148 51.75 36.88 -14.83
C GLY A 148 50.52 36.09 -14.42
N GLU A 149 49.98 36.44 -13.24
CA GLU A 149 48.82 35.75 -12.67
C GLU A 149 47.55 35.95 -13.49
N TYR A 150 47.34 37.19 -13.93
CA TYR A 150 46.08 37.57 -14.58
C TYR A 150 45.99 37.20 -16.07
N THR A 151 47.05 36.59 -16.62
CA THR A 151 47.09 36.11 -18.00
C THR A 151 47.46 34.61 -18.12
N SER A 152 47.38 33.87 -17.01
CA SER A 152 47.85 32.47 -16.96
C SER A 152 46.71 31.46 -16.86
N ILE A 153 47.06 30.18 -16.97
CA ILE A 153 46.14 29.07 -16.77
C ILE A 153 46.02 28.86 -15.26
N LEU A 154 44.79 28.77 -14.75
CA LEU A 154 44.57 28.48 -13.35
C LEU A 154 44.46 26.97 -13.15
N LYS A 155 45.21 26.44 -12.16
N LYS A 155 45.23 26.43 -12.20
CA LYS A 155 45.19 25.02 -11.80
CA LYS A 155 45.25 25.01 -11.84
C LYS A 155 44.93 24.87 -10.30
C LYS A 155 45.11 24.89 -10.34
N LYS A 156 44.19 25.82 -9.75
N LYS A 156 44.13 25.63 -9.81
CA LYS A 156 43.92 25.83 -8.32
CA LYS A 156 43.94 25.71 -8.36
C LYS A 156 42.67 25.02 -7.99
C LYS A 156 42.64 25.03 -7.99
N ALA A 157 42.48 24.73 -6.71
CA ALA A 157 41.25 24.10 -6.20
C ALA A 157 40.20 25.17 -5.93
N VAL A 158 38.92 24.79 -6.01
CA VAL A 158 37.82 25.69 -5.61
C VAL A 158 37.84 25.84 -4.09
N ALA A 159 37.69 27.07 -3.62
CA ALA A 159 37.73 27.38 -2.18
C ALA A 159 36.50 26.84 -1.45
N ALA A 160 36.67 26.49 -0.18
CA ALA A 160 35.59 25.95 0.65
C ALA A 160 34.56 27.02 1.05
N GLU A 161 35.03 28.26 1.28
CA GLU A 161 34.17 29.37 1.72
C GLU A 161 34.46 30.65 0.93
N TYR A 162 33.42 31.48 0.80
CA TYR A 162 33.47 32.73 0.04
C TYR A 162 32.97 33.88 0.93
N LYS A 163 33.87 34.80 1.27
CA LYS A 163 33.65 35.81 2.31
C LYS A 163 33.05 37.12 1.73
N VAL A 164 31.74 37.31 1.91
CA VAL A 164 31.02 38.53 1.49
C VAL A 164 30.60 39.40 2.69
N PRO A 165 30.36 40.71 2.47
CA PRO A 165 29.87 41.56 3.56
C PRO A 165 28.44 41.22 4.00
N GLY A 166 28.05 41.76 5.15
CA GLY A 166 26.71 41.53 5.71
C GLY A 166 25.57 42.22 5.00
N THR A 167 25.84 43.38 4.37
CA THR A 167 24.82 44.13 3.63
C THR A 167 24.31 43.41 2.37
N VAL A 168 25.15 42.57 1.75
CA VAL A 168 24.79 41.84 0.50
C VAL A 168 24.56 40.33 0.65
N ILE A 169 24.98 39.74 1.78
CA ILE A 169 24.97 38.27 1.97
C ILE A 169 23.63 37.59 1.64
N ASN A 170 22.51 38.21 2.02
CA ASN A 170 21.16 37.66 1.75
C ASN A 170 20.88 37.52 0.26
N ASN A 171 21.27 38.53 -0.51
CA ASN A 171 21.10 38.49 -1.97
C ASN A 171 22.10 37.57 -2.68
N ILE A 172 23.30 37.41 -2.10
CA ILE A 172 24.31 36.47 -2.63
C ILE A 172 23.86 35.01 -2.47
N LYS A 173 23.21 34.70 -1.35
CA LYS A 173 22.63 33.36 -1.11
C LYS A 173 21.42 33.04 -2.02
N GLU A 174 20.64 34.07 -2.37
CA GLU A 174 19.52 33.90 -3.32
C GLU A 174 20.02 33.62 -4.74
N MET A 175 21.09 34.31 -5.15
CA MET A 175 21.76 34.07 -6.43
C MET A 175 22.34 32.66 -6.51
N LEU A 176 23.09 32.27 -5.48
CA LEU A 176 23.72 30.94 -5.41
C LEU A 176 22.67 29.83 -5.39
N SER A 177 21.59 30.03 -4.62
CA SER A 177 20.45 29.10 -4.60
C SER A 177 19.82 28.92 -5.99
N ASP A 178 19.68 30.02 -6.73
CA ASP A 178 19.18 29.99 -8.12
C ASP A 178 20.19 29.31 -9.06
N MET A 179 21.49 29.49 -8.80
CA MET A 179 22.55 28.76 -9.53
C MET A 179 22.55 27.26 -9.23
N ILE A 180 22.25 26.88 -7.98
CA ILE A 180 22.09 25.47 -7.60
C ILE A 180 20.88 24.89 -8.33
N ARG A 181 19.77 25.63 -8.33
CA ARG A 181 18.53 25.20 -8.99
C ARG A 181 18.70 25.10 -10.51
N ARG A 182 19.45 26.03 -11.10
CA ARG A 182 19.81 25.97 -12.53
C ARG A 182 20.70 24.76 -12.84
N ARG A 183 21.63 24.44 -11.94
CA ARG A 183 22.47 23.25 -12.09
C ARG A 183 21.66 21.94 -12.00
N ASN A 184 20.62 21.93 -11.17
CA ASN A 184 19.75 20.74 -11.02
C ASN A 184 18.85 20.47 -12.23
N ARG A 185 18.42 21.52 -12.93
CA ARG A 185 17.57 21.37 -14.13
C ARG A 185 18.35 20.82 -15.33
N ILE A 186 19.57 21.31 -15.54
CA ILE A 186 20.44 20.75 -16.60
C ILE A 186 20.78 19.28 -16.35
N ILE A 187 20.96 18.89 -15.09
CA ILE A 187 21.10 17.47 -14.72
C ILE A 187 19.78 16.70 -14.94
N ASN A 188 18.65 17.33 -14.59
CA ASN A 188 17.30 16.80 -14.92
C ASN A 188 16.19 17.85 -14.86
N GLY A 201 22.01 2.41 -2.70
CA GLY A 201 23.44 2.55 -2.97
C GLY A 201 23.99 3.89 -2.51
N ARG A 202 24.22 4.01 -1.20
CA ARG A 202 24.68 5.25 -0.56
C ARG A 202 26.16 5.19 -0.13
N GLU A 203 26.56 4.09 0.51
CA GLU A 203 27.97 3.83 0.82
C GLU A 203 28.83 3.58 -0.43
N HIS A 204 28.19 3.27 -1.56
CA HIS A 204 28.89 3.09 -2.84
C HIS A 204 29.70 4.34 -3.22
N LEU A 205 29.09 5.52 -3.08
CA LEU A 205 29.79 6.79 -3.33
C LEU A 205 30.97 7.02 -2.39
N ASP A 206 30.80 6.70 -1.10
CA ASP A 206 31.87 6.83 -0.11
C ASP A 206 33.02 5.85 -0.37
N TRP A 207 32.68 4.64 -0.83
CA TRP A 207 33.66 3.63 -1.19
C TRP A 207 34.41 3.98 -2.49
N CYS A 208 33.65 4.43 -3.50
CA CYS A 208 34.23 4.89 -4.77
C CYS A 208 35.16 6.10 -4.58
N ARG A 209 34.80 6.99 -3.64
CA ARG A 209 35.64 8.15 -3.30
C ARG A 209 36.93 7.71 -2.60
N GLU A 210 36.80 6.81 -1.64
CA GLU A 210 37.95 6.19 -0.96
C GLU A 210 38.92 5.53 -1.95
N PHE A 211 38.37 4.77 -2.90
CA PHE A 211 39.17 4.10 -3.93
C PHE A 211 39.94 5.07 -4.83
N ALA A 212 39.22 6.07 -5.33
CA ALA A 212 39.81 7.09 -6.22
C ALA A 212 40.85 7.95 -5.50
N SER A 213 40.60 8.28 -4.23
CA SER A 213 41.50 9.11 -3.44
C SER A 213 42.84 8.45 -3.05
N GLY A 214 43.01 7.15 -3.31
CA GLY A 214 44.29 6.47 -3.12
C GLY A 214 44.25 5.07 -2.49
N LYS A 215 43.14 4.74 -1.81
CA LYS A 215 42.97 3.42 -1.20
C LYS A 215 42.64 2.38 -2.27
N PHE A 216 43.65 2.00 -3.05
CA PHE A 216 43.49 1.10 -4.20
C PHE A 216 43.18 -0.36 -3.81
N LEU A 217 43.56 -0.75 -2.60
CA LEU A 217 43.28 -2.09 -2.08
C LEU A 217 41.80 -2.35 -1.74
N ASN A 218 40.98 -1.29 -1.75
CA ASN A 218 39.52 -1.43 -1.70
C ASN A 218 38.98 -2.33 -2.82
N ALA A 219 39.56 -2.24 -4.02
CA ALA A 219 39.12 -3.03 -5.18
C ALA A 219 39.08 -4.56 -4.97
N PHE A 220 39.86 -5.09 -4.04
CA PHE A 220 39.76 -6.51 -3.64
C PHE A 220 38.45 -6.83 -2.89
N ASN A 221 37.91 -5.85 -2.17
CA ASN A 221 36.68 -6.02 -1.37
C ASN A 221 35.57 -5.01 -1.71
N PRO A 222 34.95 -5.14 -2.91
CA PRO A 222 33.84 -4.24 -3.25
C PRO A 222 32.56 -4.62 -2.49
N PRO A 223 31.91 -3.65 -1.81
CA PRO A 223 30.79 -3.98 -0.92
C PRO A 223 29.56 -4.57 -1.62
N TRP A 224 29.33 -4.18 -2.88
CA TRP A 224 28.21 -4.72 -3.67
C TRP A 224 28.40 -6.17 -4.14
N GLY A 225 29.65 -6.62 -4.25
CA GLY A 225 29.96 -7.97 -4.73
C GLY A 225 31.21 -7.96 -5.58
N GLU A 226 31.12 -8.54 -6.78
CA GLU A 226 32.23 -8.51 -7.74
C GLU A 226 32.47 -7.09 -8.26
N ILE A 227 33.72 -6.80 -8.63
CA ILE A 227 34.15 -5.45 -9.04
C ILE A 227 33.35 -4.89 -10.23
N ASN A 228 32.95 -5.77 -11.16
CA ASN A 228 32.21 -5.38 -12.37
C ASN A 228 30.71 -5.70 -12.32
N LYS A 229 30.11 -5.62 -11.13
CA LYS A 229 28.67 -5.87 -11.00
C LYS A 229 27.89 -4.70 -11.61
N ALA A 230 26.91 -5.03 -12.44
CA ALA A 230 26.03 -4.03 -13.07
C ALA A 230 24.87 -3.68 -12.15
N GLY A 231 24.44 -2.41 -12.20
CA GLY A 231 23.29 -1.93 -11.45
C GLY A 231 21.99 -2.13 -12.20
N LYS A 232 20.99 -1.31 -11.89
CA LYS A 232 19.68 -1.36 -12.58
C LYS A 232 19.77 -0.91 -14.04
N SER A 233 20.61 0.08 -14.31
CA SER A 233 20.84 0.58 -15.67
C SER A 233 21.53 -0.43 -16.61
N GLY A 234 22.28 -1.38 -16.04
CA GLY A 234 23.06 -2.34 -16.81
C GLY A 234 24.52 -1.92 -17.00
N TYR A 235 24.91 -0.83 -16.36
CA TYR A 235 26.27 -0.29 -16.41
C TYR A 235 26.97 -0.69 -15.10
N PRO A 236 28.30 -0.95 -15.14
CA PRO A 236 29.04 -1.27 -13.91
C PRO A 236 28.87 -0.23 -12.81
N LEU A 237 28.65 -0.69 -11.57
CA LEU A 237 28.44 0.22 -10.42
C LEU A 237 29.66 1.10 -10.11
N LEU A 238 30.86 0.61 -10.45
CA LEU A 238 32.08 1.42 -10.35
C LEU A 238 32.10 2.55 -11.39
N ALA A 239 31.54 2.30 -12.57
CA ALA A 239 31.39 3.33 -13.61
C ALA A 239 30.34 4.37 -13.21
N THR A 240 29.16 3.90 -12.84
CA THR A 240 28.07 4.76 -12.33
C THR A 240 28.49 5.57 -11.10
N GLY A 241 29.26 4.96 -10.21
CA GLY A 241 29.75 5.60 -8.99
C GLY A 241 30.76 6.71 -9.25
N LEU A 242 31.71 6.45 -10.14
CA LEU A 242 32.69 7.46 -10.57
C LEU A 242 32.05 8.57 -11.40
N ALA A 243 31.06 8.21 -12.22
CA ALA A 243 30.34 9.19 -13.04
C ALA A 243 29.53 10.19 -12.21
N LYS A 244 28.90 9.71 -11.14
CA LYS A 244 28.18 10.60 -10.22
C LYS A 244 29.13 11.44 -9.37
N LEU A 245 30.31 10.91 -9.06
CA LEU A 245 31.35 11.69 -8.35
C LEU A 245 31.91 12.85 -9.21
N VAL A 246 31.88 12.69 -10.54
CA VAL A 246 32.24 13.77 -11.47
C VAL A 246 31.23 14.92 -11.37
N GLU A 247 29.93 14.59 -11.36
CA GLU A 247 28.87 15.61 -11.24
C GLU A 247 28.88 16.35 -9.89
N LEU A 248 29.22 15.65 -8.80
CA LEU A 248 29.21 16.24 -7.47
C LEU A 248 30.51 17.01 -7.14
N GLU A 249 31.66 16.39 -7.40
CA GLU A 249 32.97 16.96 -7.02
C GLU A 249 33.82 17.52 -8.18
N GLY A 250 33.55 17.08 -9.42
CA GLY A 250 34.27 17.56 -10.59
C GLY A 250 35.10 16.48 -11.26
N LYS A 251 35.52 16.76 -12.48
CA LYS A 251 36.33 15.83 -13.29
C LYS A 251 37.76 15.55 -12.76
N ASP A 252 38.20 16.27 -11.73
CA ASP A 252 39.43 15.95 -11.01
C ASP A 252 39.42 14.54 -10.37
N VAL A 253 38.23 14.04 -10.03
CA VAL A 253 38.07 12.68 -9.48
C VAL A 253 38.59 11.58 -10.44
N MET A 254 38.40 11.78 -11.75
CA MET A 254 38.88 10.81 -12.75
C MET A 254 40.39 10.83 -12.96
N ASP A 255 41.04 11.96 -12.68
CA ASP A 255 42.51 12.02 -12.65
C ASP A 255 43.06 11.24 -11.47
N LYS A 256 42.40 11.36 -10.32
CA LYS A 256 42.75 10.62 -9.11
C LYS A 256 42.50 9.12 -9.25
N ALA A 257 41.40 8.75 -9.92
CA ALA A 257 41.06 7.36 -10.19
C ALA A 257 42.10 6.66 -11.07
N LYS A 258 42.57 7.34 -12.11
CA LYS A 258 43.63 6.82 -12.99
C LYS A 258 44.98 6.70 -12.27
N ALA A 259 45.24 7.61 -11.32
CA ALA A 259 46.44 7.53 -10.47
C ALA A 259 46.39 6.35 -9.48
N SER A 260 45.18 6.03 -9.01
CA SER A 260 44.96 4.91 -8.08
C SER A 260 45.07 3.56 -8.80
N ILE A 261 44.49 3.46 -10.00
CA ILE A 261 44.53 2.22 -10.80
C ILE A 261 45.95 1.86 -11.22
N ALA A 262 46.79 2.88 -11.46
CA ALA A 262 48.22 2.67 -11.74
C ALA A 262 48.94 2.06 -10.55
N GLN A 263 48.62 2.53 -9.34
CA GLN A 263 49.14 1.94 -8.10
C GLN A 263 48.65 0.50 -7.87
N LEU A 264 47.41 0.22 -8.29
CA LEU A 264 46.84 -1.14 -8.22
C LEU A 264 47.66 -2.11 -9.08
N GLU A 265 47.96 -1.70 -10.31
CA GLU A 265 48.86 -2.46 -11.21
C GLU A 265 50.25 -2.67 -10.61
N GLY A 266 50.80 -1.62 -10.01
CA GLY A 266 52.10 -1.68 -9.35
C GLY A 266 52.14 -2.67 -8.20
N TRP A 267 51.07 -2.72 -7.40
CA TRP A 267 50.98 -3.64 -6.27
C TRP A 267 50.84 -5.11 -6.71
N VAL A 268 49.99 -5.34 -7.72
CA VAL A 268 49.75 -6.70 -8.24
C VAL A 268 51.02 -7.33 -8.79
N LYS A 269 51.84 -6.54 -9.48
CA LYS A 269 53.12 -7.01 -10.03
C LYS A 269 54.25 -7.05 -8.98
N GLU A 270 54.22 -6.12 -8.02
CA GLU A 270 55.12 -6.14 -6.86
C GLU A 270 54.88 -7.37 -5.97
N ASN A 271 53.62 -7.83 -5.89
CA ASN A 271 53.22 -8.90 -4.99
C ASN A 271 52.48 -10.02 -5.73
N LYS A 272 53.09 -10.53 -6.80
CA LYS A 272 52.50 -11.60 -7.62
C LYS A 272 52.40 -12.93 -6.88
N ASP A 273 53.27 -13.14 -5.89
CA ASP A 273 53.29 -14.36 -5.09
C ASP A 273 52.11 -14.46 -4.13
N GLN A 274 51.54 -13.33 -3.72
CA GLN A 274 50.37 -13.31 -2.83
C GLN A 274 49.04 -13.50 -3.59
N VAL A 275 49.05 -13.37 -4.93
CA VAL A 275 47.80 -13.36 -5.72
C VAL A 275 47.68 -14.47 -6.78
N ASP A 276 46.43 -14.85 -7.05
CA ASP A 276 46.06 -15.62 -8.24
C ASP A 276 46.21 -14.70 -9.43
N GLN A 277 47.17 -14.99 -10.31
CA GLN A 277 47.48 -14.11 -11.45
C GLN A 277 46.38 -14.00 -12.50
N ASP A 278 45.51 -15.01 -12.59
CA ASP A 278 44.38 -14.96 -13.51
CA ASP A 278 44.36 -14.99 -13.51
C ASP A 278 43.30 -14.00 -13.01
N LYS A 279 42.89 -14.16 -11.75
CA LYS A 279 41.89 -13.29 -11.14
C LYS A 279 42.39 -11.86 -10.92
N ALA A 280 43.70 -11.69 -10.72
CA ALA A 280 44.32 -10.36 -10.65
C ALA A 280 44.23 -9.64 -11.99
N GLU A 281 44.48 -10.36 -13.08
CA GLU A 281 44.33 -9.81 -14.44
C GLU A 281 42.86 -9.57 -14.82
N ASP A 282 41.96 -10.45 -14.38
CA ASP A 282 40.51 -10.23 -14.57
C ASP A 282 39.99 -9.03 -13.78
N LEU A 283 40.61 -8.74 -12.64
CA LEU A 283 40.28 -7.55 -11.84
C LEU A 283 40.74 -6.28 -12.54
N LEU A 284 42.02 -6.23 -12.92
CA LEU A 284 42.62 -5.06 -13.55
C LEU A 284 42.02 -4.70 -14.92
N LYS A 285 41.68 -5.70 -15.72
CA LYS A 285 40.96 -5.48 -17.00
C LYS A 285 39.52 -5.01 -16.78
N GLY A 286 38.89 -5.49 -15.70
CA GLY A 286 37.55 -5.04 -15.32
C GLY A 286 37.49 -3.62 -14.82
N VAL A 287 38.50 -3.22 -14.04
CA VAL A 287 38.58 -1.85 -13.51
C VAL A 287 38.84 -0.83 -14.64
N ARG A 288 39.65 -1.22 -15.63
CA ARG A 288 39.93 -0.37 -16.79
C ARG A 288 38.72 -0.18 -17.72
N GLU A 289 37.89 -1.22 -17.86
CA GLU A 289 36.63 -1.12 -18.60
C GLU A 289 35.63 -0.18 -17.92
N SER A 290 35.51 -0.29 -16.59
CA SER A 290 34.64 0.59 -15.79
C SER A 290 35.12 2.05 -15.75
N TYR A 291 36.44 2.26 -15.83
CA TYR A 291 37.01 3.61 -15.89
C TYR A 291 36.65 4.33 -17.19
N LYS A 292 36.79 3.63 -18.32
CA LYS A 292 36.43 4.19 -19.64
C LYS A 292 34.91 4.39 -19.78
N THR A 293 34.12 3.49 -19.19
CA THR A 293 32.67 3.65 -19.14
C THR A 293 32.25 4.88 -18.30
N ALA A 294 33.04 5.20 -17.26
CA ALA A 294 32.83 6.41 -16.45
C ALA A 294 33.19 7.70 -17.20
N LEU A 295 34.23 7.65 -18.04
CA LEU A 295 34.56 8.77 -18.93
C LEU A 295 33.47 9.02 -19.97
N ALA A 296 32.94 7.95 -20.55
CA ALA A 296 31.86 8.05 -21.54
C ALA A 296 30.57 8.64 -20.96
N LEU A 297 30.23 8.28 -19.72
CA LEU A 297 29.05 8.84 -19.03
C LEU A 297 29.23 10.30 -18.60
N ALA A 298 30.47 10.68 -18.24
CA ALA A 298 30.77 12.06 -17.83
C ALA A 298 30.68 13.04 -19.00
N LYS A 299 31.30 12.68 -20.12
CA LYS A 299 31.25 13.49 -21.35
C LYS A 299 29.82 13.60 -21.90
N GLN A 300 29.10 12.47 -21.86
CA GLN A 300 27.70 12.40 -22.30
C GLN A 300 26.75 13.24 -21.42
N SER A 301 27.06 13.40 -20.14
CA SER A 301 26.19 14.13 -19.20
C SER A 301 26.10 15.62 -19.51
N ASN A 302 24.99 16.22 -19.07
CA ASN A 302 24.73 17.64 -19.28
C ASN A 302 25.59 18.56 -18.42
N ALA A 303 26.06 18.06 -17.27
CA ALA A 303 26.96 18.81 -16.40
C ALA A 303 28.28 19.16 -17.08
N PHE A 304 28.81 18.23 -17.87
CA PHE A 304 30.01 18.48 -18.68
C PHE A 304 29.72 19.39 -19.87
N ARG A 305 28.64 19.11 -20.60
CA ARG A 305 28.24 19.90 -21.78
C ARG A 305 28.16 21.42 -21.50
N ALA A 306 27.76 21.77 -20.28
CA ALA A 306 27.78 23.16 -19.81
C ALA A 306 29.20 23.61 -19.44
N GLN A 307 29.89 22.81 -18.63
CA GLN A 307 31.28 23.09 -18.23
C GLN A 307 32.24 23.27 -19.41
N GLY A 308 32.14 22.35 -20.37
CA GLY A 308 32.97 22.37 -21.57
C GLY A 308 32.70 23.54 -22.51
N ALA A 309 31.50 24.11 -22.42
CA ALA A 309 31.13 25.31 -23.17
C ALA A 309 31.56 26.65 -22.51
N GLN A 310 32.50 26.58 -21.57
CA GLN A 310 33.07 27.77 -20.92
C GLN A 310 33.97 28.50 -21.93
N ILE A 311 33.69 29.78 -22.13
CA ILE A 311 34.43 30.59 -23.09
C ILE A 311 35.74 31.05 -22.46
N ASP A 312 36.85 30.77 -23.13
CA ASP A 312 38.10 31.48 -22.88
C ASP A 312 37.95 32.82 -23.59
N THR A 313 37.87 33.90 -22.81
CA THR A 313 37.55 35.24 -23.32
C THR A 313 38.44 35.66 -24.48
N VAL A 314 39.75 35.73 -24.22
CA VAL A 314 40.71 36.24 -25.20
C VAL A 314 40.91 35.31 -26.41
N PHE A 315 40.77 34.01 -26.22
CA PHE A 315 40.92 33.06 -27.34
C PHE A 315 39.77 33.19 -28.35
N SER A 316 38.54 33.11 -27.86
CA SER A 316 37.35 33.29 -28.71
C SER A 316 37.28 34.69 -29.32
N SER A 317 37.74 35.69 -28.58
CA SER A 317 37.86 37.06 -29.08
C SER A 317 38.70 37.10 -30.36
N TYR A 318 39.92 36.57 -30.30
CA TYR A 318 40.81 36.49 -31.47
C TYR A 318 40.27 35.60 -32.59
N TYR A 319 39.53 34.55 -32.23
CA TYR A 319 38.87 33.71 -33.23
C TYR A 319 37.83 34.47 -34.05
N TRP A 320 37.04 35.30 -33.37
CA TRP A 320 36.00 36.10 -34.04
C TRP A 320 36.57 37.18 -34.96
N LEU A 321 37.70 37.77 -34.59
CA LEU A 321 38.39 38.74 -35.44
C LEU A 321 38.90 38.06 -36.71
N TRP A 322 39.56 36.92 -36.55
CA TRP A 322 40.04 36.11 -37.67
C TRP A 322 38.90 35.61 -38.58
N LYS A 323 37.76 35.25 -37.98
CA LYS A 323 36.57 34.84 -38.75
C LYS A 323 35.93 35.99 -39.54
N ALA A 324 36.03 37.23 -39.04
CA ALA A 324 35.51 38.41 -39.73
C ALA A 324 36.52 39.08 -40.67
N GLY A 325 37.66 38.42 -40.93
CA GLY A 325 38.65 38.91 -41.88
C GLY A 325 39.50 40.08 -41.40
N VAL A 326 39.69 40.19 -40.08
CA VAL A 326 40.48 41.28 -39.49
C VAL A 326 41.98 40.92 -39.58
N THR A 327 42.80 41.94 -39.82
CA THR A 327 44.26 41.81 -39.87
C THR A 327 44.87 42.81 -38.87
N PRO A 328 46.21 42.82 -38.71
CA PRO A 328 46.85 43.89 -37.91
C PRO A 328 46.62 45.33 -38.42
N VAL A 329 46.32 45.48 -39.72
CA VAL A 329 45.99 46.77 -40.32
C VAL A 329 44.60 47.26 -39.88
N THR A 330 43.61 46.36 -39.91
CA THR A 330 42.22 46.68 -39.57
C THR A 330 41.86 46.50 -38.08
N PHE A 331 42.79 46.01 -37.26
CA PHE A 331 42.55 45.81 -35.83
C PHE A 331 42.24 47.11 -35.06
N PRO A 332 42.97 48.21 -35.35
CA PRO A 332 42.68 49.48 -34.66
C PRO A 332 41.27 50.04 -34.85
N SER A 333 40.62 49.78 -35.99
CA SER A 333 39.22 50.14 -36.20
C SER A 333 38.28 49.36 -35.26
N VAL A 334 38.61 48.09 -35.02
CA VAL A 334 37.84 47.23 -34.13
C VAL A 334 38.01 47.68 -32.68
N SER A 335 39.26 47.91 -32.28
CA SER A 335 39.57 48.43 -30.95
C SER A 335 38.92 49.79 -30.68
N GLN A 336 38.95 50.66 -31.68
CA GLN A 336 38.30 51.98 -31.60
C GLN A 336 36.77 51.85 -31.56
N PHE A 337 36.23 50.89 -32.30
CA PHE A 337 34.78 50.63 -32.30
C PHE A 337 34.28 50.16 -30.93
N LEU A 338 35.01 49.23 -30.32
CA LEU A 338 34.64 48.66 -29.03
C LEU A 338 34.79 49.67 -27.87
N PHE A 339 35.75 50.58 -27.99
CA PHE A 339 35.94 51.65 -27.00
C PHE A 339 34.75 52.60 -26.94
N GLU A 340 34.32 53.10 -28.09
CA GLU A 340 33.18 54.02 -28.19
C GLU A 340 31.86 53.32 -27.83
N LEU A 341 31.76 52.04 -28.16
CA LEU A 341 30.60 51.20 -27.82
C LEU A 341 30.34 51.14 -26.31
N GLY A 342 31.41 51.05 -25.53
CA GLY A 342 31.31 50.97 -24.07
C GLY A 342 31.17 52.29 -23.32
N LYS A 343 31.04 53.41 -24.04
CA LYS A 343 30.87 54.72 -23.40
C LYS A 343 29.39 55.13 -23.33
N ASN A 344 28.67 55.00 -24.43
CA ASN A 344 27.24 55.31 -24.48
C ASN A 344 26.37 54.15 -23.93
N PRO A 345 25.30 54.47 -23.18
CA PRO A 345 24.30 53.45 -22.82
C PRO A 345 23.57 52.88 -24.04
N LYS A 346 24.15 51.82 -24.61
CA LYS A 346 23.67 51.23 -25.86
C LYS A 346 22.97 49.89 -25.59
N GLY A 347 21.72 49.77 -26.06
CA GLY A 347 21.02 48.49 -26.07
C GLY A 347 21.64 47.59 -27.13
N GLN A 348 21.49 46.27 -26.94
CA GLN A 348 22.07 45.29 -27.86
C GLN A 348 21.55 45.38 -29.31
N LYS A 349 20.31 45.86 -29.48
CA LYS A 349 19.73 46.04 -30.83
C LYS A 349 20.33 47.26 -31.55
N LYS A 350 20.65 48.32 -30.80
CA LYS A 350 21.31 49.52 -31.34
C LYS A 350 22.73 49.21 -31.86
N MET A 351 23.45 48.36 -31.13
CA MET A 351 24.78 47.88 -31.54
C MET A 351 24.77 47.14 -32.88
N GLN A 352 23.73 46.35 -33.11
CA GLN A 352 23.57 45.62 -34.37
C GLN A 352 23.44 46.57 -35.56
N LYS A 353 22.73 47.68 -35.37
CA LYS A 353 22.62 48.73 -36.39
C LYS A 353 23.95 49.45 -36.64
N ALA A 354 24.71 49.69 -35.57
CA ALA A 354 26.03 50.34 -35.66
C ALA A 354 27.05 49.51 -36.47
N LEU A 355 27.01 48.19 -36.30
CA LEU A 355 27.83 47.26 -37.08
C LEU A 355 27.36 47.15 -38.54
N ILE A 356 26.06 47.30 -38.76
CA ILE A 356 25.49 47.34 -40.11
C ILE A 356 25.85 48.66 -40.83
N ASN A 357 25.64 49.78 -40.14
CA ASN A 357 25.85 51.11 -40.72
C ASN A 357 27.31 51.48 -41.00
N THR A 358 28.23 51.05 -40.13
CA THR A 358 29.64 51.37 -40.29
C THR A 358 30.16 50.90 -41.66
N PRO A 359 30.86 51.77 -42.40
CA PRO A 359 31.31 51.40 -43.74
C PRO A 359 32.42 50.34 -43.77
N LEU A 360 33.10 50.11 -42.65
CA LEU A 360 34.15 49.09 -42.54
C LEU A 360 33.58 47.69 -42.81
N LYS A 361 34.36 46.86 -43.50
CA LYS A 361 33.88 45.56 -44.00
C LYS A 361 33.66 44.52 -42.90
N TRP A 362 34.59 44.45 -41.94
CA TRP A 362 34.44 43.55 -40.79
C TRP A 362 33.11 43.72 -40.03
N GLY A 363 32.60 44.95 -39.97
CA GLY A 363 31.32 45.25 -39.32
C GLY A 363 30.16 44.43 -39.84
N LYS A 364 30.10 44.26 -41.16
CA LYS A 364 29.10 43.38 -41.81
C LYS A 364 29.36 41.91 -41.50
N ARG A 365 30.61 41.47 -41.68
CA ARG A 365 30.99 40.07 -41.49
C ARG A 365 30.84 39.61 -40.03
N LEU A 366 31.09 40.51 -39.08
CA LEU A 366 30.94 40.22 -37.64
C LEU A 366 29.46 40.05 -37.24
N ILE A 367 28.55 40.75 -37.92
CA ILE A 367 27.10 40.64 -37.66
C ILE A 367 26.53 39.33 -38.22
N GLU A 368 27.16 38.79 -39.26
CA GLU A 368 26.76 37.50 -39.84
C GLU A 368 27.16 36.28 -39.00
N LEU A 369 28.12 36.45 -38.10
CA LEU A 369 28.51 35.40 -37.14
C LEU A 369 27.58 35.27 -35.91
N PHE A 370 26.62 36.18 -35.77
CA PHE A 370 25.66 36.15 -34.65
C PHE A 370 24.73 34.95 -34.77
N ALA A 371 24.42 34.33 -33.64
CA ALA A 371 23.52 33.17 -33.56
C ALA A 371 22.38 33.44 -32.58
N ASP A 372 21.82 34.66 -32.65
CA ASP A 372 20.78 35.10 -31.71
C ASP A 372 19.39 34.54 -32.00
N ASN A 373 19.06 34.36 -33.27
CA ASN A 373 17.71 33.99 -33.70
C ASN A 373 17.46 32.48 -33.80
N ASP A 374 18.47 31.74 -34.23
CA ASP A 374 18.30 30.35 -34.70
C ASP A 374 18.71 29.23 -33.70
N PHE A 375 19.03 29.59 -32.46
CA PHE A 375 19.44 28.60 -31.44
C PHE A 375 18.27 28.27 -30.51
N THR A 376 17.69 27.08 -30.71
CA THR A 376 16.49 26.64 -29.97
C THR A 376 16.80 26.09 -28.58
N GLU A 377 17.88 25.32 -28.47
CA GLU A 377 18.36 24.76 -27.19
C GLU A 377 18.75 25.82 -26.16
N ASN A 378 19.07 25.37 -24.94
CA ASN A 378 19.55 26.25 -23.87
C ASN A 378 20.92 26.86 -24.25
N ARG A 379 21.05 28.17 -24.03
CA ARG A 379 22.26 28.91 -24.46
C ARG A 379 23.54 28.58 -23.69
N ILE A 380 23.42 28.01 -22.50
CA ILE A 380 24.57 27.51 -21.75
C ILE A 380 25.31 26.39 -22.50
N TYR A 381 24.57 25.59 -23.28
CA TYR A 381 25.16 24.51 -24.09
C TYR A 381 25.84 24.98 -25.38
N MET A 382 25.56 26.22 -25.83
CA MET A 382 26.11 26.74 -27.09
C MET A 382 27.63 26.68 -27.09
N HIS A 383 28.20 26.22 -28.20
CA HIS A 383 29.65 26.08 -28.33
C HIS A 383 30.30 27.47 -28.17
N PRO A 384 31.38 27.57 -27.37
CA PRO A 384 31.93 28.89 -26.98
C PRO A 384 32.67 29.68 -28.09
N CYS A 385 32.70 29.15 -29.30
CA CYS A 385 33.27 29.82 -30.47
C CYS A 385 32.23 30.69 -31.19
N VAL A 386 30.94 30.43 -30.94
CA VAL A 386 29.86 31.10 -31.65
C VAL A 386 29.58 32.47 -31.02
N LEU A 387 29.59 33.52 -31.84
CA LEU A 387 29.33 34.88 -31.36
C LEU A 387 27.83 35.14 -31.21
N THR A 388 27.48 35.96 -30.22
CA THR A 388 26.13 36.50 -30.03
C THR A 388 26.25 37.96 -29.59
N SER A 389 25.10 38.63 -29.48
CA SER A 389 25.05 40.02 -29.02
C SER A 389 25.59 40.18 -27.60
N GLY A 390 25.21 39.24 -26.73
CA GLY A 390 25.72 39.19 -25.35
C GLY A 390 27.22 38.93 -25.26
N ARG A 391 27.72 38.06 -26.13
CA ARG A 391 29.15 37.70 -26.14
C ARG A 391 30.08 38.74 -26.77
N MET A 392 29.53 39.83 -27.33
CA MET A 392 30.34 40.99 -27.75
C MET A 392 31.12 41.62 -26.59
N SER A 393 30.65 41.45 -25.36
CA SER A 393 31.40 41.83 -24.15
C SER A 393 32.74 41.10 -23.98
N GLU A 394 32.89 39.93 -24.60
CA GLU A 394 34.17 39.21 -24.65
C GLU A 394 35.18 39.96 -25.52
N LEU A 395 34.73 40.48 -26.66
CA LEU A 395 35.55 41.37 -27.50
C LEU A 395 35.80 42.71 -26.82
N GLY A 396 34.75 43.28 -26.21
CA GLY A 396 34.82 44.57 -25.53
C GLY A 396 35.87 44.67 -24.43
N ILE A 397 35.95 43.63 -23.60
CA ILE A 397 36.96 43.59 -22.54
C ILE A 397 38.37 43.32 -23.08
N SER A 398 38.46 42.53 -24.16
CA SER A 398 39.76 42.20 -24.77
C SER A 398 40.43 43.41 -25.39
N PHE A 399 39.71 44.09 -26.28
CA PHE A 399 40.29 45.16 -27.12
C PHE A 399 39.69 46.55 -26.93
N GLY A 400 38.63 46.66 -26.12
CA GLY A 400 37.84 47.90 -26.04
C GLY A 400 38.11 48.82 -24.87
N ALA A 401 38.63 48.29 -23.76
CA ALA A 401 38.92 49.11 -22.58
C ALA A 401 39.97 50.20 -22.87
N VAL A 402 40.99 49.83 -23.66
CA VAL A 402 42.01 50.76 -24.13
C VAL A 402 41.92 50.85 -25.66
N PRO A 403 41.62 52.06 -26.21
CA PRO A 403 41.62 52.22 -27.66
C PRO A 403 43.05 52.39 -28.17
N VAL A 404 43.48 51.51 -29.09
CA VAL A 404 44.88 51.46 -29.53
C VAL A 404 45.35 52.64 -30.40
N THR A 405 44.43 53.29 -31.11
CA THR A 405 44.76 54.49 -31.91
C THR A 405 45.07 55.73 -31.05
N SER A 406 44.59 55.73 -29.81
CA SER A 406 44.84 56.84 -28.88
C SER A 406 44.73 56.35 -27.41
N PRO A 407 45.73 55.60 -26.93
CA PRO A 407 45.72 54.99 -25.58
C PRO A 407 45.32 55.90 -24.41
N ASP A 408 45.72 57.17 -24.47
CA ASP A 408 45.39 58.17 -23.42
C ASP A 408 43.88 58.35 -23.18
N ASP A 409 43.06 58.12 -24.20
CA ASP A 409 41.60 58.21 -24.07
C ASP A 409 41.00 57.24 -23.05
N ALA A 410 41.69 56.14 -22.75
CA ALA A 410 41.29 55.19 -21.70
C ALA A 410 40.83 55.86 -20.39
N ALA A 411 41.47 56.97 -20.03
CA ALA A 411 41.07 57.80 -18.86
C ALA A 411 39.61 58.25 -18.86
N GLN A 412 39.00 58.39 -20.03
CA GLN A 412 37.56 58.66 -20.14
C GLN A 412 36.73 57.51 -19.57
N GLY A 413 37.13 56.28 -19.88
CA GLY A 413 36.50 55.07 -19.36
C GLY A 413 35.53 54.45 -20.36
N SER A 414 35.65 53.14 -20.56
CA SER A 414 34.78 52.38 -21.46
C SER A 414 34.25 51.15 -20.72
N GLY A 415 32.95 51.13 -20.46
CA GLY A 415 32.30 50.06 -19.69
C GLY A 415 32.17 48.73 -20.41
N HIS A 416 32.64 47.66 -19.77
CA HIS A 416 32.53 46.29 -20.27
C HIS A 416 32.22 45.35 -19.10
N THR A 417 31.25 44.46 -19.30
CA THR A 417 30.74 43.58 -18.22
C THR A 417 31.80 42.73 -17.53
N LYS A 418 32.81 42.29 -18.29
CA LYS A 418 33.90 41.46 -17.77
C LYS A 418 34.97 42.23 -16.98
N ALA A 419 34.86 43.56 -16.90
CA ALA A 419 35.71 44.38 -16.03
C ALA A 419 35.34 44.29 -14.53
N VAL A 420 34.19 43.71 -14.20
CA VAL A 420 33.76 43.52 -12.80
C VAL A 420 34.67 42.52 -12.06
N LEU A 421 35.23 41.55 -12.77
CA LEU A 421 36.16 40.57 -12.18
C LEU A 421 37.48 41.19 -11.69
N ASN A 422 37.82 42.37 -12.19
CA ASN A 422 38.98 43.12 -11.73
C ASN A 422 38.80 43.79 -10.36
N TYR A 423 37.57 43.93 -9.87
CA TYR A 423 37.32 44.42 -8.49
C TYR A 423 37.88 43.44 -7.45
N LYS A 424 38.30 43.98 -6.30
CA LYS A 424 38.90 43.17 -5.24
C LYS A 424 37.88 42.26 -4.54
N THR A 425 38.40 41.17 -3.97
CA THR A 425 37.63 40.21 -3.19
C THR A 425 37.82 40.36 -1.68
N LYS A 426 38.63 41.33 -1.28
CA LYS A 426 39.17 41.39 0.07
C LYS A 426 38.22 42.17 0.99
N THR A 427 37.99 41.63 2.19
CA THR A 427 37.15 42.27 3.21
C THR A 427 37.77 43.55 3.78
N GLU A 428 39.10 43.70 3.64
CA GLU A 428 39.84 44.93 3.92
C GLU A 428 39.23 46.18 3.27
N VAL A 429 38.76 46.04 2.02
CA VAL A 429 38.14 47.15 1.26
C VAL A 429 36.64 46.92 0.97
N GLY A 430 35.98 46.14 1.84
CA GLY A 430 34.54 45.88 1.74
C GLY A 430 34.07 44.92 0.66
N ASN A 431 35.00 44.19 0.01
CA ASN A 431 34.68 43.27 -1.08
C ASN A 431 33.82 43.92 -2.18
N PRO A 432 34.43 44.84 -2.96
CA PRO A 432 33.67 45.56 -4.00
C PRO A 432 33.17 44.70 -5.17
N CYS A 433 33.85 43.58 -5.44
CA CYS A 433 33.41 42.66 -6.50
C CYS A 433 32.04 42.06 -6.20
N ALA A 434 31.89 41.52 -4.98
CA ALA A 434 30.64 40.92 -4.53
C ALA A 434 29.49 41.94 -4.38
N CYS A 435 29.83 43.18 -4.02
CA CYS A 435 28.84 44.25 -3.88
C CYS A 435 28.28 44.73 -5.22
N ILE A 436 29.15 44.86 -6.23
CA ILE A 436 28.73 45.23 -7.59
C ILE A 436 27.91 44.10 -8.24
N ILE A 437 28.37 42.86 -8.07
CA ILE A 437 27.64 41.67 -8.57
C ILE A 437 26.26 41.54 -7.92
N SER A 438 26.19 41.74 -6.61
CA SER A 438 24.93 41.72 -5.86
C SER A 438 23.98 42.85 -6.30
N SER A 439 24.52 44.05 -6.48
CA SER A 439 23.73 45.21 -6.89
C SER A 439 23.20 45.09 -8.32
N LEU A 440 24.04 44.59 -9.24
CA LEU A 440 23.62 44.34 -10.63
C LEU A 440 22.50 43.31 -10.73
N PHE A 441 22.51 42.29 -9.86
CA PHE A 441 21.46 41.28 -9.80
C PHE A 441 20.11 41.85 -9.35
N GLU A 442 20.13 42.71 -8.34
CA GLU A 442 18.93 43.43 -7.88
C GLU A 442 18.31 44.28 -8.99
N ILE A 443 19.17 44.88 -9.81
CA ILE A 443 18.74 45.69 -10.95
C ILE A 443 18.12 44.81 -12.06
N GLN A 444 18.70 43.63 -12.29
CA GLN A 444 18.17 42.68 -13.29
C GLN A 444 16.83 42.05 -12.91
N LYS A 445 16.69 41.63 -11.65
CA LYS A 445 15.44 41.00 -11.18
C LYS A 445 14.27 41.99 -11.08
N ALA A 446 14.59 43.24 -10.74
CA ALA A 446 13.59 44.32 -10.67
C ALA A 446 12.98 44.63 -12.05
N GLY A 447 13.81 44.64 -13.09
CA GLY A 447 13.38 44.97 -14.45
C GLY A 447 12.98 43.79 -15.31
N TYR A 448 13.73 42.69 -15.22
CA TYR A 448 13.54 41.51 -16.07
C TYR A 448 13.12 40.27 -15.28
N ASP A 449 12.40 39.36 -15.96
CA ASP A 449 12.02 38.08 -15.40
C ASP A 449 13.23 37.15 -15.47
N ILE A 450 13.73 36.75 -14.30
CA ILE A 450 15.04 36.09 -14.19
C ILE A 450 15.05 34.63 -14.67
N GLU A 451 14.10 33.82 -14.21
CA GLU A 451 14.06 32.39 -14.55
C GLU A 451 13.65 32.09 -16.01
N SER A 452 13.16 33.11 -16.73
CA SER A 452 12.99 33.02 -18.19
C SER A 452 14.34 33.06 -18.93
N MET A 453 15.27 33.87 -18.42
CA MET A 453 16.61 34.02 -19.02
C MET A 453 17.46 32.78 -18.79
N ASP A 454 18.16 32.33 -19.84
CA ASP A 454 18.99 31.12 -19.78
C ASP A 454 20.25 31.34 -18.97
N ILE A 455 20.97 32.43 -19.26
CA ILE A 455 22.15 32.85 -18.50
C ILE A 455 21.89 34.27 -17.99
N VAL A 456 21.98 34.44 -16.68
CA VAL A 456 21.96 35.76 -16.04
C VAL A 456 23.41 36.19 -15.88
N ALA A 457 23.74 37.39 -16.37
CA ALA A 457 25.12 37.89 -16.41
C ALA A 457 25.77 38.04 -15.03
N SER A 458 24.97 38.45 -14.04
CA SER A 458 25.46 38.60 -12.65
C SER A 458 25.74 37.23 -11.99
N GLU A 459 24.90 36.23 -12.29
CA GLU A 459 25.16 34.85 -11.86
C GLU A 459 26.40 34.26 -12.52
N HIS A 460 26.62 34.60 -13.80
CA HIS A 460 27.83 34.21 -14.53
C HIS A 460 29.08 34.93 -14.02
N LEU A 461 28.93 36.18 -13.60
CA LEU A 461 30.01 36.93 -12.92
C LEU A 461 30.35 36.36 -11.55
N LEU A 462 29.32 35.94 -10.81
CA LEU A 462 29.51 35.31 -9.49
C LEU A 462 30.20 33.95 -9.61
N HIS A 463 29.75 33.13 -10.56
CA HIS A 463 30.32 31.79 -10.81
C HIS A 463 31.84 31.81 -11.04
N GLN A 464 32.30 32.80 -11.82
CA GLN A 464 33.73 33.02 -12.04
C GLN A 464 34.43 33.46 -10.75
N SER A 465 33.81 34.37 -10.02
CA SER A 465 34.34 34.89 -8.76
C SER A 465 34.47 33.81 -7.67
N LEU A 466 33.50 32.89 -7.61
CA LEU A 466 33.52 31.79 -6.65
C LEU A 466 34.70 30.83 -6.86
N VAL A 467 34.92 30.43 -8.11
CA VAL A 467 36.03 29.51 -8.46
C VAL A 467 37.44 30.14 -8.39
N GLY A 468 37.53 31.45 -8.14
CA GLY A 468 38.81 32.13 -7.96
C GLY A 468 39.35 32.78 -9.22
N LYS A 469 38.46 33.13 -10.16
CA LYS A 469 38.83 33.85 -11.37
C LYS A 469 38.92 35.34 -11.01
N ARG A 470 40.12 35.89 -11.07
CA ARG A 470 40.40 37.29 -10.68
C ARG A 470 40.63 38.23 -11.87
N SER A 471 40.52 37.70 -13.09
CA SER A 471 40.73 38.48 -14.30
C SER A 471 40.02 37.82 -15.49
N PRO A 472 39.52 38.63 -16.45
CA PRO A 472 38.91 38.04 -17.66
C PRO A 472 39.89 37.30 -18.59
N PHE A 473 41.19 37.66 -18.51
CA PHE A 473 42.21 37.07 -19.38
C PHE A 473 42.84 35.78 -18.86
N GLN A 474 42.40 35.29 -17.70
CA GLN A 474 42.80 33.96 -17.20
C GLN A 474 41.97 32.87 -17.87
N ASN A 475 42.60 31.71 -18.12
CA ASN A 475 41.88 30.48 -18.46
C ASN A 475 41.57 29.73 -17.17
N ALA A 476 40.34 29.23 -17.05
CA ALA A 476 39.89 28.55 -15.83
C ALA A 476 39.05 27.29 -16.13
N TYR A 477 39.38 26.60 -17.22
CA TYR A 477 38.75 25.32 -17.55
C TYR A 477 39.28 24.18 -16.67
N LEU A 478 40.56 24.27 -16.29
CA LEU A 478 41.23 23.23 -15.50
C LEU A 478 41.14 23.42 -13.97
N ILE A 479 40.18 24.24 -13.50
CA ILE A 479 39.95 24.42 -12.06
C ILE A 479 39.40 23.12 -11.46
N LYS A 480 39.99 22.68 -10.35
CA LYS A 480 39.56 21.47 -9.65
C LYS A 480 38.45 21.81 -8.66
N GLY A 481 37.26 21.22 -8.84
CA GLY A 481 36.13 21.43 -7.93
C GLY A 481 34.90 22.02 -8.61
N ASN A 482 33.92 22.37 -7.78
CA ASN A 482 32.67 23.00 -8.24
C ASN A 482 32.38 24.27 -7.43
N ALA A 483 31.85 25.29 -8.10
CA ALA A 483 31.33 26.48 -7.44
C ALA A 483 30.04 26.17 -6.67
N THR A 484 29.28 25.20 -7.15
CA THR A 484 28.03 24.73 -6.50
C THR A 484 28.19 24.29 -5.03
N ASN A 485 29.34 23.68 -4.70
CA ASN A 485 29.57 23.14 -3.35
C ASN A 485 30.06 24.17 -2.30
N ILE A 486 30.33 25.41 -2.71
CA ILE A 486 30.91 26.43 -1.81
C ILE A 486 29.91 26.97 -0.78
N ASN A 487 30.43 27.47 0.34
CA ASN A 487 29.63 28.12 1.39
C ASN A 487 29.82 29.64 1.37
N ILE A 488 28.71 30.37 1.52
CA ILE A 488 28.75 31.84 1.63
C ILE A 488 28.75 32.21 3.12
N ILE A 489 29.66 33.10 3.51
CA ILE A 489 29.84 33.53 4.90
C ILE A 489 30.08 35.03 5.00
N SER B 4 -0.41 39.60 -2.25
CA SER B 4 -0.02 38.34 -1.55
C SER B 4 -1.06 37.91 -0.51
N MET B 5 -1.07 36.61 -0.18
CA MET B 5 -1.93 36.04 0.86
C MET B 5 -1.07 35.47 1.99
N GLU B 6 -0.61 36.37 2.85
CA GLU B 6 0.19 36.02 4.02
C GLU B 6 -0.76 35.74 5.18
N ASN B 7 -0.26 35.03 6.18
CA ASN B 7 -0.95 34.90 7.46
C ASN B 7 -0.51 36.05 8.35
N LYS B 8 -1.41 37.00 8.58
CA LYS B 8 -1.08 38.19 9.33
C LYS B 8 -1.26 38.05 10.83
N ILE B 9 -1.86 36.94 11.30
CA ILE B 9 -1.96 36.67 12.73
C ILE B 9 -0.66 35.95 13.14
N VAL B 10 0.40 36.74 13.28
CA VAL B 10 1.75 36.22 13.52
C VAL B 10 1.96 35.93 15.00
N ALA B 11 2.05 34.65 15.37
CA ALA B 11 2.21 34.26 16.78
C ALA B 11 2.63 32.79 16.90
N SER B 12 3.81 32.55 17.50
CA SER B 12 4.32 31.19 17.74
C SER B 12 4.23 30.72 19.21
N THR B 13 3.75 31.60 20.10
CA THR B 13 3.53 31.26 21.51
C THR B 13 2.20 31.81 22.00
N LYS B 14 1.82 31.41 23.21
CA LYS B 14 0.67 31.95 23.92
C LYS B 14 0.83 33.46 24.18
N GLU B 15 2.03 33.85 24.59
CA GLU B 15 2.32 35.20 25.06
C GLU B 15 2.40 36.19 23.90
N GLU B 16 2.94 35.72 22.77
CA GLU B 16 2.95 36.48 21.50
C GLU B 16 1.54 36.69 20.96
N PHE B 17 0.73 35.62 21.00
CA PHE B 17 -0.65 35.69 20.56
C PHE B 17 -1.48 36.64 21.41
N ASN B 18 -1.33 36.58 22.73
CA ASN B 18 -2.02 37.51 23.64
C ASN B 18 -1.72 38.97 23.30
N THR B 19 -0.45 39.27 23.04
CA THR B 19 -0.02 40.59 22.59
C THR B 19 -0.78 41.01 21.32
N TRP B 20 -0.94 40.07 20.39
CA TRP B 20 -1.73 40.32 19.19
C TRP B 20 -3.22 40.51 19.51
N TYR B 21 -3.79 39.62 20.31
CA TYR B 21 -5.22 39.66 20.60
C TYR B 21 -5.63 40.88 21.41
N LYS B 22 -4.86 41.21 22.45
CA LYS B 22 -5.17 42.38 23.27
C LYS B 22 -5.18 43.68 22.45
N GLN B 23 -4.26 43.76 21.49
CA GLN B 23 -4.17 44.86 20.52
C GLN B 23 -5.32 44.84 19.50
N PHE B 24 -5.64 43.66 18.96
CA PHE B 24 -6.76 43.50 18.03
C PHE B 24 -8.10 43.79 18.70
N ALA B 25 -8.30 43.19 19.89
CA ALA B 25 -9.56 43.30 20.62
C ALA B 25 -9.92 44.74 21.01
N GLU B 26 -8.95 45.47 21.54
CA GLU B 26 -9.15 46.86 21.94
C GLU B 26 -9.31 47.83 20.76
N LYS B 27 -8.81 47.45 19.58
CA LYS B 27 -9.05 48.22 18.35
C LYS B 27 -10.50 48.09 17.86
N HIS B 28 -11.07 46.89 18.00
CA HIS B 28 -12.43 46.60 17.51
C HIS B 28 -13.53 46.66 18.58
N LYS B 29 -13.17 46.97 19.81
CA LYS B 29 -14.13 47.09 20.93
C LYS B 29 -14.94 45.79 21.09
N LEU B 30 -14.23 44.68 21.21
CA LEU B 30 -14.87 43.38 21.39
C LEU B 30 -15.60 43.33 22.74
N ASN B 31 -16.69 42.57 22.76
CA ASN B 31 -17.74 42.68 23.75
C ASN B 31 -18.21 41.31 24.26
N ASN B 32 -17.90 41.01 25.52
CA ASN B 32 -18.35 39.76 26.15
C ASN B 32 -19.64 39.92 26.99
N LYS B 33 -20.56 40.79 26.55
CA LYS B 33 -21.82 41.05 27.25
C LYS B 33 -22.79 39.91 27.01
N TYR B 34 -22.95 39.54 25.74
CA TYR B 34 -23.85 38.48 25.32
C TYR B 34 -23.15 37.15 24.97
N THR B 35 -21.82 37.17 24.85
CA THR B 35 -21.07 35.98 24.44
C THR B 35 -19.98 35.59 25.43
N GLU B 36 -19.58 34.33 25.34
CA GLU B 36 -18.76 33.66 26.31
C GLU B 36 -17.31 34.13 26.14
N SER B 37 -16.81 34.03 24.91
CA SER B 37 -15.56 34.67 24.49
C SER B 37 -15.92 36.01 23.85
N ALA B 38 -14.98 36.96 23.86
CA ALA B 38 -15.26 38.31 23.35
C ALA B 38 -15.46 38.29 21.84
N SER B 39 -16.51 38.96 21.37
CA SER B 39 -16.97 38.90 19.98
C SER B 39 -17.46 40.27 19.50
N PHE B 40 -18.02 40.32 18.29
CA PHE B 40 -18.61 41.54 17.73
C PHE B 40 -20.09 41.72 18.07
N CYS B 41 -20.67 40.82 18.85
CA CYS B 41 -22.09 40.84 19.15
C CYS B 41 -22.51 42.04 20.00
N ALA B 42 -23.29 42.93 19.40
CA ALA B 42 -23.87 44.09 20.08
C ALA B 42 -25.24 43.79 20.70
N GLU B 43 -26.03 42.92 20.06
CA GLU B 43 -27.36 42.55 20.54
C GLU B 43 -27.73 41.13 20.10
N ILE B 44 -28.75 40.55 20.75
CA ILE B 44 -29.21 39.19 20.41
C ILE B 44 -30.09 39.27 19.17
N PRO B 45 -29.74 38.54 18.09
CA PRO B 45 -30.61 38.56 16.90
C PRO B 45 -32.03 38.07 17.19
N GLN B 46 -33.01 38.67 16.51
CA GLN B 46 -34.41 38.26 16.60
C GLN B 46 -34.79 37.50 15.34
N LEU B 47 -34.87 36.17 15.46
CA LEU B 47 -35.03 35.28 14.32
C LEU B 47 -36.48 34.88 14.01
N ASP B 48 -37.45 35.42 14.76
CA ASP B 48 -38.86 35.08 14.54
C ASP B 48 -39.37 35.46 13.15
N THR B 49 -38.82 36.54 12.60
CA THR B 49 -39.10 36.94 11.20
C THR B 49 -38.82 35.83 10.17
N TYR B 50 -37.78 35.03 10.39
CA TYR B 50 -37.40 33.95 9.45
C TYR B 50 -38.30 32.74 9.62
N LYS B 51 -38.74 32.49 10.86
CA LYS B 51 -39.71 31.44 11.14
C LYS B 51 -41.04 31.65 10.39
N TYR B 52 -41.53 32.90 10.39
CA TYR B 52 -42.80 33.22 9.73
C TYR B 52 -42.66 33.20 8.22
N LYS B 53 -41.49 33.62 7.71
CA LYS B 53 -41.16 33.46 6.29
C LYS B 53 -41.22 32.00 5.89
N MET B 54 -40.56 31.16 6.67
CA MET B 54 -40.47 29.73 6.40
C MET B 54 -41.83 29.05 6.26
N GLU B 55 -42.77 29.42 7.13
CA GLU B 55 -44.12 28.85 7.09
C GLU B 55 -44.89 29.19 5.80
N LEU B 56 -44.60 30.36 5.22
CA LEU B 56 -45.23 30.83 3.98
C LEU B 56 -44.49 30.44 2.70
N ALA B 57 -43.24 30.02 2.80
CA ALA B 57 -42.47 29.57 1.63
C ALA B 57 -43.10 28.34 1.01
N SER B 58 -43.08 28.26 -0.33
CA SER B 58 -43.68 27.14 -1.07
C SER B 58 -42.70 26.24 -1.84
N THR B 59 -41.43 26.64 -1.95
CA THR B 59 -40.42 25.90 -2.72
C THR B 59 -39.17 25.65 -1.88
N ASP B 60 -38.45 24.55 -2.17
CA ASP B 60 -37.28 24.15 -1.37
C ASP B 60 -36.11 25.13 -1.43
N ASN B 61 -35.86 25.71 -2.61
CA ASN B 61 -34.79 26.70 -2.75
C ASN B 61 -35.02 27.91 -1.82
N GLU B 62 -36.27 28.32 -1.67
CA GLU B 62 -36.63 29.43 -0.78
C GLU B 62 -36.47 29.03 0.69
N ARG B 63 -36.84 27.79 1.01
CA ARG B 63 -36.65 27.28 2.36
C ARG B 63 -35.16 27.25 2.71
N ASP B 64 -34.36 26.78 1.77
CA ASP B 64 -32.90 26.78 1.93
C ASP B 64 -32.36 28.22 2.08
N ALA B 65 -32.90 29.15 1.32
CA ALA B 65 -32.52 30.57 1.41
C ALA B 65 -32.82 31.17 2.79
N ILE B 66 -34.03 30.89 3.30
CA ILE B 66 -34.49 31.43 4.58
C ILE B 66 -33.67 30.86 5.74
N TYR B 67 -33.42 29.55 5.72
CA TYR B 67 -32.72 28.89 6.83
C TYR B 67 -31.26 29.30 6.90
N SER B 68 -30.59 29.32 5.75
CA SER B 68 -29.19 29.74 5.69
C SER B 68 -29.01 31.22 6.04
N SER B 69 -29.94 32.07 5.63
CA SER B 69 -29.97 33.47 6.02
C SER B 69 -30.13 33.62 7.53
N ALA B 70 -31.02 32.83 8.10
CA ALA B 70 -31.24 32.83 9.54
C ALA B 70 -29.97 32.44 10.29
N LEU B 71 -29.25 31.43 9.79
CA LEU B 71 -27.98 31.02 10.40
C LEU B 71 -26.91 32.11 10.31
N ILE B 72 -26.84 32.83 9.19
CA ILE B 72 -25.85 33.92 9.03
C ILE B 72 -26.16 35.04 10.02
N GLU B 73 -27.43 35.41 10.10
CA GLU B 73 -27.90 36.43 11.04
C GLU B 73 -27.67 36.00 12.51
N ALA B 74 -27.93 34.74 12.80
CA ALA B 74 -27.73 34.20 14.15
C ALA B 74 -26.27 34.19 14.59
N THR B 75 -25.35 33.99 13.66
CA THR B 75 -23.95 33.75 13.98
C THR B 75 -22.89 34.75 13.48
N ARG B 76 -23.16 35.54 12.44
CA ARG B 76 -22.10 36.35 11.82
C ARG B 76 -21.29 37.22 12.78
N PHE B 77 -21.95 37.76 13.82
CA PHE B 77 -21.30 38.66 14.80
C PHE B 77 -21.01 38.05 16.19
N CYS B 78 -21.11 36.72 16.35
CA CYS B 78 -20.93 36.12 17.69
C CYS B 78 -19.82 35.06 17.79
N ALA B 79 -18.96 34.96 16.77
CA ALA B 79 -17.87 33.98 16.80
C ALA B 79 -16.84 34.34 17.89
N PRO B 80 -16.24 33.32 18.55
CA PRO B 80 -15.24 33.55 19.60
C PRO B 80 -13.89 33.94 18.99
N ILE B 81 -13.65 35.24 18.86
CA ILE B 81 -12.50 35.76 18.09
C ILE B 81 -11.18 35.23 18.66
N MET B 82 -11.02 35.24 19.98
CA MET B 82 -9.77 34.79 20.61
C MET B 82 -9.37 33.36 20.20
N GLU B 83 -10.32 32.44 20.23
CA GLU B 83 -10.01 31.04 19.96
C GLU B 83 -9.94 30.78 18.45
N CYS B 84 -10.83 31.42 17.69
CA CYS B 84 -10.76 31.39 16.21
C CYS B 84 -9.41 31.90 15.70
N ALA B 85 -8.96 33.01 16.26
CA ALA B 85 -7.67 33.59 15.91
C ALA B 85 -6.52 32.67 16.32
N TRP B 86 -6.62 32.09 17.51
CA TRP B 86 -5.59 31.18 18.03
C TRP B 86 -5.48 29.94 17.17
N ALA B 87 -6.62 29.34 16.84
CA ALA B 87 -6.65 28.15 15.98
C ALA B 87 -6.17 28.43 14.55
N SER B 88 -6.24 29.69 14.12
CA SER B 88 -5.78 30.13 12.80
C SER B 88 -4.39 30.82 12.75
N CYS B 89 -3.70 30.96 13.89
CA CYS B 89 -2.40 31.69 13.90
C CYS B 89 -1.25 30.84 13.38
N THR B 90 -0.20 31.52 12.91
CA THR B 90 0.97 30.91 12.26
C THR B 90 1.61 29.77 13.07
N GLY B 91 1.76 29.99 14.37
CA GLY B 91 2.28 28.97 15.28
C GLY B 91 1.41 27.73 15.35
N THR B 92 0.14 27.92 15.68
CA THR B 92 -0.81 26.83 15.77
C THR B 92 -1.02 26.13 14.41
N VAL B 93 -0.92 26.88 13.31
CA VAL B 93 -1.02 26.28 11.97
C VAL B 93 0.19 25.42 11.64
N LYS B 94 1.40 25.89 11.96
CA LYS B 94 2.61 25.14 11.62
C LYS B 94 2.69 23.84 12.43
N ARG B 95 2.49 23.95 13.74
CA ARG B 95 2.52 22.80 14.63
C ARG B 95 1.35 21.84 14.40
N GLY B 96 0.19 22.40 14.06
CA GLY B 96 -1.03 21.62 13.86
C GLY B 96 -1.03 20.75 12.63
N LEU B 97 -0.44 21.23 11.54
CA LEU B 97 -0.25 20.43 10.34
C LEU B 97 0.93 19.49 10.48
N GLU B 98 2.05 19.98 11.00
CA GLU B 98 3.26 19.14 11.22
C GLU B 98 3.00 17.90 12.04
N TRP B 99 2.18 18.03 13.08
CA TRP B 99 1.86 16.91 13.98
C TRP B 99 1.45 15.66 13.22
N PHE B 100 0.73 15.80 12.12
CA PHE B 100 0.27 14.65 11.32
C PHE B 100 1.41 13.98 10.56
N ASP B 101 2.36 14.76 10.04
CA ASP B 101 3.57 14.18 9.45
C ASP B 101 4.31 13.35 10.50
N LYS B 102 4.46 13.92 11.69
CA LYS B 102 5.16 13.27 12.81
C LYS B 102 4.43 12.01 13.35
N ASN B 103 3.10 11.98 13.29
CA ASN B 103 2.28 10.92 13.91
C ASN B 103 1.33 10.13 13.00
N LYS B 104 1.50 10.19 11.67
CA LYS B 104 0.60 9.41 10.77
C LYS B 104 0.77 7.90 10.92
N ASP B 105 1.94 7.46 11.38
CA ASP B 105 2.25 6.04 11.52
C ASP B 105 1.99 5.44 12.90
N SER B 106 1.59 6.26 13.87
CA SER B 106 1.28 5.74 15.21
C SER B 106 -0.01 4.91 15.21
N ASP B 107 -0.15 4.05 16.22
CA ASP B 107 -1.36 3.22 16.38
C ASP B 107 -2.66 4.03 16.42
N THR B 108 -2.62 5.19 17.08
CA THR B 108 -3.82 6.00 17.29
C THR B 108 -4.37 6.69 16.04
N VAL B 109 -3.51 6.90 15.04
CA VAL B 109 -3.87 7.61 13.81
C VAL B 109 -4.15 6.66 12.63
N LYS B 110 -3.21 5.74 12.40
CA LYS B 110 -3.19 4.90 11.20
C LYS B 110 -4.49 4.11 10.92
N VAL B 111 -5.13 3.61 11.97
CA VAL B 111 -6.28 2.72 11.80
C VAL B 111 -7.48 3.41 11.12
N TRP B 112 -7.55 4.74 11.21
CA TRP B 112 -8.55 5.54 10.47
C TRP B 112 -7.96 6.23 9.24
N ASP B 113 -6.83 6.93 9.39
CA ASP B 113 -6.23 7.64 8.26
C ASP B 113 -5.91 6.71 7.08
N ALA B 114 -5.25 5.59 7.35
CA ALA B 114 -4.94 4.61 6.30
C ALA B 114 -6.20 3.92 5.73
N ASN B 115 -7.31 3.95 6.46
CA ASN B 115 -8.60 3.46 5.96
C ASN B 115 -9.55 4.57 5.52
N TYR B 116 -9.04 5.76 5.20
CA TYR B 116 -9.91 6.87 4.86
C TYR B 116 -10.96 6.52 3.79
N GLN B 117 -10.51 5.93 2.68
CA GLN B 117 -11.41 5.53 1.59
C GLN B 117 -12.50 4.53 2.03
N LYS B 118 -12.14 3.59 2.90
CA LYS B 118 -13.11 2.62 3.44
C LYS B 118 -14.15 3.32 4.32
N LEU B 119 -13.70 4.28 5.12
CA LEU B 119 -14.59 5.00 6.03
C LEU B 119 -15.46 6.07 5.33
N ARG B 120 -15.32 6.21 4.01
CA ARG B 120 -16.27 7.00 3.22
C ARG B 120 -17.54 6.21 2.88
N THR B 121 -17.47 4.89 2.97
CA THR B 121 -18.57 3.98 2.65
C THR B 121 -19.09 3.22 3.86
N GLU B 122 -18.17 2.60 4.60
CA GLU B 122 -18.47 1.71 5.73
C GLU B 122 -18.40 2.46 7.06
N THR B 123 -19.09 1.92 8.07
CA THR B 123 -18.98 2.43 9.44
C THR B 123 -17.67 1.92 10.03
N PRO B 124 -17.06 2.69 10.95
CA PRO B 124 -15.78 2.26 11.48
C PRO B 124 -15.96 1.19 12.54
N PRO B 125 -14.91 0.37 12.76
CA PRO B 125 -14.89 -0.47 13.97
C PRO B 125 -14.67 0.39 15.21
N ALA B 126 -15.14 -0.10 16.36
CA ALA B 126 -15.06 0.60 17.64
C ALA B 126 -13.64 1.01 18.02
N GLU B 127 -12.67 0.13 17.76
CA GLU B 127 -11.27 0.41 18.11
CA GLU B 127 -11.25 0.40 18.08
C GLU B 127 -10.70 1.60 17.30
N ALA B 128 -11.26 1.83 16.11
CA ALA B 128 -10.90 3.00 15.28
C ALA B 128 -11.47 4.32 15.82
N LEU B 129 -12.63 4.25 16.48
CA LEU B 129 -13.21 5.41 17.17
C LEU B 129 -12.36 5.80 18.38
N LEU B 130 -12.03 4.81 19.22
CA LEU B 130 -11.15 5.03 20.38
C LEU B 130 -9.78 5.58 20.00
N ALA B 131 -9.24 5.07 18.89
CA ALA B 131 -8.00 5.61 18.34
C ALA B 131 -8.14 7.12 18.10
N TYR B 132 -9.15 7.51 17.31
CA TYR B 132 -9.36 8.91 16.91
C TYR B 132 -9.51 9.84 18.11
N GLN B 133 -10.27 9.40 19.10
CA GLN B 133 -10.50 10.21 20.28
C GLN B 133 -9.20 10.45 21.04
N LYS B 134 -8.36 9.41 21.15
CA LYS B 134 -7.06 9.54 21.79
C LYS B 134 -6.09 10.37 20.98
N ALA B 135 -6.17 10.28 19.66
CA ALA B 135 -5.33 11.09 18.78
C ALA B 135 -5.63 12.57 18.97
N ALA B 136 -6.92 12.90 19.05
CA ALA B 136 -7.34 14.27 19.30
C ALA B 136 -6.75 14.82 20.59
N LEU B 137 -6.79 14.02 21.65
CA LEU B 137 -6.21 14.39 22.93
C LEU B 137 -4.70 14.54 22.88
N ASN B 138 -4.01 13.63 22.18
CA ASN B 138 -2.56 13.75 21.98
C ASN B 138 -2.17 14.99 21.19
N TRP B 139 -2.88 15.23 20.08
CA TRP B 139 -2.68 16.43 19.26
C TRP B 139 -2.75 17.71 20.11
N ARG B 140 -3.84 17.84 20.87
CA ARG B 140 -4.05 19.03 21.71
C ARG B 140 -2.91 19.25 22.71
N LYS B 141 -2.46 18.15 23.31
CA LYS B 141 -1.32 18.17 24.21
C LYS B 141 -0.04 18.58 23.48
N ASP B 142 0.26 17.88 22.39
CA ASP B 142 1.53 18.05 21.69
C ASP B 142 1.64 19.39 20.95
N VAL B 143 0.51 19.95 20.53
CA VAL B 143 0.50 21.23 19.80
C VAL B 143 0.41 22.43 20.76
N GLY B 144 0.20 22.17 22.06
CA GLY B 144 0.03 23.23 23.05
C GLY B 144 -1.23 24.02 22.77
N PHE B 145 -2.28 23.34 22.35
CA PHE B 145 -3.49 24.00 21.89
C PHE B 145 -4.24 24.74 23.00
N SER B 146 -4.21 24.23 24.22
CA SER B 146 -4.93 24.86 25.32
C SER B 146 -4.26 26.15 25.79
N ILE B 147 -4.99 27.28 25.68
CA ILE B 147 -4.58 28.55 26.29
C ILE B 147 -5.65 29.12 27.23
N GLY B 148 -6.64 28.32 27.62
CA GLY B 148 -7.73 28.79 28.47
C GLY B 148 -8.89 27.82 28.55
N GLU B 149 -9.94 28.22 29.27
CA GLU B 149 -11.11 27.37 29.48
C GLU B 149 -11.73 26.93 28.16
N TYR B 150 -11.76 27.82 27.17
CA TYR B 150 -12.45 27.57 25.90
C TYR B 150 -11.61 26.82 24.84
N THR B 151 -10.40 26.40 25.18
CA THR B 151 -9.58 25.54 24.31
C THR B 151 -9.06 24.30 25.05
N SER B 152 -9.80 23.83 26.05
CA SER B 152 -9.34 22.77 26.94
C SER B 152 -10.18 21.50 26.79
N ILE B 153 -9.72 20.42 27.43
CA ILE B 153 -10.44 19.15 27.47
C ILE B 153 -11.40 19.23 28.63
N LEU B 154 -12.71 19.16 28.36
CA LEU B 154 -13.70 19.14 29.42
C LEU B 154 -13.81 17.74 30.04
N LYS B 155 -13.75 17.68 31.36
N LYS B 155 -13.54 17.64 31.33
CA LYS B 155 -13.93 16.45 32.15
CA LYS B 155 -13.97 16.49 32.12
C LYS B 155 -15.06 16.55 33.20
C LYS B 155 -15.11 17.09 32.90
N LYS B 156 -15.84 17.63 33.18
N LYS B 156 -15.55 16.44 33.95
CA LYS B 156 -16.86 17.86 34.22
CA LYS B 156 -16.52 17.08 34.79
C LYS B 156 -18.03 16.89 34.13
C LYS B 156 -17.92 16.82 34.26
N ALA B 157 -18.87 16.85 35.18
CA ALA B 157 -20.16 16.18 35.07
C ALA B 157 -21.19 16.97 34.24
N VAL B 158 -22.10 16.25 33.60
CA VAL B 158 -23.30 16.88 33.00
C VAL B 158 -24.22 17.23 34.14
N ALA B 159 -24.73 18.46 34.15
CA ALA B 159 -25.55 18.96 35.26
C ALA B 159 -26.92 18.27 35.33
N ALA B 160 -27.52 18.30 36.52
CA ALA B 160 -28.86 17.72 36.71
C ALA B 160 -29.95 18.54 36.01
N GLU B 161 -29.77 19.86 35.98
CA GLU B 161 -30.75 20.77 35.37
C GLU B 161 -30.11 21.71 34.37
N TYR B 162 -30.96 22.34 33.56
CA TYR B 162 -30.54 23.31 32.53
C TYR B 162 -31.65 24.35 32.43
N LYS B 163 -31.31 25.59 32.82
CA LYS B 163 -32.28 26.66 33.02
C LYS B 163 -32.45 27.45 31.74
N VAL B 164 -33.67 27.47 31.20
CA VAL B 164 -34.02 28.27 30.02
C VAL B 164 -35.18 29.21 30.33
N PRO B 165 -35.42 30.24 29.49
CA PRO B 165 -36.56 31.13 29.72
C PRO B 165 -37.90 30.45 29.46
N GLY B 166 -38.93 30.90 30.15
CA GLY B 166 -40.28 30.40 29.95
C GLY B 166 -40.78 30.60 28.54
N THR B 167 -40.31 31.67 27.88
CA THR B 167 -40.66 31.96 26.47
C THR B 167 -40.33 30.83 25.50
N VAL B 168 -39.31 30.02 25.81
CA VAL B 168 -38.87 28.93 24.92
C VAL B 168 -38.94 27.51 25.51
N ILE B 169 -39.34 27.36 26.77
CA ILE B 169 -39.22 26.07 27.46
C ILE B 169 -40.03 24.91 26.83
N ASN B 170 -41.24 25.18 26.34
CA ASN B 170 -42.02 24.14 25.63
C ASN B 170 -41.26 23.62 24.43
N ASN B 171 -40.63 24.55 23.72
CA ASN B 171 -39.84 24.24 22.54
C ASN B 171 -38.54 23.49 22.83
N ILE B 172 -37.83 23.85 23.91
CA ILE B 172 -36.62 23.11 24.34
C ILE B 172 -36.94 21.68 24.82
N LYS B 173 -38.07 21.51 25.52
CA LYS B 173 -38.55 20.19 25.92
C LYS B 173 -38.92 19.29 24.73
N GLU B 174 -39.44 19.90 23.65
CA GLU B 174 -39.82 19.17 22.44
C GLU B 174 -38.59 18.63 21.71
N MET B 175 -37.52 19.43 21.72
CA MET B 175 -36.22 19.05 21.18
C MET B 175 -35.62 17.90 21.99
N LEU B 176 -35.53 18.09 23.30
CA LEU B 176 -35.00 17.05 24.20
C LEU B 176 -35.79 15.77 24.06
N SER B 177 -37.12 15.89 24.06
CA SER B 177 -38.00 14.75 23.85
C SER B 177 -37.60 14.01 22.59
N ASP B 178 -37.44 14.73 21.47
CA ASP B 178 -36.99 14.11 20.22
C ASP B 178 -35.60 13.50 20.34
N MET B 179 -34.68 14.19 21.01
CA MET B 179 -33.34 13.66 21.26
C MET B 179 -33.34 12.36 22.10
N ILE B 180 -34.27 12.24 23.06
CA ILE B 180 -34.42 10.99 23.84
C ILE B 180 -34.92 9.87 22.93
N ARG B 181 -35.94 10.18 22.13
CA ARG B 181 -36.56 9.22 21.19
C ARG B 181 -35.58 8.73 20.15
N ARG B 182 -34.70 9.62 19.67
CA ARG B 182 -33.65 9.26 18.72
C ARG B 182 -32.64 8.31 19.32
N ARG B 183 -32.25 8.56 20.57
CA ARG B 183 -31.30 7.71 21.29
C ARG B 183 -31.88 6.31 21.55
N ASN B 184 -33.17 6.24 21.84
CA ASN B 184 -33.84 4.95 22.05
C ASN B 184 -33.88 4.07 20.79
N ARG B 185 -33.85 4.67 19.60
CA ARG B 185 -33.75 3.89 18.37
C ARG B 185 -32.32 3.42 18.11
N ILE B 186 -31.32 4.19 18.52
CA ILE B 186 -29.92 3.77 18.45
C ILE B 186 -29.71 2.47 19.26
N ILE B 187 -30.26 2.43 20.48
CA ILE B 187 -30.23 1.22 21.31
C ILE B 187 -31.11 0.06 20.78
N ASN B 188 -32.18 0.42 20.06
N ASN B 188 -32.25 0.37 20.15
CA ASN B 188 -33.08 -0.47 19.27
CA ASN B 188 -33.15 -0.64 19.57
C ASN B 188 -34.28 -0.98 20.06
C ASN B 188 -33.11 -0.63 18.03
N GLY B 189 -35.46 -0.97 19.42
N GLY B 189 -34.27 -0.55 17.40
CA GLY B 189 -35.58 -0.56 18.02
CA GLY B 189 -35.55 -0.48 18.12
C GLY B 189 -36.36 0.73 17.74
C GLY B 189 -36.39 0.71 17.71
N GLY B 190 -37.53 0.88 18.40
CA GLY B 190 -38.43 2.03 18.17
C GLY B 190 -38.92 2.61 19.49
N VAL B 200 -35.07 -9.29 36.64
CA VAL B 200 -33.97 -9.87 37.42
C VAL B 200 -32.91 -8.84 37.79
N GLY B 201 -32.51 -8.01 36.81
CA GLY B 201 -31.40 -7.08 36.96
C GLY B 201 -31.82 -5.64 37.18
N ARG B 202 -32.50 -5.39 38.29
CA ARG B 202 -32.76 -4.02 38.79
C ARG B 202 -32.08 -3.81 40.15
N GLU B 203 -32.20 -4.78 41.06
CA GLU B 203 -31.37 -4.80 42.27
C GLU B 203 -29.89 -5.04 41.92
N HIS B 204 -29.65 -5.77 40.84
CA HIS B 204 -28.29 -5.98 40.33
C HIS B 204 -27.66 -4.67 39.86
N LEU B 205 -28.44 -3.83 39.17
CA LEU B 205 -27.96 -2.50 38.75
C LEU B 205 -27.64 -1.59 39.93
N ASP B 206 -28.57 -1.47 40.88
CA ASP B 206 -28.35 -0.65 42.08
C ASP B 206 -27.10 -1.10 42.83
N TRP B 207 -26.94 -2.42 42.98
CA TRP B 207 -25.73 -3.00 43.59
C TRP B 207 -24.47 -2.67 42.80
N CYS B 208 -24.53 -2.83 41.47
CA CYS B 208 -23.41 -2.46 40.59
C CYS B 208 -23.05 -0.98 40.69
N ARG B 209 -24.08 -0.13 40.78
CA ARG B 209 -23.89 1.31 40.94
C ARG B 209 -23.26 1.63 42.30
N GLU B 210 -23.80 1.02 43.36
CA GLU B 210 -23.24 1.13 44.72
CA GLU B 210 -23.23 1.19 44.70
C GLU B 210 -21.77 0.72 44.74
N PHE B 211 -21.49 -0.43 44.12
CA PHE B 211 -20.12 -0.96 44.06
C PHE B 211 -19.18 -0.07 43.24
N ALA B 212 -19.63 0.35 42.06
CA ALA B 212 -18.86 1.26 41.23
C ALA B 212 -18.63 2.62 41.92
N SER B 213 -19.63 3.09 42.68
CA SER B 213 -19.52 4.36 43.41
C SER B 213 -18.53 4.36 44.58
N GLY B 214 -17.98 3.18 44.94
CA GLY B 214 -16.90 3.09 45.94
C GLY B 214 -17.16 2.20 47.15
N LYS B 215 -18.37 1.66 47.28
CA LYS B 215 -18.68 0.72 48.38
C LYS B 215 -18.12 -0.66 48.04
N PHE B 216 -16.79 -0.77 48.09
CA PHE B 216 -16.05 -1.91 47.53
C PHE B 216 -16.12 -3.21 48.34
N LEU B 217 -16.39 -3.11 49.64
CA LEU B 217 -16.59 -4.30 50.49
C LEU B 217 -17.86 -5.09 50.14
N ASN B 218 -18.78 -4.48 49.38
CA ASN B 218 -19.89 -5.21 48.76
C ASN B 218 -19.43 -6.43 47.96
N ALA B 219 -18.29 -6.30 47.27
CA ALA B 219 -17.69 -7.42 46.49
C ALA B 219 -17.56 -8.75 47.25
N PHE B 220 -17.34 -8.68 48.57
CA PHE B 220 -17.26 -9.89 49.41
C PHE B 220 -18.61 -10.57 49.67
N ASN B 221 -19.73 -9.96 49.29
CA ASN B 221 -21.05 -10.53 49.55
C ASN B 221 -22.12 -10.12 48.49
N PRO B 222 -21.88 -10.48 47.21
CA PRO B 222 -22.82 -10.08 46.16
C PRO B 222 -24.17 -10.82 46.26
N PRO B 223 -25.29 -10.13 45.99
CA PRO B 223 -26.64 -10.70 46.21
C PRO B 223 -27.02 -11.91 45.34
N TRP B 224 -26.34 -12.07 44.20
CA TRP B 224 -26.55 -13.23 43.31
C TRP B 224 -25.78 -14.48 43.70
N GLY B 225 -24.76 -14.33 44.55
CA GLY B 225 -23.87 -15.44 44.91
C GLY B 225 -22.44 -15.02 44.71
N GLU B 226 -21.60 -15.94 44.25
CA GLU B 226 -20.19 -15.62 43.98
C GLU B 226 -20.01 -14.49 42.94
N ILE B 227 -18.98 -13.69 43.14
CA ILE B 227 -18.75 -12.43 42.39
C ILE B 227 -18.78 -12.56 40.86
N ASN B 228 -18.27 -13.67 40.33
CA ASN B 228 -18.17 -13.89 38.88
C ASN B 228 -19.26 -14.78 38.28
N LYS B 229 -20.36 -14.96 38.98
CA LYS B 229 -21.44 -15.83 38.52
C LYS B 229 -21.98 -15.34 37.17
N ALA B 230 -22.15 -16.26 36.23
CA ALA B 230 -22.70 -15.95 34.91
C ALA B 230 -24.22 -16.00 34.93
N GLY B 231 -24.84 -15.25 34.01
CA GLY B 231 -26.29 -15.29 33.81
C GLY B 231 -26.66 -16.23 32.68
N LYS B 232 -27.88 -16.07 32.17
CA LYS B 232 -28.36 -16.84 31.02
C LYS B 232 -27.51 -16.64 29.77
N SER B 233 -26.99 -15.42 29.59
CA SER B 233 -26.09 -15.10 28.49
C SER B 233 -24.77 -15.87 28.53
N GLY B 234 -24.30 -16.20 29.74
CA GLY B 234 -22.99 -16.82 29.93
C GLY B 234 -21.90 -15.82 30.33
N TYR B 235 -22.20 -14.52 30.22
CA TYR B 235 -21.30 -13.47 30.69
C TYR B 235 -21.57 -13.19 32.17
N PRO B 236 -20.53 -12.80 32.94
CA PRO B 236 -20.72 -12.43 34.34
C PRO B 236 -21.79 -11.34 34.54
N LEU B 237 -22.55 -11.46 35.63
CA LEU B 237 -23.60 -10.49 35.97
C LEU B 237 -23.05 -9.11 36.31
N LEU B 238 -21.85 -9.08 36.90
CA LEU B 238 -21.14 -7.82 37.14
C LEU B 238 -20.82 -7.10 35.83
N ALA B 239 -20.34 -7.85 34.84
CA ALA B 239 -19.97 -7.29 33.52
C ALA B 239 -21.19 -6.80 32.74
N THR B 240 -22.24 -7.62 32.72
CA THR B 240 -23.52 -7.26 32.15
C THR B 240 -24.16 -6.07 32.85
N GLY B 241 -24.04 -6.04 34.18
CA GLY B 241 -24.58 -4.94 34.99
C GLY B 241 -23.88 -3.62 34.74
N LEU B 242 -22.55 -3.65 34.68
CA LEU B 242 -21.76 -2.46 34.36
C LEU B 242 -21.98 -2.00 32.91
N ALA B 243 -22.05 -2.95 31.98
CA ALA B 243 -22.31 -2.63 30.57
C ALA B 243 -23.66 -1.94 30.36
N LYS B 244 -24.68 -2.34 31.11
CA LYS B 244 -25.98 -1.68 31.04
C LYS B 244 -25.99 -0.33 31.75
N LEU B 245 -25.18 -0.19 32.80
CA LEU B 245 -24.96 1.12 33.46
C LEU B 245 -24.26 2.12 32.53
N VAL B 246 -23.38 1.63 31.65
CA VAL B 246 -22.76 2.49 30.63
C VAL B 246 -23.84 3.07 29.70
N GLU B 247 -24.76 2.23 29.22
CA GLU B 247 -25.86 2.71 28.37
C GLU B 247 -26.81 3.69 29.07
N LEU B 248 -27.05 3.49 30.36
CA LEU B 248 -28.01 4.31 31.09
C LEU B 248 -27.42 5.64 31.55
N GLU B 249 -26.30 5.59 32.27
CA GLU B 249 -25.67 6.79 32.83
C GLU B 249 -24.46 7.33 32.05
N GLY B 250 -23.81 6.48 31.25
CA GLY B 250 -22.62 6.88 30.50
C GLY B 250 -21.39 6.11 30.94
N LYS B 251 -20.35 6.14 30.11
CA LYS B 251 -19.09 5.41 30.36
C LYS B 251 -18.26 5.89 31.57
N ASP B 252 -18.70 6.94 32.27
CA ASP B 252 -18.09 7.36 33.52
C ASP B 252 -18.16 6.30 34.63
N VAL B 253 -19.19 5.45 34.60
CA VAL B 253 -19.32 4.34 35.55
C VAL B 253 -18.12 3.39 35.49
N MET B 254 -17.53 3.22 34.31
CA MET B 254 -16.33 2.38 34.16
C MET B 254 -15.07 3.00 34.78
N ASP B 255 -14.99 4.33 34.78
CA ASP B 255 -13.89 5.02 35.46
C ASP B 255 -14.04 4.91 36.97
N LYS B 256 -15.26 5.13 37.46
CA LYS B 256 -15.59 4.93 38.88
C LYS B 256 -15.36 3.50 39.34
N ALA B 257 -15.80 2.53 38.53
CA ALA B 257 -15.58 1.11 38.81
C ALA B 257 -14.10 0.74 38.91
N LYS B 258 -13.27 1.30 38.03
CA LYS B 258 -11.81 1.11 38.11
C LYS B 258 -11.23 1.71 39.39
N ALA B 259 -11.74 2.86 39.81
CA ALA B 259 -11.32 3.49 41.07
C ALA B 259 -11.68 2.65 42.29
N SER B 260 -12.88 2.07 42.27
CA SER B 260 -13.37 1.21 43.35
C SER B 260 -12.63 -0.13 43.45
N ILE B 261 -12.17 -0.66 42.31
CA ILE B 261 -11.36 -1.88 42.27
C ILE B 261 -9.96 -1.65 42.86
N ALA B 262 -9.35 -0.52 42.51
CA ALA B 262 -8.05 -0.12 43.06
C ALA B 262 -8.09 0.03 44.58
N GLN B 263 -9.19 0.60 45.10
CA GLN B 263 -9.42 0.68 46.55
C GLN B 263 -9.59 -0.72 47.19
N LEU B 264 -10.23 -1.63 46.46
CA LEU B 264 -10.32 -3.04 46.87
C LEU B 264 -8.93 -3.66 47.01
N GLU B 265 -8.05 -3.42 46.03
CA GLU B 265 -6.64 -3.84 46.13
C GLU B 265 -5.92 -3.20 47.32
N GLY B 266 -6.12 -1.90 47.48
CA GLY B 266 -5.54 -1.15 48.60
C GLY B 266 -5.94 -1.70 49.96
N TRP B 267 -7.21 -2.11 50.08
CA TRP B 267 -7.75 -2.67 51.33
C TRP B 267 -7.26 -4.09 51.59
N VAL B 268 -7.25 -4.92 50.55
CA VAL B 268 -6.82 -6.32 50.66
C VAL B 268 -5.34 -6.44 51.08
N LYS B 269 -4.49 -5.60 50.50
CA LYS B 269 -3.08 -5.54 50.85
C LYS B 269 -2.83 -4.80 52.17
N GLU B 270 -3.71 -3.86 52.52
CA GLU B 270 -3.70 -3.24 53.85
C GLU B 270 -3.95 -4.29 54.93
N ASN B 271 -4.98 -5.11 54.75
CA ASN B 271 -5.39 -6.13 55.72
C ASN B 271 -5.13 -7.55 55.20
N LYS B 272 -3.91 -7.80 54.74
CA LYS B 272 -3.51 -9.12 54.22
C LYS B 272 -3.51 -10.21 55.29
N ASP B 273 -3.26 -9.82 56.54
CA ASP B 273 -3.29 -10.76 57.68
C ASP B 273 -4.71 -11.24 58.00
N GLN B 274 -5.72 -10.43 57.65
CA GLN B 274 -7.12 -10.74 57.92
C GLN B 274 -7.79 -11.54 56.81
N VAL B 275 -7.09 -11.77 55.69
CA VAL B 275 -7.66 -12.44 54.53
C VAL B 275 -6.82 -13.63 54.06
N ASP B 276 -7.50 -14.62 53.51
CA ASP B 276 -6.87 -15.68 52.72
C ASP B 276 -6.36 -15.00 51.44
N GLN B 277 -5.03 -14.89 51.31
CA GLN B 277 -4.43 -14.16 50.19
C GLN B 277 -4.65 -14.82 48.83
N ASP B 278 -4.79 -16.15 48.79
CA ASP B 278 -5.10 -16.86 47.54
C ASP B 278 -6.49 -16.48 47.06
N LYS B 279 -7.46 -16.56 47.96
CA LYS B 279 -8.85 -16.22 47.65
C LYS B 279 -9.03 -14.73 47.35
N ALA B 280 -8.23 -13.89 47.99
CA ALA B 280 -8.25 -12.44 47.73
C ALA B 280 -7.71 -12.10 46.34
N GLU B 281 -6.64 -12.78 45.92
CA GLU B 281 -6.12 -12.63 44.55
C GLU B 281 -7.09 -13.17 43.50
N ASP B 282 -7.73 -14.31 43.78
CA ASP B 282 -8.72 -14.89 42.88
C ASP B 282 -9.92 -13.97 42.68
N LEU B 283 -10.34 -13.32 43.77
CA LEU B 283 -11.42 -12.32 43.72
C LEU B 283 -11.06 -11.16 42.81
N LEU B 284 -9.88 -10.57 43.03
CA LEU B 284 -9.40 -9.44 42.24
C LEU B 284 -9.17 -9.76 40.76
N LYS B 285 -8.72 -10.97 40.47
CA LYS B 285 -8.57 -11.43 39.08
C LYS B 285 -9.94 -11.62 38.41
N GLY B 286 -10.89 -12.17 39.16
CA GLY B 286 -12.26 -12.31 38.66
C GLY B 286 -12.99 -11.01 38.42
N VAL B 287 -12.72 -10.00 39.25
CA VAL B 287 -13.33 -8.68 39.11
C VAL B 287 -12.75 -7.95 37.88
N ARG B 288 -11.42 -7.99 37.74
CA ARG B 288 -10.75 -7.38 36.59
C ARG B 288 -11.12 -8.05 35.26
N GLU B 289 -11.34 -9.37 35.27
CA GLU B 289 -11.86 -10.08 34.10
C GLU B 289 -13.26 -9.61 33.73
N SER B 290 -14.13 -9.45 34.75
CA SER B 290 -15.49 -8.91 34.56
C SER B 290 -15.48 -7.44 34.08
N TYR B 291 -14.50 -6.67 34.56
CA TYR B 291 -14.33 -5.28 34.14
C TYR B 291 -14.01 -5.20 32.65
N LYS B 292 -13.03 -5.97 32.22
CA LYS B 292 -12.61 -5.99 30.81
C LYS B 292 -13.69 -6.57 29.88
N THR B 293 -14.47 -7.52 30.37
CA THR B 293 -15.62 -8.03 29.62
C THR B 293 -16.69 -6.94 29.45
N ALA B 294 -16.89 -6.14 30.49
CA ALA B 294 -17.85 -5.02 30.45
C ALA B 294 -17.46 -3.97 29.40
N LEU B 295 -16.15 -3.67 29.31
CA LEU B 295 -15.64 -2.77 28.26
C LEU B 295 -15.92 -3.31 26.88
N ALA B 296 -15.61 -4.59 26.66
CA ALA B 296 -15.85 -5.25 25.38
C ALA B 296 -17.32 -5.18 24.97
N LEU B 297 -18.22 -5.41 25.92
CA LEU B 297 -19.66 -5.31 25.68
C LEU B 297 -20.10 -3.86 25.39
N ALA B 298 -19.51 -2.89 26.08
CA ALA B 298 -19.81 -1.47 25.86
C ALA B 298 -19.38 -1.00 24.48
N LYS B 299 -18.16 -1.36 24.07
CA LYS B 299 -17.63 -1.03 22.73
C LYS B 299 -18.47 -1.62 21.60
N GLN B 300 -19.03 -2.80 21.84
CA GLN B 300 -19.87 -3.52 20.90
C GLN B 300 -21.24 -2.86 20.66
N SER B 301 -21.71 -2.02 21.59
CA SER B 301 -23.05 -1.44 21.49
C SER B 301 -23.12 -0.25 20.52
N ASN B 302 -24.32 0.04 20.05
CA ASN B 302 -24.58 1.18 19.18
C ASN B 302 -24.39 2.51 19.91
N ALA B 303 -24.81 2.57 21.17
CA ALA B 303 -24.65 3.75 22.02
C ALA B 303 -23.22 4.28 21.96
N PHE B 304 -22.25 3.37 21.96
CA PHE B 304 -20.85 3.74 21.84
C PHE B 304 -20.47 4.14 20.41
N ARG B 305 -20.98 3.43 19.42
CA ARG B 305 -20.73 3.75 18.01
C ARG B 305 -21.18 5.18 17.64
N ALA B 306 -22.19 5.69 18.34
CA ALA B 306 -22.61 7.10 18.20
C ALA B 306 -21.71 8.03 19.03
N GLN B 307 -21.55 7.74 20.31
CA GLN B 307 -20.72 8.56 21.22
C GLN B 307 -19.27 8.67 20.77
N GLY B 308 -18.68 7.55 20.40
CA GLY B 308 -17.30 7.50 19.91
C GLY B 308 -17.06 8.18 18.56
N ALA B 309 -18.13 8.39 17.79
CA ALA B 309 -18.05 9.15 16.53
C ALA B 309 -18.20 10.67 16.67
N GLN B 310 -18.14 11.17 17.91
CA GLN B 310 -18.17 12.60 18.21
C GLN B 310 -16.95 13.33 17.64
N ILE B 311 -17.19 14.33 16.79
CA ILE B 311 -16.11 15.06 16.12
C ILE B 311 -15.47 16.05 17.10
N ASP B 312 -14.14 16.08 17.12
CA ASP B 312 -13.36 17.13 17.75
C ASP B 312 -13.12 18.15 16.64
N THR B 313 -13.94 19.20 16.64
CA THR B 313 -13.96 20.23 15.59
C THR B 313 -12.58 20.66 15.07
N VAL B 314 -11.74 21.19 15.95
CA VAL B 314 -10.43 21.70 15.53
C VAL B 314 -9.47 20.60 15.10
N PHE B 315 -9.55 19.43 15.75
CA PHE B 315 -8.70 18.29 15.38
C PHE B 315 -8.99 17.79 13.96
N SER B 316 -10.25 17.46 13.70
CA SER B 316 -10.68 17.03 12.35
C SER B 316 -10.47 18.11 11.29
N SER B 317 -10.75 19.36 11.65
CA SER B 317 -10.46 20.50 10.77
C SER B 317 -9.00 20.51 10.31
N TYR B 318 -8.08 20.33 11.25
CA TYR B 318 -6.65 20.29 10.94
C TYR B 318 -6.25 19.04 10.15
N TYR B 319 -6.82 17.89 10.52
CA TYR B 319 -6.60 16.66 9.76
C TYR B 319 -7.01 16.81 8.29
N TRP B 320 -8.16 17.43 8.03
CA TRP B 320 -8.66 17.59 6.66
C TRP B 320 -7.79 18.49 5.80
N LEU B 321 -7.26 19.56 6.38
CA LEU B 321 -6.32 20.42 5.67
C LEU B 321 -5.06 19.63 5.30
N TRP B 322 -4.55 18.85 6.25
CA TRP B 322 -3.40 17.97 6.01
C TRP B 322 -3.71 16.86 4.99
N LYS B 323 -4.94 16.35 5.01
CA LYS B 323 -5.40 15.38 3.99
C LYS B 323 -5.52 15.97 2.59
N ALA B 324 -5.93 17.23 2.49
CA ALA B 324 -6.07 17.92 1.21
C ALA B 324 -4.75 18.49 0.68
N GLY B 325 -3.65 18.32 1.43
CA GLY B 325 -2.34 18.79 1.02
C GLY B 325 -2.10 20.28 1.27
N VAL B 326 -2.82 20.85 2.23
CA VAL B 326 -2.70 22.27 2.57
C VAL B 326 -1.49 22.46 3.49
N THR B 327 -0.77 23.56 3.30
CA THR B 327 0.44 23.89 4.06
C THR B 327 0.24 25.23 4.75
N PRO B 328 1.19 25.64 5.62
CA PRO B 328 1.14 27.00 6.17
C PRO B 328 1.07 28.12 5.11
N VAL B 329 1.71 27.91 3.96
CA VAL B 329 1.71 28.88 2.85
C VAL B 329 0.34 28.99 2.15
N THR B 330 -0.31 27.85 1.92
CA THR B 330 -1.63 27.81 1.29
C THR B 330 -2.80 27.98 2.28
N PHE B 331 -2.52 27.90 3.58
CA PHE B 331 -3.58 28.02 4.60
C PHE B 331 -4.41 29.32 4.49
N PRO B 332 -3.75 30.49 4.32
CA PRO B 332 -4.52 31.74 4.19
C PRO B 332 -5.60 31.76 3.11
N SER B 333 -5.34 31.14 1.96
CA SER B 333 -6.34 31.03 0.89
C SER B 333 -7.55 30.19 1.30
N VAL B 334 -7.33 29.19 2.17
CA VAL B 334 -8.41 28.38 2.74
C VAL B 334 -9.24 29.23 3.69
N SER B 335 -8.57 29.91 4.63
CA SER B 335 -9.21 30.81 5.57
C SER B 335 -10.00 31.93 4.88
N GLN B 336 -9.44 32.46 3.78
CA GLN B 336 -10.11 33.50 2.99
C GLN B 336 -11.39 32.96 2.36
N PHE B 337 -11.30 31.80 1.71
CA PHE B 337 -12.47 31.12 1.12
C PHE B 337 -13.59 30.86 2.13
N LEU B 338 -13.22 30.30 3.28
CA LEU B 338 -14.20 29.96 4.33
C LEU B 338 -14.85 31.19 4.94
N PHE B 339 -14.09 32.29 5.06
CA PHE B 339 -14.63 33.58 5.48
C PHE B 339 -15.68 34.11 4.50
N GLU B 340 -15.37 34.09 3.20
CA GLU B 340 -16.28 34.56 2.16
C GLU B 340 -17.52 33.67 2.09
N LEU B 341 -17.30 32.36 2.18
CA LEU B 341 -18.37 31.34 2.22
C LEU B 341 -19.45 31.66 3.26
N GLY B 342 -19.01 32.07 4.45
CA GLY B 342 -19.92 32.36 5.55
C GLY B 342 -20.68 33.68 5.48
N LYS B 343 -20.42 34.51 4.47
CA LYS B 343 -21.10 35.80 4.31
C LYS B 343 -22.36 35.67 3.43
N ASN B 344 -22.20 35.11 2.24
CA ASN B 344 -23.33 34.91 1.33
C ASN B 344 -24.21 33.71 1.74
N PRO B 345 -25.55 33.88 1.78
CA PRO B 345 -26.46 32.75 1.99
C PRO B 345 -26.31 31.68 0.91
N LYS B 346 -25.49 30.67 1.22
CA LYS B 346 -25.09 29.65 0.26
C LYS B 346 -25.62 28.28 0.65
N GLY B 347 -26.31 27.62 -0.29
CA GLY B 347 -26.68 26.22 -0.14
C GLY B 347 -25.46 25.32 -0.29
N GLN B 348 -25.53 24.13 0.29
CA GLN B 348 -24.40 23.18 0.27
C GLN B 348 -24.01 22.72 -1.14
N LYS B 349 -24.97 22.64 -2.06
CA LYS B 349 -24.70 22.29 -3.47
C LYS B 349 -24.01 23.44 -4.21
N LYS B 350 -24.35 24.69 -3.84
CA LYS B 350 -23.67 25.87 -4.37
C LYS B 350 -22.20 25.94 -3.91
N MET B 351 -21.95 25.59 -2.64
CA MET B 351 -20.57 25.50 -2.11
C MET B 351 -19.72 24.49 -2.87
N GLN B 352 -20.29 23.32 -3.17
CA GLN B 352 -19.59 22.27 -3.92
C GLN B 352 -19.13 22.76 -5.30
N LYS B 353 -19.91 23.63 -5.93
CA LYS B 353 -19.49 24.29 -7.17
C LYS B 353 -18.33 25.27 -6.92
N ALA B 354 -18.40 26.03 -5.82
CA ALA B 354 -17.34 26.98 -5.44
C ALA B 354 -15.97 26.33 -5.23
N LEU B 355 -15.97 25.14 -4.64
CA LEU B 355 -14.74 24.33 -4.49
C LEU B 355 -14.25 23.77 -5.83
N ILE B 356 -15.17 23.40 -6.71
CA ILE B 356 -14.81 22.99 -8.07
C ILE B 356 -14.39 24.18 -8.94
N ASN B 357 -15.00 25.35 -8.72
CA ASN B 357 -14.74 26.55 -9.54
C ASN B 357 -13.50 27.36 -9.16
N THR B 358 -13.15 27.41 -7.87
CA THR B 358 -11.90 28.06 -7.46
C THR B 358 -10.72 27.40 -8.16
N PRO B 359 -9.80 28.20 -8.72
CA PRO B 359 -8.63 27.63 -9.39
C PRO B 359 -7.55 27.09 -8.45
N LEU B 360 -7.67 27.34 -7.15
CA LEU B 360 -6.74 26.81 -6.16
C LEU B 360 -6.84 25.28 -6.06
N LYS B 361 -5.69 24.63 -5.94
CA LYS B 361 -5.60 23.16 -5.98
C LYS B 361 -6.36 22.46 -4.87
N TRP B 362 -6.28 23.01 -3.65
CA TRP B 362 -6.93 22.39 -2.49
C TRP B 362 -8.46 22.27 -2.59
N GLY B 363 -9.09 23.12 -3.38
CA GLY B 363 -10.55 23.12 -3.54
C GLY B 363 -11.08 21.78 -4.01
N LYS B 364 -10.47 21.25 -5.08
CA LYS B 364 -10.85 19.95 -5.64
C LYS B 364 -10.50 18.81 -4.68
N ARG B 365 -9.27 18.85 -4.14
CA ARG B 365 -8.81 17.83 -3.20
C ARG B 365 -9.67 17.72 -1.95
N LEU B 366 -10.16 18.86 -1.46
CA LEU B 366 -11.08 18.87 -0.33
C LEU B 366 -12.41 18.23 -0.72
N ILE B 367 -12.89 18.52 -1.94
CA ILE B 367 -14.12 17.93 -2.50
C ILE B 367 -14.01 16.39 -2.56
N GLU B 368 -12.83 15.89 -2.92
CA GLU B 368 -12.57 14.44 -3.03
C GLU B 368 -12.53 13.68 -1.69
N LEU B 369 -12.43 14.41 -0.58
CA LEU B 369 -12.54 13.82 0.75
C LEU B 369 -13.99 13.61 1.20
N PHE B 370 -14.96 14.22 0.50
CA PHE B 370 -16.37 14.13 0.88
C PHE B 370 -16.84 12.67 0.82
N ALA B 371 -17.57 12.23 1.84
CA ALA B 371 -18.16 10.87 1.83
C ALA B 371 -19.30 10.78 0.84
N ASP B 372 -19.64 9.53 0.50
CA ASP B 372 -20.62 9.23 -0.57
C ASP B 372 -21.94 9.98 -0.41
N ASN B 373 -22.56 10.26 -1.55
CA ASN B 373 -23.92 10.83 -1.57
C ASN B 373 -24.90 9.91 -0.88
N ASP B 374 -24.65 8.60 -1.00
CA ASP B 374 -25.47 7.55 -0.40
C ASP B 374 -24.65 6.62 0.53
N PHE B 375 -23.90 7.23 1.46
CA PHE B 375 -23.27 6.49 2.57
C PHE B 375 -24.43 5.78 3.26
N THR B 376 -24.49 4.45 3.13
CA THR B 376 -25.73 3.71 3.34
C THR B 376 -26.25 3.76 4.78
N GLU B 377 -25.35 3.59 5.74
CA GLU B 377 -25.70 3.62 7.17
C GLU B 377 -26.08 5.03 7.66
N ASN B 378 -26.60 5.09 8.88
CA ASN B 378 -26.95 6.36 9.54
C ASN B 378 -25.68 7.18 9.77
N ARG B 379 -25.73 8.44 9.33
CA ARG B 379 -24.56 9.34 9.38
C ARG B 379 -24.01 9.64 10.78
N ILE B 380 -24.82 9.42 11.82
CA ILE B 380 -24.35 9.51 13.21
C ILE B 380 -23.24 8.48 13.52
N TYR B 381 -23.23 7.34 12.83
CA TYR B 381 -22.18 6.33 12.96
C TYR B 381 -20.90 6.60 12.14
N MET B 382 -20.97 7.53 11.17
CA MET B 382 -19.81 7.85 10.32
C MET B 382 -18.63 8.29 11.19
N HIS B 383 -17.44 7.79 10.85
CA HIS B 383 -16.21 8.11 11.61
C HIS B 383 -15.96 9.63 11.53
N PRO B 384 -15.54 10.25 12.65
CA PRO B 384 -15.39 11.71 12.71
C PRO B 384 -14.21 12.32 11.94
N CYS B 385 -13.43 11.50 11.24
CA CYS B 385 -12.29 11.93 10.44
C CYS B 385 -12.71 12.13 8.99
N VAL B 386 -13.92 11.70 8.63
CA VAL B 386 -14.39 11.72 7.25
C VAL B 386 -15.12 13.04 7.00
N LEU B 387 -14.65 13.79 6.00
CA LEU B 387 -15.29 15.06 5.63
C LEU B 387 -16.58 14.80 4.85
N THR B 388 -17.51 15.72 4.98
CA THR B 388 -18.73 15.79 4.19
C THR B 388 -19.04 17.26 3.90
N SER B 389 -20.08 17.51 3.10
CA SER B 389 -20.54 18.87 2.82
C SER B 389 -20.99 19.59 4.10
N GLY B 390 -21.79 18.91 4.90
CA GLY B 390 -22.26 19.45 6.18
C GLY B 390 -21.14 19.74 7.16
N ARG B 391 -20.17 18.82 7.26
CA ARG B 391 -19.03 18.99 8.18
C ARG B 391 -18.00 20.05 7.76
N MET B 392 -18.21 20.74 6.63
CA MET B 392 -17.45 21.95 6.28
C MET B 392 -17.66 23.09 7.29
N SER B 393 -18.79 23.06 8.01
CA SER B 393 -19.04 23.94 9.14
C SER B 393 -17.99 23.84 10.27
N GLU B 394 -17.34 22.68 10.38
CA GLU B 394 -16.24 22.48 11.33
C GLU B 394 -15.03 23.31 10.91
N LEU B 395 -14.68 23.23 9.62
CA LEU B 395 -13.62 24.06 9.04
C LEU B 395 -13.97 25.55 9.10
N GLY B 396 -15.24 25.88 8.85
CA GLY B 396 -15.72 27.26 8.85
C GLY B 396 -15.53 27.97 10.18
N ILE B 397 -16.00 27.36 11.26
CA ILE B 397 -15.80 27.92 12.60
C ILE B 397 -14.33 27.95 13.03
N SER B 398 -13.54 26.97 12.59
CA SER B 398 -12.12 26.88 12.97
C SER B 398 -11.25 27.94 12.31
N PHE B 399 -11.41 28.09 10.99
CA PHE B 399 -10.54 28.92 10.16
C PHE B 399 -11.25 30.05 9.39
N GLY B 400 -12.57 30.19 9.56
CA GLY B 400 -13.36 31.12 8.73
C GLY B 400 -13.98 32.35 9.39
N ALA B 401 -14.02 32.43 10.72
CA ALA B 401 -14.60 33.60 11.38
C ALA B 401 -13.67 34.81 11.38
N VAL B 402 -12.37 34.56 11.31
CA VAL B 402 -11.35 35.59 11.14
C VAL B 402 -10.52 35.22 9.90
N PRO B 403 -10.59 36.02 8.83
CA PRO B 403 -9.72 35.75 7.68
C PRO B 403 -8.29 36.20 7.98
N VAL B 404 -7.34 35.27 7.94
CA VAL B 404 -5.96 35.56 8.35
C VAL B 404 -5.20 36.51 7.41
N THR B 405 -5.65 36.62 6.16
CA THR B 405 -5.06 37.58 5.20
C THR B 405 -5.43 39.03 5.50
N SER B 406 -6.55 39.25 6.16
CA SER B 406 -7.02 40.60 6.49
C SER B 406 -7.91 40.56 7.75
N PRO B 407 -7.28 40.32 8.93
CA PRO B 407 -8.03 40.10 10.19
C PRO B 407 -9.11 41.13 10.54
N ASP B 408 -8.90 42.40 10.19
CA ASP B 408 -9.86 43.48 10.47
C ASP B 408 -11.20 43.29 9.75
N ASP B 409 -11.19 42.57 8.62
CA ASP B 409 -12.41 42.23 7.89
C ASP B 409 -13.40 41.37 8.69
N ALA B 410 -12.91 40.67 9.71
CA ALA B 410 -13.75 39.94 10.68
C ALA B 410 -14.93 40.76 11.23
N ALA B 411 -14.75 42.07 11.36
CA ALA B 411 -15.82 43.01 11.74
C ALA B 411 -17.06 42.97 10.83
N GLN B 412 -16.87 42.65 9.55
CA GLN B 412 -17.99 42.49 8.61
C GLN B 412 -18.92 41.35 9.02
N GLY B 413 -18.35 40.29 9.59
CA GLY B 413 -19.11 39.14 10.09
C GLY B 413 -19.12 38.00 9.09
N SER B 414 -19.00 36.77 9.60
CA SER B 414 -19.05 35.56 8.78
C SER B 414 -19.76 34.48 9.58
N GLY B 415 -20.92 34.04 9.08
CA GLY B 415 -21.78 33.11 9.79
C GLY B 415 -21.32 31.66 9.75
N HIS B 416 -21.21 31.05 10.92
CA HIS B 416 -20.79 29.66 11.08
C HIS B 416 -21.56 29.02 12.24
N THR B 417 -22.28 27.94 11.96
CA THR B 417 -23.25 27.33 12.91
C THR B 417 -22.74 27.12 14.33
N LYS B 418 -21.52 26.63 14.46
CA LYS B 418 -20.93 26.30 15.77
C LYS B 418 -20.68 27.53 16.66
N ALA B 419 -20.64 28.72 16.07
CA ALA B 419 -20.54 29.98 16.84
C ALA B 419 -21.67 30.20 17.84
N VAL B 420 -22.82 29.54 17.64
CA VAL B 420 -23.95 29.58 18.60
C VAL B 420 -23.53 29.13 20.01
N LEU B 421 -22.52 28.27 20.10
CA LEU B 421 -21.98 27.85 21.39
C LEU B 421 -21.20 28.95 22.13
N ASN B 422 -20.83 30.01 21.43
CA ASN B 422 -20.24 31.20 22.07
C ASN B 422 -21.24 32.10 22.78
N TYR B 423 -22.53 32.02 22.43
CA TYR B 423 -23.55 32.75 23.18
C TYR B 423 -23.61 32.27 24.62
N LYS B 424 -23.85 33.20 25.55
CA LYS B 424 -23.92 32.88 26.97
C LYS B 424 -25.15 32.03 27.30
N THR B 425 -25.07 31.34 28.42
CA THR B 425 -26.13 30.45 28.90
C THR B 425 -26.88 31.03 30.11
N LYS B 426 -26.52 32.24 30.51
CA LYS B 426 -26.89 32.77 31.82
C LYS B 426 -28.27 33.42 31.77
N THR B 427 -29.04 33.23 32.84
CA THR B 427 -30.36 33.87 33.00
C THR B 427 -30.24 35.39 33.12
N GLU B 428 -29.08 35.87 33.59
CA GLU B 428 -28.74 37.29 33.65
C GLU B 428 -28.90 38.07 32.32
N VAL B 429 -28.71 37.40 31.18
CA VAL B 429 -28.86 38.02 29.85
C VAL B 429 -29.90 37.30 28.95
N GLY B 430 -30.81 36.55 29.57
CA GLY B 430 -31.89 35.88 28.85
C GLY B 430 -31.58 34.52 28.25
N ASN B 431 -30.39 33.97 28.55
CA ASN B 431 -29.91 32.71 27.94
C ASN B 431 -30.03 32.75 26.41
N PRO B 432 -29.21 33.61 25.75
CA PRO B 432 -29.29 33.74 24.29
C PRO B 432 -28.98 32.43 23.54
N CYS B 433 -28.01 31.66 24.04
CA CYS B 433 -27.69 30.37 23.47
C CYS B 433 -28.93 29.50 23.27
N ALA B 434 -29.69 29.30 24.33
CA ALA B 434 -30.91 28.50 24.28
C ALA B 434 -32.02 29.16 23.43
N CYS B 435 -32.07 30.49 23.44
CA CYS B 435 -33.03 31.24 22.63
C CYS B 435 -32.75 31.12 21.13
N ILE B 436 -31.48 31.24 20.74
CA ILE B 436 -31.06 31.05 19.35
C ILE B 436 -31.28 29.60 18.91
N ILE B 437 -30.86 28.64 19.74
CA ILE B 437 -31.03 27.21 19.45
C ILE B 437 -32.51 26.87 19.28
N SER B 438 -33.34 27.37 20.20
CA SER B 438 -34.80 27.18 20.12
C SER B 438 -35.35 27.72 18.81
N SER B 439 -34.92 28.91 18.43
CA SER B 439 -35.42 29.60 17.24
C SER B 439 -34.99 28.89 15.96
N LEU B 440 -33.72 28.47 15.90
CA LEU B 440 -33.23 27.68 14.75
C LEU B 440 -33.99 26.35 14.57
N PHE B 441 -34.29 25.68 15.68
CA PHE B 441 -35.13 24.46 15.65
C PHE B 441 -36.53 24.74 15.10
N GLU B 442 -37.16 25.81 15.58
CA GLU B 442 -38.48 26.23 15.09
C GLU B 442 -38.47 26.48 13.58
N ILE B 443 -37.40 27.11 13.10
CA ILE B 443 -37.23 27.41 11.67
C ILE B 443 -37.02 26.13 10.86
N GLN B 444 -36.26 25.17 11.39
CA GLN B 444 -36.03 23.90 10.71
C GLN B 444 -37.30 23.05 10.59
N LYS B 445 -38.07 22.94 11.66
CA LYS B 445 -39.31 22.14 11.64
C LYS B 445 -40.42 22.77 10.79
N ALA B 446 -40.38 24.10 10.66
CA ALA B 446 -41.29 24.84 9.78
C ALA B 446 -41.04 24.57 8.29
N GLY B 447 -39.79 24.29 7.92
CA GLY B 447 -39.39 24.07 6.52
C GLY B 447 -38.98 22.67 6.12
N TYR B 448 -38.61 21.83 7.07
CA TYR B 448 -38.06 20.50 6.78
C TYR B 448 -38.73 19.38 7.55
N ASP B 449 -38.59 18.17 7.02
CA ASP B 449 -39.12 16.97 7.66
C ASP B 449 -38.06 16.46 8.64
N ILE B 450 -38.26 16.77 9.93
CA ILE B 450 -37.25 16.57 10.97
C ILE B 450 -36.89 15.10 11.24
N GLU B 451 -37.89 14.24 11.48
CA GLU B 451 -37.62 12.85 11.89
C GLU B 451 -37.03 11.96 10.77
N SER B 452 -37.01 12.44 9.53
CA SER B 452 -36.29 11.78 8.44
C SER B 452 -34.82 12.19 8.33
N MET B 453 -34.43 13.31 8.94
CA MET B 453 -33.02 13.71 8.99
C MET B 453 -32.25 12.87 10.00
N ASP B 454 -31.06 12.41 9.60
CA ASP B 454 -30.18 11.65 10.50
C ASP B 454 -29.70 12.51 11.66
N ILE B 455 -29.24 13.72 11.35
CA ILE B 455 -28.80 14.67 12.37
C ILE B 455 -29.49 16.01 12.15
N VAL B 456 -30.12 16.54 13.21
CA VAL B 456 -30.72 17.87 13.22
C VAL B 456 -29.72 18.84 13.87
N ALA B 457 -29.32 19.88 13.14
CA ALA B 457 -28.24 20.78 13.56
C ALA B 457 -28.52 21.49 14.89
N SER B 458 -29.75 21.95 15.08
CA SER B 458 -30.15 22.64 16.31
C SER B 458 -30.18 21.72 17.54
N GLU B 459 -30.58 20.46 17.36
CA GLU B 459 -30.54 19.45 18.43
C GLU B 459 -29.09 19.11 18.81
N HIS B 460 -28.24 18.97 17.80
CA HIS B 460 -26.82 18.73 18.02
C HIS B 460 -26.20 19.87 18.83
N LEU B 461 -26.52 21.12 18.46
CA LEU B 461 -26.10 22.30 19.23
C LEU B 461 -26.61 22.28 20.68
N LEU B 462 -27.87 21.88 20.87
CA LEU B 462 -28.45 21.76 22.20
C LEU B 462 -27.71 20.71 23.03
N HIS B 463 -27.50 19.53 22.44
CA HIS B 463 -26.79 18.43 23.10
C HIS B 463 -25.43 18.86 23.64
N GLN B 464 -24.69 19.61 22.82
CA GLN B 464 -23.40 20.18 23.22
C GLN B 464 -23.56 21.18 24.38
N SER B 465 -24.60 22.00 24.31
CA SER B 465 -24.88 22.97 25.37
C SER B 465 -25.31 22.28 26.68
N LEU B 466 -26.14 21.25 26.56
CA LEU B 466 -26.62 20.48 27.72
C LEU B 466 -25.50 19.80 28.52
N VAL B 467 -24.50 19.25 27.82
CA VAL B 467 -23.34 18.63 28.48
C VAL B 467 -22.30 19.62 29.04
N GLY B 468 -22.45 20.91 28.72
CA GLY B 468 -21.58 21.96 29.24
C GLY B 468 -20.51 22.47 28.30
N LYS B 469 -20.70 22.28 26.99
CA LYS B 469 -19.75 22.74 25.98
C LYS B 469 -20.00 24.23 25.75
N ARG B 470 -18.99 25.06 26.03
CA ARG B 470 -19.10 26.52 25.94
C ARG B 470 -18.25 27.12 24.80
N SER B 471 -17.72 26.26 23.94
CA SER B 471 -16.95 26.70 22.78
C SER B 471 -16.85 25.56 21.76
N PRO B 472 -16.74 25.91 20.45
CA PRO B 472 -16.43 24.87 19.47
C PRO B 472 -15.01 24.28 19.59
N PHE B 473 -14.11 25.01 20.28
CA PHE B 473 -12.70 24.61 20.43
C PHE B 473 -12.40 23.79 21.69
N GLN B 474 -13.42 23.38 22.42
CA GLN B 474 -13.25 22.42 23.51
C GLN B 474 -13.45 21.00 23.00
N ASN B 475 -12.70 20.06 23.55
CA ASN B 475 -13.00 18.63 23.44
C ASN B 475 -13.92 18.23 24.59
N ALA B 476 -14.98 17.49 24.28
CA ALA B 476 -15.96 17.07 25.29
C ALA B 476 -16.23 15.56 25.27
N TYR B 477 -15.26 14.77 24.78
CA TYR B 477 -15.40 13.31 24.79
C TYR B 477 -15.36 12.74 26.22
N LEU B 478 -14.56 13.35 27.09
CA LEU B 478 -14.39 12.89 28.48
C LEU B 478 -15.40 13.46 29.48
N ILE B 479 -16.48 14.08 29.01
CA ILE B 479 -17.58 14.52 29.88
C ILE B 479 -18.13 13.31 30.65
N LYS B 480 -18.40 13.50 31.93
CA LYS B 480 -18.98 12.47 32.78
C LYS B 480 -20.50 12.57 32.72
N GLY B 481 -21.15 11.52 32.24
CA GLY B 481 -22.62 11.44 32.24
C GLY B 481 -23.26 11.63 30.87
N ASN B 482 -24.59 11.75 30.87
CA ASN B 482 -25.38 11.86 29.64
C ASN B 482 -26.25 13.12 29.64
N ALA B 483 -26.39 13.71 28.46
CA ALA B 483 -27.35 14.80 28.23
C ALA B 483 -28.78 14.29 28.35
N THR B 484 -29.01 13.07 27.86
CA THR B 484 -30.29 12.36 27.94
C THR B 484 -30.96 12.34 29.33
N ASN B 485 -30.17 12.35 30.40
CA ASN B 485 -30.70 12.32 31.78
C ASN B 485 -31.03 13.70 32.42
N ILE B 486 -30.73 14.79 31.72
CA ILE B 486 -30.88 16.15 32.28
C ILE B 486 -32.35 16.58 32.37
N ASN B 487 -32.63 17.57 33.22
CA ASN B 487 -33.97 18.19 33.35
C ASN B 487 -33.97 19.65 32.87
N ILE B 488 -34.94 19.98 32.01
CA ILE B 488 -35.10 21.35 31.52
C ILE B 488 -36.06 22.08 32.47
N ILE B 489 -35.63 23.24 32.97
CA ILE B 489 -36.44 24.07 33.88
C ILE B 489 -36.45 25.53 33.44
N PRO C 1 -31.91 -63.33 46.80
CA PRO C 1 -30.53 -63.03 47.19
C PRO C 1 -29.77 -64.19 47.90
N LEU C 2 -30.29 -65.43 47.80
CA LEU C 2 -29.95 -66.53 48.73
C LEU C 2 -29.22 -67.71 48.09
N GLY C 3 -28.90 -68.71 48.93
CA GLY C 3 -28.44 -70.03 48.51
C GLY C 3 -26.93 -70.16 48.35
N SER C 4 -26.53 -70.84 47.29
CA SER C 4 -25.28 -70.52 46.63
C SER C 4 -25.65 -69.30 45.80
N MET C 5 -24.70 -68.41 45.61
CA MET C 5 -24.97 -67.08 45.04
C MET C 5 -24.87 -67.11 43.52
N GLU C 6 -25.91 -67.67 42.89
CA GLU C 6 -25.99 -67.76 41.43
C GLU C 6 -26.19 -66.41 40.79
N ASN C 7 -25.75 -66.30 39.55
CA ASN C 7 -26.06 -65.16 38.69
C ASN C 7 -27.55 -65.24 38.35
N LYS C 8 -28.33 -64.30 38.88
CA LYS C 8 -29.79 -64.33 38.75
C LYS C 8 -30.34 -63.54 37.55
N ILE C 9 -29.45 -63.00 36.71
CA ILE C 9 -29.84 -62.43 35.43
C ILE C 9 -29.62 -63.52 34.42
N VAL C 10 -30.54 -64.48 34.38
CA VAL C 10 -30.43 -65.65 33.51
C VAL C 10 -30.94 -65.34 32.10
N ALA C 11 -30.02 -65.29 31.15
CA ALA C 11 -30.36 -65.13 29.74
C ALA C 11 -29.18 -65.57 28.87
N SER C 12 -29.47 -66.43 27.90
CA SER C 12 -28.48 -66.87 26.90
C SER C 12 -28.71 -66.24 25.51
N THR C 13 -29.78 -65.46 25.35
CA THR C 13 -30.08 -64.79 24.08
C THR C 13 -30.57 -63.37 24.30
N LYS C 14 -30.61 -62.60 23.21
CA LYS C 14 -31.22 -61.26 23.19
C LYS C 14 -32.68 -61.32 23.63
N GLU C 15 -33.39 -62.37 23.20
CA GLU C 15 -34.83 -62.53 23.45
C GLU C 15 -35.08 -62.82 24.93
N GLU C 16 -34.40 -63.82 25.47
CA GLU C 16 -34.49 -64.17 26.89
C GLU C 16 -34.16 -62.98 27.80
N PHE C 17 -33.09 -62.26 27.46
CA PHE C 17 -32.72 -61.08 28.23
C PHE C 17 -33.78 -59.98 28.20
N ASN C 18 -34.37 -59.74 27.03
CA ASN C 18 -35.46 -58.75 26.89
C ASN C 18 -36.65 -59.11 27.79
N THR C 19 -36.95 -60.41 27.90
CA THR C 19 -37.99 -60.91 28.81
C THR C 19 -37.67 -60.50 30.25
N TRP C 20 -36.44 -60.78 30.69
CA TRP C 20 -35.96 -60.42 32.03
C TRP C 20 -35.94 -58.93 32.26
N TYR C 21 -35.40 -58.19 31.28
CA TYR C 21 -35.22 -56.74 31.45
C TYR C 21 -36.56 -56.01 31.54
N LYS C 22 -37.43 -56.24 30.56
CA LYS C 22 -38.75 -55.61 30.53
C LYS C 22 -39.54 -55.81 31.84
N GLN C 23 -39.43 -57.03 32.39
CA GLN C 23 -40.01 -57.40 33.68
C GLN C 23 -39.39 -56.62 34.86
N PHE C 24 -38.07 -56.63 34.93
CA PHE C 24 -37.32 -55.84 35.91
C PHE C 24 -37.71 -54.37 35.81
N ALA C 25 -37.70 -53.83 34.59
CA ALA C 25 -37.94 -52.39 34.37
C ALA C 25 -39.29 -51.90 34.87
N GLU C 26 -40.35 -52.62 34.49
CA GLU C 26 -41.72 -52.31 34.98
C GLU C 26 -41.90 -52.58 36.48
N LYS C 27 -41.12 -53.51 37.04
CA LYS C 27 -41.09 -53.73 38.50
C LYS C 27 -40.41 -52.60 39.31
N HIS C 28 -39.38 -51.98 38.73
CA HIS C 28 -38.63 -50.90 39.40
C HIS C 28 -38.93 -49.47 38.91
N LYS C 29 -39.91 -49.35 38.01
CA LYS C 29 -40.33 -48.06 37.44
C LYS C 29 -39.14 -47.28 36.89
N LEU C 30 -38.34 -47.93 36.05
CA LEU C 30 -37.15 -47.30 35.50
C LEU C 30 -37.54 -46.09 34.63
N ASN C 31 -36.76 -45.03 34.78
CA ASN C 31 -37.08 -43.69 34.30
C ASN C 31 -36.07 -43.30 33.22
N ASN C 32 -36.54 -42.83 32.08
CA ASN C 32 -35.63 -42.25 31.06
C ASN C 32 -35.96 -40.80 30.71
N LYS C 33 -36.44 -40.07 31.71
CA LYS C 33 -36.70 -38.62 31.62
C LYS C 33 -35.39 -37.85 31.54
N TYR C 34 -34.48 -38.13 32.48
CA TYR C 34 -33.17 -37.47 32.53
C TYR C 34 -32.01 -38.31 31.96
N THR C 35 -32.25 -39.60 31.66
CA THR C 35 -31.19 -40.48 31.16
C THR C 35 -31.44 -41.04 29.76
N GLU C 36 -30.33 -41.46 29.17
CA GLU C 36 -30.25 -41.89 27.80
C GLU C 36 -30.84 -43.31 27.71
N SER C 37 -30.36 -44.21 28.56
CA SER C 37 -30.95 -45.54 28.79
C SER C 37 -31.62 -45.52 30.16
N ALA C 38 -32.71 -46.26 30.33
CA ALA C 38 -33.53 -46.14 31.54
C ALA C 38 -32.75 -46.43 32.84
N SER C 39 -33.07 -45.68 33.90
CA SER C 39 -32.34 -45.70 35.15
C SER C 39 -33.27 -45.43 36.32
N PHE C 40 -32.69 -45.45 37.53
CA PHE C 40 -33.39 -45.07 38.76
C PHE C 40 -33.44 -43.54 39.01
N CYS C 41 -32.97 -42.74 38.05
CA CYS C 41 -32.80 -41.31 38.27
C CYS C 41 -34.13 -40.57 38.27
N ALA C 42 -34.56 -40.18 39.46
CA ALA C 42 -35.79 -39.42 39.64
C ALA C 42 -35.56 -37.94 39.37
N GLU C 43 -34.45 -37.39 39.89
CA GLU C 43 -34.08 -35.98 39.71
C GLU C 43 -32.59 -35.87 39.43
N ILE C 44 -32.18 -34.73 38.87
CA ILE C 44 -30.76 -34.45 38.67
C ILE C 44 -30.18 -34.13 40.04
N PRO C 45 -29.12 -34.86 40.47
CA PRO C 45 -28.52 -34.49 41.76
C PRO C 45 -27.89 -33.11 41.71
N GLN C 46 -27.98 -32.36 42.80
CA GLN C 46 -27.22 -31.12 42.92
C GLN C 46 -25.96 -31.40 43.72
N LEU C 47 -24.83 -30.99 43.14
CA LEU C 47 -23.51 -31.27 43.70
C LEU C 47 -22.76 -30.00 44.15
N ASP C 48 -23.43 -28.84 44.10
CA ASP C 48 -22.74 -27.59 44.44
C ASP C 48 -22.37 -27.51 45.92
N THR C 49 -23.13 -28.17 46.77
CA THR C 49 -22.79 -28.29 48.18
C THR C 49 -21.36 -28.90 48.41
N TYR C 50 -20.98 -29.89 47.59
CA TYR C 50 -19.68 -30.59 47.74
C TYR C 50 -18.46 -29.73 47.43
N LYS C 51 -18.61 -28.80 46.50
CA LYS C 51 -17.56 -27.83 46.19
C LYS C 51 -17.15 -27.02 47.43
N TYR C 52 -18.11 -26.71 48.28
CA TYR C 52 -17.90 -25.93 49.51
C TYR C 52 -17.38 -26.79 50.68
N LYS C 53 -17.90 -28.01 50.81
CA LYS C 53 -17.32 -29.00 51.73
C LYS C 53 -15.83 -29.24 51.45
N MET C 54 -15.46 -29.24 50.18
CA MET C 54 -14.08 -29.41 49.76
C MET C 54 -13.18 -28.27 50.25
N GLU C 55 -13.66 -27.04 50.12
CA GLU C 55 -12.95 -25.85 50.65
C GLU C 55 -12.65 -25.99 52.15
N LEU C 56 -13.60 -26.50 52.92
CA LEU C 56 -13.45 -26.61 54.38
C LEU C 56 -12.61 -27.79 54.86
N ALA C 57 -12.30 -28.73 53.97
CA ALA C 57 -11.51 -29.91 54.34
C ALA C 57 -10.06 -29.54 54.65
N SER C 58 -9.48 -30.25 55.63
CA SER C 58 -8.13 -29.99 56.12
C SER C 58 -7.07 -31.04 55.72
N THR C 59 -7.48 -32.31 55.58
CA THR C 59 -6.59 -33.42 55.22
C THR C 59 -6.93 -33.97 53.86
N ASP C 60 -6.02 -34.77 53.30
CA ASP C 60 -6.26 -35.46 52.03
C ASP C 60 -7.30 -36.56 52.15
N ASN C 61 -7.38 -37.20 53.31
CA ASN C 61 -8.41 -38.22 53.57
C ASN C 61 -9.83 -37.66 53.48
N GLU C 62 -10.05 -36.51 54.12
CA GLU C 62 -11.31 -35.79 54.04
C GLU C 62 -11.65 -35.38 52.60
N ARG C 63 -10.69 -34.76 51.92
CA ARG C 63 -10.88 -34.33 50.54
C ARG C 63 -11.17 -35.46 49.56
N ASP C 64 -10.55 -36.63 49.80
CA ASP C 64 -10.86 -37.86 49.04
C ASP C 64 -12.28 -38.35 49.29
N ALA C 65 -12.68 -38.43 50.55
CA ALA C 65 -14.04 -38.82 50.94
C ALA C 65 -15.11 -37.93 50.32
N ILE C 66 -14.89 -36.61 50.37
CA ILE C 66 -15.80 -35.62 49.81
C ILE C 66 -15.94 -35.78 48.30
N TYR C 67 -14.82 -36.03 47.61
CA TYR C 67 -14.84 -36.29 46.17
C TYR C 67 -15.62 -37.55 45.84
N SER C 68 -15.39 -38.62 46.60
CA SER C 68 -16.06 -39.89 46.34
C SER C 68 -17.56 -39.80 46.65
N SER C 69 -17.93 -39.17 47.77
CA SER C 69 -19.35 -38.88 48.10
C SER C 69 -20.08 -38.13 46.99
N ALA C 70 -19.39 -37.13 46.44
CA ALA C 70 -19.91 -36.36 45.33
C ALA C 70 -20.10 -37.25 44.10
N LEU C 71 -19.11 -38.10 43.83
CA LEU C 71 -19.20 -39.09 42.77
C LEU C 71 -20.34 -40.08 42.96
N ILE C 72 -20.43 -40.66 44.16
CA ILE C 72 -21.51 -41.60 44.49
C ILE C 72 -22.85 -40.89 44.26
N GLU C 73 -22.98 -39.69 44.80
CA GLU C 73 -24.22 -38.93 44.74
C GLU C 73 -24.60 -38.59 43.29
N ALA C 74 -23.58 -38.31 42.48
CA ALA C 74 -23.76 -37.99 41.06
C ALA C 74 -24.19 -39.19 40.21
N THR C 75 -23.72 -40.38 40.55
CA THR C 75 -23.91 -41.56 39.71
C THR C 75 -24.73 -42.72 40.27
N ARG C 76 -25.03 -42.74 41.57
CA ARG C 76 -25.60 -43.96 42.19
C ARG C 76 -26.92 -44.42 41.60
N PHE C 77 -27.74 -43.47 41.13
CA PHE C 77 -29.06 -43.80 40.57
C PHE C 77 -29.21 -43.57 39.06
N CYS C 78 -28.10 -43.44 38.32
CA CYS C 78 -28.17 -43.15 36.88
C CYS C 78 -27.44 -44.16 35.98
N ALA C 79 -27.12 -45.35 36.46
CA ALA C 79 -26.50 -46.38 35.61
C ALA C 79 -27.48 -46.83 34.52
N PRO C 80 -26.96 -47.14 33.33
CA PRO C 80 -27.81 -47.69 32.28
C PRO C 80 -28.09 -49.16 32.59
N ILE C 81 -29.17 -49.40 33.33
CA ILE C 81 -29.51 -50.73 33.84
C ILE C 81 -29.60 -51.78 32.72
N MET C 82 -30.22 -51.44 31.59
CA MET C 82 -30.38 -52.41 30.49
C MET C 82 -29.02 -52.95 30.05
N GLU C 83 -28.05 -52.06 29.87
CA GLU C 83 -26.77 -52.44 29.32
C GLU C 83 -25.86 -53.12 30.35
N CYS C 84 -25.85 -52.59 31.58
CA CYS C 84 -25.12 -53.20 32.70
C CYS C 84 -25.58 -54.64 32.93
N ALA C 85 -26.90 -54.82 32.94
CA ALA C 85 -27.52 -56.13 33.07
C ALA C 85 -27.12 -57.06 31.92
N TRP C 86 -27.15 -56.56 30.69
CA TRP C 86 -26.78 -57.36 29.50
C TRP C 86 -25.31 -57.79 29.53
N ALA C 87 -24.42 -56.90 29.94
CA ALA C 87 -23.00 -57.23 30.10
C ALA C 87 -22.70 -58.17 31.29
N SER C 88 -23.62 -58.26 32.25
CA SER C 88 -23.43 -59.11 33.44
C SER C 88 -24.32 -60.37 33.46
N CYS C 89 -25.09 -60.63 32.40
CA CYS C 89 -26.01 -61.78 32.39
C CYS C 89 -25.24 -63.06 32.05
N THR C 90 -25.85 -64.21 32.35
CA THR C 90 -25.17 -65.50 32.28
C THR C 90 -24.62 -65.84 30.90
N GLY C 91 -25.39 -65.52 29.85
CA GLY C 91 -24.97 -65.78 28.47
C GLY C 91 -23.80 -64.95 28.02
N THR C 92 -23.87 -63.64 28.28
CA THR C 92 -22.83 -62.71 27.90
C THR C 92 -21.56 -62.98 28.69
N VAL C 93 -21.71 -63.27 29.97
CA VAL C 93 -20.58 -63.64 30.83
C VAL C 93 -19.85 -64.88 30.30
N LYS C 94 -20.61 -65.90 29.89
CA LYS C 94 -20.02 -67.17 29.46
C LYS C 94 -19.28 -67.00 28.14
N ARG C 95 -19.96 -66.41 27.16
CA ARG C 95 -19.34 -66.13 25.86
C ARG C 95 -18.19 -65.12 25.98
N GLY C 96 -18.39 -64.09 26.80
CA GLY C 96 -17.40 -63.02 26.96
C GLY C 96 -16.07 -63.52 27.49
N LEU C 97 -16.12 -64.43 28.47
CA LEU C 97 -14.91 -65.03 29.03
C LEU C 97 -14.33 -66.10 28.12
N GLU C 98 -15.20 -66.91 27.52
CA GLU C 98 -14.78 -67.99 26.62
C GLU C 98 -13.99 -67.51 25.39
N TRP C 99 -14.39 -66.36 24.84
CA TRP C 99 -13.71 -65.77 23.68
C TRP C 99 -12.18 -65.72 23.85
N PHE C 100 -11.72 -65.36 25.04
CA PHE C 100 -10.27 -65.27 25.31
C PHE C 100 -9.56 -66.62 25.33
N ASP C 101 -10.22 -67.69 25.80
CA ASP C 101 -9.65 -69.05 25.71
C ASP C 101 -9.51 -69.47 24.24
N LYS C 102 -10.50 -69.07 23.46
CA LYS C 102 -10.56 -69.35 22.02
C LYS C 102 -9.57 -68.47 21.22
N ASN C 103 -9.37 -67.21 21.63
CA ASN C 103 -8.61 -66.22 20.85
C ASN C 103 -7.26 -65.68 21.39
N LYS C 104 -6.81 -66.16 22.56
CA LYS C 104 -5.55 -65.67 23.17
C LYS C 104 -4.25 -65.82 22.36
N ASP C 105 -4.25 -66.74 21.37
CA ASP C 105 -3.10 -66.96 20.50
C ASP C 105 -3.21 -66.29 19.13
N SER C 106 -4.31 -65.61 18.84
CA SER C 106 -4.45 -64.92 17.56
C SER C 106 -3.60 -63.64 17.51
N ASP C 107 -3.16 -63.30 16.30
CA ASP C 107 -2.28 -62.15 16.06
C ASP C 107 -2.75 -60.82 16.66
N THR C 108 -4.07 -60.61 16.72
CA THR C 108 -4.65 -59.36 17.26
C THR C 108 -4.81 -59.35 18.77
N VAL C 109 -4.71 -60.51 19.43
CA VAL C 109 -4.66 -60.58 20.90
C VAL C 109 -3.23 -60.78 21.44
N LYS C 110 -2.53 -61.78 20.93
CA LYS C 110 -1.28 -62.23 21.54
C LYS C 110 -0.21 -61.16 21.67
N VAL C 111 -0.15 -60.23 20.71
CA VAL C 111 0.89 -59.19 20.69
C VAL C 111 0.85 -58.26 21.94
N TRP C 112 -0.31 -58.15 22.59
CA TRP C 112 -0.41 -57.45 23.89
C TRP C 112 -0.55 -58.38 25.10
N ASP C 113 -1.43 -59.37 25.03
CA ASP C 113 -1.63 -60.26 26.18
C ASP C 113 -0.36 -60.99 26.58
N ALA C 114 0.37 -61.53 25.61
CA ALA C 114 1.62 -62.25 25.89
C ALA C 114 2.71 -61.37 26.49
N ASN C 115 2.69 -60.06 26.17
CA ASN C 115 3.62 -59.08 26.72
C ASN C 115 3.04 -58.26 27.89
N TYR C 116 2.08 -58.82 28.62
CA TYR C 116 1.44 -58.06 29.70
C TYR C 116 2.46 -57.44 30.65
N GLN C 117 3.47 -58.22 31.06
CA GLN C 117 4.48 -57.75 32.03
C GLN C 117 5.32 -56.59 31.49
N LYS C 118 5.73 -56.70 30.23
CA LYS C 118 6.44 -55.60 29.56
C LYS C 118 5.58 -54.32 29.52
N LEU C 119 4.31 -54.46 29.15
CA LEU C 119 3.37 -53.32 29.01
C LEU C 119 2.90 -52.69 30.33
N ARG C 120 3.23 -53.30 31.47
CA ARG C 120 3.08 -52.64 32.77
C ARG C 120 4.08 -51.52 32.98
N THR C 121 5.23 -51.63 32.29
CA THR C 121 6.35 -50.73 32.45
C THR C 121 6.54 -49.77 31.27
N GLU C 122 6.37 -50.28 30.05
CA GLU C 122 6.71 -49.57 28.83
C GLU C 122 5.48 -49.25 28.00
N THR C 123 5.58 -48.14 27.26
CA THR C 123 4.55 -47.76 26.30
C THR C 123 4.50 -48.79 25.18
N PRO C 124 3.31 -49.09 24.67
CA PRO C 124 3.21 -50.12 23.65
C PRO C 124 3.73 -49.64 22.30
N PRO C 125 4.22 -50.56 21.46
CA PRO C 125 4.47 -50.17 20.07
C PRO C 125 3.14 -49.88 19.36
N ALA C 126 3.21 -49.30 18.16
CA ALA C 126 2.00 -48.83 17.46
C ALA C 126 1.04 -49.96 17.06
N GLU C 127 1.57 -51.15 16.82
CA GLU C 127 0.78 -52.27 16.28
C GLU C 127 0.07 -53.08 17.36
N ALA C 128 0.58 -53.03 18.59
CA ALA C 128 -0.13 -53.58 19.74
C ALA C 128 -1.38 -52.75 20.07
N LEU C 129 -1.33 -51.46 19.79
CA LEU C 129 -2.51 -50.60 19.94
C LEU C 129 -3.57 -50.95 18.90
N LEU C 130 -3.18 -51.00 17.63
CA LEU C 130 -4.07 -51.40 16.53
C LEU C 130 -4.63 -52.81 16.72
N ALA C 131 -3.76 -53.70 17.19
CA ALA C 131 -4.15 -55.08 17.51
C ALA C 131 -5.29 -55.10 18.54
N TYR C 132 -5.09 -54.39 19.65
CA TYR C 132 -6.14 -54.27 20.68
C TYR C 132 -7.47 -53.77 20.11
N GLN C 133 -7.43 -52.74 19.27
CA GLN C 133 -8.65 -52.15 18.75
C GLN C 133 -9.44 -53.11 17.83
N LYS C 134 -8.73 -53.87 16.99
CA LYS C 134 -9.34 -54.96 16.21
C LYS C 134 -9.89 -56.07 17.11
N ALA C 135 -9.12 -56.49 18.11
CA ALA C 135 -9.56 -57.56 18.98
C ALA C 135 -10.91 -57.19 19.60
N ALA C 136 -11.02 -55.96 20.11
CA ALA C 136 -12.26 -55.47 20.72
C ALA C 136 -13.43 -55.59 19.73
N LEU C 137 -13.23 -55.12 18.50
CA LEU C 137 -14.26 -55.22 17.46
C LEU C 137 -14.59 -56.67 17.07
N ASN C 138 -13.63 -57.59 17.16
CA ASN C 138 -13.91 -59.02 16.97
C ASN C 138 -14.65 -59.66 18.14
N TRP C 139 -14.28 -59.28 19.36
CA TRP C 139 -14.94 -59.77 20.57
C TRP C 139 -16.43 -59.42 20.57
N ARG C 140 -16.74 -58.18 20.19
CA ARG C 140 -18.13 -57.71 20.13
C ARG C 140 -18.94 -58.44 19.07
N LYS C 141 -18.35 -58.67 17.90
CA LYS C 141 -19.01 -59.46 16.84
C LYS C 141 -19.21 -60.91 17.27
N ASP C 142 -18.14 -61.54 17.75
CA ASP C 142 -18.15 -62.98 18.09
C ASP C 142 -19.03 -63.36 19.29
N VAL C 143 -19.17 -62.43 20.24
CA VAL C 143 -19.99 -62.61 21.46
C VAL C 143 -21.45 -62.19 21.25
N GLY C 144 -21.74 -61.51 20.14
CA GLY C 144 -23.07 -60.95 19.91
C GLY C 144 -23.43 -59.89 20.94
N PHE C 145 -22.47 -59.01 21.29
CA PHE C 145 -22.64 -58.04 22.37
C PHE C 145 -23.63 -56.92 22.02
N SER C 146 -23.59 -56.45 20.79
CA SER C 146 -24.55 -55.45 20.33
C SER C 146 -25.98 -55.99 20.38
N ILE C 147 -26.80 -55.39 21.24
CA ILE C 147 -28.26 -55.59 21.23
C ILE C 147 -29.02 -54.29 20.96
N GLY C 148 -28.30 -53.25 20.55
CA GLY C 148 -28.88 -51.91 20.39
C GLY C 148 -27.86 -50.80 20.23
N GLU C 149 -28.38 -49.59 20.18
CA GLU C 149 -27.59 -48.37 19.97
C GLU C 149 -26.48 -48.22 21.03
N TYR C 150 -26.82 -48.45 22.30
CA TYR C 150 -25.92 -48.21 23.43
C TYR C 150 -24.94 -49.37 23.72
N THR C 151 -24.89 -50.40 22.87
CA THR C 151 -23.88 -51.46 22.96
C THR C 151 -23.23 -51.74 21.60
N SER C 152 -23.14 -50.72 20.75
CA SER C 152 -22.72 -50.88 19.36
C SER C 152 -21.44 -50.12 19.09
N ILE C 153 -20.85 -50.36 17.93
CA ILE C 153 -19.66 -49.65 17.49
C ILE C 153 -20.16 -48.32 16.94
N LEU C 154 -19.63 -47.21 17.44
CA LEU C 154 -19.94 -45.90 16.88
C LEU C 154 -19.09 -45.64 15.64
N LYS C 155 -19.69 -45.05 14.59
N LYS C 155 -19.77 -45.31 14.54
CA LYS C 155 -18.96 -44.66 13.35
CA LYS C 155 -19.18 -44.87 13.30
C LYS C 155 -19.18 -43.20 12.97
C LYS C 155 -19.96 -43.61 13.02
N LYS C 156 -19.98 -42.48 13.75
N LYS C 156 -19.26 -42.53 12.69
CA LYS C 156 -20.39 -41.11 13.43
CA LYS C 156 -19.93 -41.27 12.47
C LYS C 156 -19.22 -40.12 13.27
C LYS C 156 -19.20 -40.14 13.16
N ALA C 157 -19.51 -38.94 12.68
CA ALA C 157 -18.64 -37.79 12.83
C ALA C 157 -18.90 -37.05 14.13
N VAL C 158 -17.88 -36.34 14.60
CA VAL C 158 -18.02 -35.39 15.71
C VAL C 158 -18.85 -34.19 15.21
N ALA C 159 -20.01 -33.96 15.81
CA ALA C 159 -20.89 -32.86 15.43
C ALA C 159 -20.23 -31.50 15.72
N ALA C 160 -20.52 -30.50 14.90
CA ALA C 160 -19.84 -29.21 14.95
C ALA C 160 -20.14 -28.39 16.23
N GLU C 161 -21.30 -28.61 16.86
CA GLU C 161 -21.70 -27.85 18.04
C GLU C 161 -22.29 -28.70 19.17
N TYR C 162 -22.05 -28.26 20.39
CA TYR C 162 -22.45 -28.95 21.62
C TYR C 162 -22.97 -27.89 22.58
N LYS C 163 -24.28 -27.90 22.83
CA LYS C 163 -24.97 -26.83 23.56
C LYS C 163 -25.08 -27.13 25.07
N VAL C 164 -24.58 -26.21 25.90
CA VAL C 164 -24.67 -26.30 27.36
C VAL C 164 -25.38 -25.06 27.93
N PRO C 165 -25.91 -25.13 29.17
CA PRO C 165 -26.51 -23.94 29.79
C PRO C 165 -25.52 -22.81 30.10
N GLY C 166 -26.03 -21.57 30.17
CA GLY C 166 -25.20 -20.38 30.42
C GLY C 166 -24.45 -20.41 31.73
N THR C 167 -25.11 -20.88 32.80
CA THR C 167 -24.47 -20.98 34.11
C THR C 167 -23.16 -21.75 34.05
N VAL C 168 -23.18 -22.89 33.36
CA VAL C 168 -22.00 -23.76 33.26
C VAL C 168 -21.02 -23.47 32.10
N ILE C 169 -21.40 -22.63 31.15
CA ILE C 169 -20.61 -22.50 29.92
C ILE C 169 -19.17 -22.03 30.14
N ASN C 170 -18.96 -21.11 31.09
CA ASN C 170 -17.61 -20.61 31.37
C ASN C 170 -16.71 -21.70 31.96
N ASN C 171 -17.25 -22.47 32.90
CA ASN C 171 -16.50 -23.58 33.50
C ASN C 171 -16.20 -24.69 32.48
N ILE C 172 -17.14 -24.96 31.56
CA ILE C 172 -16.92 -25.89 30.47
C ILE C 172 -15.79 -25.39 29.56
N LYS C 173 -15.80 -24.09 29.23
CA LYS C 173 -14.72 -23.48 28.44
C LYS C 173 -13.37 -23.53 29.14
N GLU C 174 -13.35 -23.47 30.48
CA GLU C 174 -12.12 -23.67 31.26
C GLU C 174 -11.58 -25.08 31.10
N MET C 175 -12.47 -26.08 31.09
CA MET C 175 -12.11 -27.49 30.89
C MET C 175 -11.58 -27.73 29.48
N LEU C 176 -12.36 -27.28 28.50
CA LEU C 176 -11.99 -27.39 27.09
C LEU C 176 -10.64 -26.71 26.83
N SER C 177 -10.41 -25.56 27.46
CA SER C 177 -9.14 -24.86 27.35
C SER C 177 -7.95 -25.66 27.94
N ASP C 178 -8.19 -26.35 29.06
CA ASP C 178 -7.17 -27.20 29.67
C ASP C 178 -6.92 -28.44 28.81
N MET C 179 -7.98 -28.94 28.17
CA MET C 179 -7.89 -30.07 27.26
C MET C 179 -7.14 -29.70 25.98
N ILE C 180 -7.31 -28.47 25.47
CA ILE C 180 -6.51 -27.95 24.34
C ILE C 180 -5.02 -27.94 24.72
N ARG C 181 -4.72 -27.40 25.90
CA ARG C 181 -3.34 -27.27 26.38
C ARG C 181 -2.66 -28.61 26.60
N ARG C 182 -3.42 -29.61 27.07
CA ARG C 182 -2.88 -30.96 27.28
C ARG C 182 -2.59 -31.66 25.95
N ARG C 183 -3.43 -31.43 24.94
CA ARG C 183 -3.17 -31.92 23.59
C ARG C 183 -1.92 -31.31 22.98
N ASN C 184 -1.72 -30.01 23.21
CA ASN C 184 -0.54 -29.30 22.75
C ASN C 184 0.75 -29.82 23.39
N ARG C 185 0.69 -30.29 24.63
CA ARG C 185 1.86 -30.91 25.29
C ARG C 185 2.19 -32.29 24.72
N ILE C 186 1.16 -33.06 24.37
CA ILE C 186 1.33 -34.37 23.72
C ILE C 186 2.13 -34.21 22.42
N ILE C 187 1.73 -33.24 21.60
CA ILE C 187 2.39 -32.93 20.32
C ILE C 187 3.83 -32.35 20.51
N ASN C 188 4.01 -31.63 21.62
N ASN C 188 4.03 -31.57 21.57
CA ASN C 188 5.30 -31.11 22.15
CA ASN C 188 5.33 -30.96 21.85
C ASN C 188 5.56 -29.64 21.80
C ASN C 188 6.04 -31.69 22.99
N GLY C 189 6.13 -28.90 22.76
N GLY C 189 6.52 -30.94 23.99
CA GLY C 189 6.50 -29.49 24.06
CA GLY C 189 6.37 -29.50 24.01
C GLY C 189 5.72 -29.01 25.28
C GLY C 189 5.73 -29.01 25.30
N GLY C 190 5.47 -27.71 25.38
CA GLY C 190 4.78 -27.11 26.53
C GLY C 190 4.18 -25.76 26.20
N GLY C 201 3.88 -22.44 6.19
CA GLY C 201 2.60 -22.11 5.61
C GLY C 201 1.46 -22.91 6.22
N ARG C 202 0.38 -22.22 6.58
CA ARG C 202 -0.88 -22.86 6.99
C ARG C 202 -1.95 -22.79 5.87
N GLU C 203 -1.63 -22.13 4.76
CA GLU C 203 -2.54 -22.09 3.59
C GLU C 203 -2.51 -23.40 2.79
N HIS C 204 -1.32 -24.02 2.66
CA HIS C 204 -1.22 -25.31 1.96
C HIS C 204 -1.92 -26.48 2.67
N LEU C 205 -2.25 -26.32 3.96
CA LEU C 205 -3.14 -27.25 4.67
C LEU C 205 -4.54 -27.29 4.04
N ASP C 206 -5.03 -26.14 3.57
CA ASP C 206 -6.32 -26.05 2.86
C ASP C 206 -6.28 -26.80 1.53
N TRP C 207 -5.16 -26.66 0.82
CA TRP C 207 -4.91 -27.36 -0.44
C TRP C 207 -4.85 -28.88 -0.23
N CYS C 208 -4.10 -29.30 0.78
CA CYS C 208 -3.99 -30.71 1.16
C CYS C 208 -5.36 -31.29 1.54
N ARG C 209 -6.16 -30.51 2.27
CA ARG C 209 -7.52 -30.91 2.66
C ARG C 209 -8.44 -31.02 1.44
N GLU C 210 -8.35 -30.03 0.55
CA GLU C 210 -9.06 -30.05 -0.74
C GLU C 210 -8.68 -31.25 -1.61
N PHE C 211 -7.37 -31.49 -1.72
CA PHE C 211 -6.85 -32.61 -2.49
C PHE C 211 -7.33 -33.95 -1.92
N ALA C 212 -7.14 -34.12 -0.62
CA ALA C 212 -7.57 -35.33 0.09
C ALA C 212 -9.09 -35.56 -0.02
N SER C 213 -9.87 -34.49 0.13
CA SER C 213 -11.33 -34.57 0.11
C SER C 213 -11.97 -34.96 -1.24
N GLY C 214 -11.21 -34.91 -2.33
CA GLY C 214 -11.70 -35.36 -3.64
C GLY C 214 -11.11 -34.67 -4.87
N LYS C 215 -10.70 -33.40 -4.73
CA LYS C 215 -10.18 -32.61 -5.85
C LYS C 215 -8.78 -33.09 -6.25
N PHE C 216 -8.74 -34.23 -6.92
CA PHE C 216 -7.48 -34.92 -7.26
C PHE C 216 -6.67 -34.23 -8.36
N LEU C 217 -7.36 -33.42 -9.19
CA LEU C 217 -6.71 -32.66 -10.26
C LEU C 217 -5.87 -31.48 -9.75
N ASN C 218 -6.03 -31.11 -8.48
CA ASN C 218 -5.13 -30.16 -7.80
C ASN C 218 -3.66 -30.56 -7.90
N ALA C 219 -3.38 -31.86 -7.74
CA ALA C 219 -2.01 -32.40 -7.75
C ALA C 219 -1.15 -31.97 -8.95
N PHE C 220 -1.78 -31.74 -10.11
CA PHE C 220 -1.07 -31.21 -11.28
C PHE C 220 -0.45 -29.82 -11.04
N ASN C 221 -1.07 -29.03 -10.16
CA ASN C 221 -0.66 -27.65 -9.92
C ASN C 221 -0.48 -27.35 -8.41
N PRO C 222 0.60 -27.88 -7.79
CA PRO C 222 0.82 -27.63 -6.36
C PRO C 222 1.35 -26.21 -6.11
N PRO C 223 0.85 -25.52 -5.06
CA PRO C 223 1.22 -24.12 -4.81
C PRO C 223 2.69 -23.91 -4.42
N TRP C 224 3.25 -24.85 -3.65
CA TRP C 224 4.66 -24.78 -3.24
C TRP C 224 5.66 -25.03 -4.38
N GLY C 225 5.29 -25.87 -5.35
CA GLY C 225 6.16 -26.19 -6.49
C GLY C 225 5.90 -27.58 -7.04
N GLU C 226 6.96 -28.38 -7.18
CA GLU C 226 6.82 -29.79 -7.60
C GLU C 226 6.13 -30.60 -6.51
N ILE C 227 5.39 -31.63 -6.92
CA ILE C 227 4.56 -32.45 -6.01
C ILE C 227 5.37 -33.11 -4.88
N ASN C 228 6.62 -33.45 -5.15
CA ASN C 228 7.51 -34.07 -4.17
C ASN C 228 8.58 -33.14 -3.60
N LYS C 229 8.28 -31.84 -3.50
CA LYS C 229 9.22 -30.89 -2.90
C LYS C 229 9.29 -31.14 -1.40
N ALA C 230 10.50 -31.33 -0.89
CA ALA C 230 10.73 -31.58 0.52
C ALA C 230 10.77 -30.26 1.30
N GLY C 231 10.23 -30.27 2.52
CA GLY C 231 10.35 -29.15 3.43
C GLY C 231 11.71 -29.12 4.11
N LYS C 232 11.82 -28.34 5.18
CA LYS C 232 13.07 -28.23 5.94
C LYS C 232 13.49 -29.56 6.61
N SER C 233 12.53 -30.43 6.92
CA SER C 233 12.81 -31.75 7.49
C SER C 233 13.50 -32.72 6.53
N GLY C 234 13.30 -32.54 5.23
CA GLY C 234 13.74 -33.51 4.22
C GLY C 234 12.67 -34.56 3.92
N TYR C 235 11.47 -34.38 4.44
CA TYR C 235 10.29 -35.17 4.08
C TYR C 235 9.45 -34.36 3.09
N PRO C 236 8.75 -35.04 2.16
CA PRO C 236 7.86 -34.31 1.23
C PRO C 236 6.79 -33.46 1.94
N LEU C 237 6.54 -32.26 1.42
CA LEU C 237 5.53 -31.35 1.98
C LEU C 237 4.10 -31.93 1.95
N LEU C 238 3.84 -32.82 0.98
CA LEU C 238 2.58 -33.54 0.92
C LEU C 238 2.45 -34.55 2.06
N ALA C 239 3.54 -35.23 2.37
CA ALA C 239 3.58 -36.19 3.49
C ALA C 239 3.40 -35.50 4.84
N THR C 240 4.13 -34.41 5.04
CA THR C 240 4.03 -33.57 6.25
C THR C 240 2.63 -32.94 6.37
N GLY C 241 2.14 -32.37 5.27
CA GLY C 241 0.82 -31.74 5.23
C GLY C 241 -0.32 -32.69 5.58
N LEU C 242 -0.22 -33.93 5.12
CA LEU C 242 -1.18 -34.97 5.46
C LEU C 242 -0.97 -35.50 6.88
N ALA C 243 0.27 -35.55 7.35
CA ALA C 243 0.57 -35.98 8.72
C ALA C 243 -0.02 -35.05 9.78
N LYS C 244 0.04 -33.74 9.53
CA LYS C 244 -0.56 -32.75 10.43
C LYS C 244 -2.09 -32.75 10.33
N LEU C 245 -2.64 -32.95 9.13
CA LEU C 245 -4.09 -33.07 8.93
C LEU C 245 -4.72 -34.29 9.63
N VAL C 246 -3.91 -35.33 9.87
CA VAL C 246 -4.33 -36.47 10.71
C VAL C 246 -4.47 -36.01 12.17
N GLU C 247 -3.53 -35.21 12.66
CA GLU C 247 -3.60 -34.68 14.03
C GLU C 247 -4.79 -33.74 14.24
N LEU C 248 -5.08 -32.87 13.27
CA LEU C 248 -6.12 -31.85 13.45
C LEU C 248 -7.56 -32.37 13.23
N GLU C 249 -7.78 -33.12 12.14
CA GLU C 249 -9.13 -33.65 11.83
C GLU C 249 -9.31 -35.17 12.00
N GLY C 250 -8.25 -35.89 12.41
CA GLY C 250 -8.33 -37.33 12.63
C GLY C 250 -7.93 -38.17 11.43
N LYS C 251 -7.80 -39.47 11.66
CA LYS C 251 -7.34 -40.44 10.65
C LYS C 251 -8.28 -40.73 9.46
N ASP C 252 -9.46 -40.09 9.44
CA ASP C 252 -10.38 -40.19 8.30
C ASP C 252 -9.85 -39.48 7.03
N VAL C 253 -9.04 -38.43 7.23
CA VAL C 253 -8.43 -37.68 6.12
C VAL C 253 -7.58 -38.55 5.17
N MET C 254 -6.88 -39.54 5.73
CA MET C 254 -6.05 -40.46 4.94
C MET C 254 -6.87 -41.44 4.10
N ASP C 255 -8.02 -41.85 4.63
CA ASP C 255 -8.94 -42.74 3.90
C ASP C 255 -9.54 -42.04 2.67
N LYS C 256 -9.85 -40.75 2.81
CA LYS C 256 -10.26 -39.91 1.69
C LYS C 256 -9.11 -39.65 0.72
N ALA C 257 -7.91 -39.44 1.26
CA ALA C 257 -6.70 -39.26 0.47
C ALA C 257 -6.37 -40.47 -0.40
N LYS C 258 -6.58 -41.68 0.12
CA LYS C 258 -6.35 -42.92 -0.65
C LYS C 258 -7.34 -43.08 -1.80
N ALA C 259 -8.59 -42.68 -1.59
CA ALA C 259 -9.60 -42.66 -2.66
C ALA C 259 -9.26 -41.60 -3.72
N SER C 260 -8.88 -40.42 -3.24
CA SER C 260 -8.49 -39.30 -4.12
C SER C 260 -7.34 -39.68 -5.05
N ILE C 261 -6.35 -40.38 -4.52
CA ILE C 261 -5.20 -40.84 -5.28
C ILE C 261 -5.58 -41.91 -6.31
N ALA C 262 -6.50 -42.81 -5.93
CA ALA C 262 -7.00 -43.83 -6.84
C ALA C 262 -7.79 -43.23 -8.02
N GLN C 263 -8.53 -42.15 -7.75
CA GLN C 263 -9.19 -41.37 -8.82
C GLN C 263 -8.17 -40.71 -9.76
N LEU C 264 -7.06 -40.25 -9.19
CA LEU C 264 -5.94 -39.67 -9.98
C LEU C 264 -5.33 -40.71 -10.92
N GLU C 265 -5.17 -41.95 -10.44
CA GLU C 265 -4.70 -43.07 -11.27
C GLU C 265 -5.67 -43.40 -12.40
N GLY C 266 -6.95 -43.45 -12.07
CA GLY C 266 -8.01 -43.66 -13.05
C GLY C 266 -8.08 -42.59 -14.13
N TRP C 267 -7.82 -41.34 -13.75
CA TRP C 267 -7.82 -40.22 -14.69
C TRP C 267 -6.62 -40.24 -15.64
N VAL C 268 -5.44 -40.55 -15.12
CA VAL C 268 -4.20 -40.58 -15.92
C VAL C 268 -4.23 -41.66 -17.01
N LYS C 269 -4.76 -42.84 -16.67
CA LYS C 269 -4.88 -43.95 -17.62
C LYS C 269 -6.06 -43.77 -18.60
N GLU C 270 -7.15 -43.19 -18.13
CA GLU C 270 -8.28 -42.79 -19.00
C GLU C 270 -7.84 -41.74 -20.03
N ASN C 271 -7.03 -40.79 -19.59
CA ASN C 271 -6.65 -39.62 -20.39
C ASN C 271 -5.13 -39.55 -20.60
N LYS C 272 -4.56 -40.64 -21.10
CA LYS C 272 -3.12 -40.74 -21.38
C LYS C 272 -2.65 -39.81 -22.51
N ASP C 273 -3.54 -39.51 -23.45
CA ASP C 273 -3.25 -38.61 -24.57
C ASP C 273 -3.02 -37.15 -24.15
N GLN C 274 -3.67 -36.72 -23.06
CA GLN C 274 -3.57 -35.33 -22.58
C GLN C 274 -2.26 -35.06 -21.80
N VAL C 275 -1.56 -36.12 -21.37
CA VAL C 275 -0.39 -35.99 -20.47
C VAL C 275 0.86 -36.67 -21.01
N ASP C 276 2.03 -36.18 -20.57
CA ASP C 276 3.30 -36.87 -20.78
C ASP C 276 3.36 -38.03 -19.80
N GLN C 277 3.39 -39.26 -20.32
CA GLN C 277 3.26 -40.46 -19.48
C GLN C 277 4.40 -40.69 -18.50
N ASP C 278 5.62 -40.27 -18.86
CA ASP C 278 6.78 -40.31 -17.94
C ASP C 278 6.54 -39.39 -16.73
N LYS C 279 6.21 -38.13 -17.00
CA LYS C 279 5.93 -37.14 -15.95
C LYS C 279 4.64 -37.44 -15.19
N ALA C 280 3.67 -38.07 -15.83
CA ALA C 280 2.44 -38.52 -15.15
C ALA C 280 2.69 -39.69 -14.20
N GLU C 281 3.58 -40.61 -14.58
CA GLU C 281 3.99 -41.71 -13.70
C GLU C 281 4.89 -41.21 -12.57
N ASP C 282 5.76 -40.25 -12.85
CA ASP C 282 6.59 -39.61 -11.81
C ASP C 282 5.74 -38.96 -10.72
N LEU C 283 4.70 -38.24 -11.16
CA LEU C 283 3.72 -37.62 -10.26
C LEU C 283 3.09 -38.65 -9.32
N LEU C 284 2.51 -39.70 -9.90
CA LEU C 284 1.76 -40.70 -9.14
C LEU C 284 2.62 -41.52 -8.18
N LYS C 285 3.81 -41.92 -8.63
CA LYS C 285 4.75 -42.65 -7.76
C LYS C 285 5.20 -41.81 -6.57
N GLY C 286 5.40 -40.52 -6.80
CA GLY C 286 5.72 -39.57 -5.73
C GLY C 286 4.59 -39.31 -4.75
N VAL C 287 3.36 -39.30 -5.25
CA VAL C 287 2.16 -39.13 -4.43
C VAL C 287 1.95 -40.34 -3.51
N ARG C 288 2.11 -41.55 -4.05
CA ARG C 288 2.05 -42.78 -3.26
C ARG C 288 3.20 -42.90 -2.26
N GLU C 289 4.39 -42.46 -2.66
CA GLU C 289 5.54 -42.35 -1.72
C GLU C 289 5.23 -41.37 -0.59
N SER C 290 4.61 -40.24 -0.93
CA SER C 290 4.19 -39.25 0.07
C SER C 290 3.04 -39.73 0.96
N TYR C 291 2.10 -40.48 0.38
CA TYR C 291 0.98 -41.05 1.15
C TYR C 291 1.46 -42.11 2.16
N LYS C 292 2.34 -43.01 1.72
CA LYS C 292 2.91 -44.03 2.62
C LYS C 292 3.82 -43.43 3.69
N THR C 293 4.57 -42.39 3.35
CA THR C 293 5.36 -41.65 4.32
C THR C 293 4.46 -40.97 5.37
N ALA C 294 3.32 -40.46 4.94
CA ALA C 294 2.33 -39.86 5.84
C ALA C 294 1.72 -40.86 6.85
N LEU C 295 1.56 -42.12 6.42
CA LEU C 295 1.12 -43.20 7.33
C LEU C 295 2.17 -43.49 8.39
N ALA C 296 3.42 -43.66 7.95
CA ALA C 296 4.55 -43.91 8.86
C ALA C 296 4.67 -42.83 9.93
N LEU C 297 4.56 -41.57 9.53
CA LEU C 297 4.59 -40.43 10.48
C LEU C 297 3.38 -40.41 11.44
N ALA C 298 2.20 -40.80 10.96
CA ALA C 298 0.99 -40.81 11.77
C ALA C 298 1.01 -41.87 12.88
N LYS C 299 1.34 -43.12 12.52
CA LYS C 299 1.49 -44.21 13.50
C LYS C 299 2.64 -43.98 14.47
N GLN C 300 3.66 -43.27 14.01
CA GLN C 300 4.84 -42.91 14.82
C GLN C 300 4.56 -41.79 15.83
N SER C 301 3.57 -40.95 15.55
CA SER C 301 3.33 -39.73 16.34
C SER C 301 2.78 -40.01 17.74
N ASN C 302 2.94 -39.01 18.60
CA ASN C 302 2.36 -39.04 19.95
C ASN C 302 0.84 -38.94 19.95
N ALA C 303 0.28 -38.22 18.97
CA ALA C 303 -1.17 -38.08 18.84
C ALA C 303 -1.86 -39.43 18.62
N PHE C 304 -1.25 -40.31 17.82
CA PHE C 304 -1.79 -41.65 17.59
C PHE C 304 -1.59 -42.57 18.79
N ARG C 305 -0.39 -42.53 19.38
CA ARG C 305 -0.09 -43.34 20.57
C ARG C 305 -1.07 -43.07 21.72
N ALA C 306 -1.57 -41.83 21.82
CA ALA C 306 -2.61 -41.46 22.78
C ALA C 306 -3.98 -41.96 22.33
N GLN C 307 -4.37 -41.59 21.11
CA GLN C 307 -5.67 -41.99 20.52
C GLN C 307 -5.86 -43.50 20.49
N GLY C 308 -4.83 -44.22 20.04
CA GLY C 308 -4.84 -45.69 19.96
C GLY C 308 -4.88 -46.42 21.29
N ALA C 309 -4.49 -45.74 22.36
CA ALA C 309 -4.54 -46.29 23.73
C ALA C 309 -5.90 -46.14 24.45
N GLN C 310 -6.94 -45.75 23.71
CA GLN C 310 -8.29 -45.54 24.25
C GLN C 310 -8.92 -46.89 24.63
N ILE C 311 -9.44 -46.97 25.85
CA ILE C 311 -9.99 -48.22 26.38
C ILE C 311 -11.38 -48.47 25.79
N ASP C 312 -11.61 -49.72 25.37
CA ASP C 312 -12.96 -50.25 25.16
C ASP C 312 -13.39 -50.84 26.50
N THR C 313 -14.18 -50.06 27.24
CA THR C 313 -14.56 -50.38 28.63
C THR C 313 -14.92 -51.84 28.87
N VAL C 314 -15.93 -52.33 28.17
CA VAL C 314 -16.44 -53.69 28.38
C VAL C 314 -15.46 -54.76 27.91
N PHE C 315 -14.70 -54.49 26.84
CA PHE C 315 -13.71 -55.46 26.33
C PHE C 315 -12.56 -55.69 27.30
N SER C 316 -11.90 -54.60 27.71
CA SER C 316 -10.84 -54.67 28.72
C SER C 316 -11.37 -55.21 30.05
N SER C 317 -12.62 -54.88 30.37
CA SER C 317 -13.25 -55.37 31.60
C SER C 317 -13.38 -56.89 31.61
N TYR C 318 -13.80 -57.45 30.49
CA TYR C 318 -13.81 -58.91 30.32
C TYR C 318 -12.42 -59.50 30.26
N TYR C 319 -11.49 -58.80 29.62
CA TYR C 319 -10.08 -59.24 29.59
C TYR C 319 -9.47 -59.40 30.98
N TRP C 320 -9.77 -58.46 31.87
CA TRP C 320 -9.22 -58.47 33.22
C TRP C 320 -9.82 -59.57 34.10
N LEU C 321 -11.11 -59.86 33.93
CA LEU C 321 -11.72 -60.98 34.63
C LEU C 321 -11.10 -62.30 34.17
N TRP C 322 -10.92 -62.45 32.86
CA TRP C 322 -10.26 -63.63 32.30
C TRP C 322 -8.80 -63.76 32.75
N LYS C 323 -8.06 -62.65 32.76
CA LYS C 323 -6.66 -62.65 33.23
C LYS C 323 -6.50 -63.07 34.71
N ALA C 324 -7.49 -62.71 35.53
CA ALA C 324 -7.47 -63.05 36.95
C ALA C 324 -8.16 -64.39 37.29
N GLY C 325 -8.42 -65.22 36.28
CA GLY C 325 -8.97 -66.56 36.48
C GLY C 325 -10.43 -66.63 36.87
N VAL C 326 -11.18 -65.55 36.62
CA VAL C 326 -12.62 -65.50 36.91
C VAL C 326 -13.34 -66.37 35.89
N THR C 327 -14.35 -67.10 36.37
CA THR C 327 -15.20 -67.95 35.54
C THR C 327 -16.66 -67.55 35.80
N PRO C 328 -17.62 -68.15 35.07
CA PRO C 328 -19.03 -67.92 35.40
C PRO C 328 -19.47 -68.29 36.83
N VAL C 329 -18.70 -69.16 37.49
CA VAL C 329 -18.98 -69.55 38.89
C VAL C 329 -18.55 -68.46 39.88
N THR C 330 -17.39 -67.84 39.63
CA THR C 330 -16.86 -66.76 40.47
C THR C 330 -17.32 -65.36 40.07
N PHE C 331 -17.89 -65.19 38.88
CA PHE C 331 -18.35 -63.87 38.42
C PHE C 331 -19.35 -63.18 39.37
N PRO C 332 -20.30 -63.93 39.96
CA PRO C 332 -21.18 -63.32 40.97
C PRO C 332 -20.45 -62.62 42.13
N SER C 333 -19.38 -63.23 42.64
CA SER C 333 -18.55 -62.60 43.68
C SER C 333 -17.89 -61.30 43.20
N VAL C 334 -17.47 -61.27 41.93
CA VAL C 334 -16.89 -60.06 41.33
C VAL C 334 -17.92 -58.93 41.27
N SER C 335 -19.12 -59.23 40.75
CA SER C 335 -20.21 -58.26 40.67
C SER C 335 -20.62 -57.73 42.06
N GLN C 336 -20.61 -58.62 43.04
CA GLN C 336 -20.96 -58.26 44.41
C GLN C 336 -19.92 -57.33 45.02
N PHE C 337 -18.65 -57.71 44.86
CA PHE C 337 -17.54 -56.88 45.30
C PHE C 337 -17.64 -55.46 44.70
N LEU C 338 -17.79 -55.39 43.38
CA LEU C 338 -17.85 -54.10 42.67
C LEU C 338 -19.10 -53.27 42.99
N PHE C 339 -20.20 -53.95 43.32
CA PHE C 339 -21.43 -53.27 43.76
C PHE C 339 -21.24 -52.58 45.11
N GLU C 340 -20.69 -53.31 46.08
CA GLU C 340 -20.42 -52.77 47.41
C GLU C 340 -19.34 -51.69 47.36
N LEU C 341 -18.39 -51.86 46.44
CA LEU C 341 -17.31 -50.88 46.22
C LEU C 341 -17.83 -49.49 45.86
N GLY C 342 -18.89 -49.43 45.05
CA GLY C 342 -19.49 -48.17 44.64
C GLY C 342 -20.53 -47.58 45.58
N LYS C 343 -20.72 -48.20 46.75
CA LYS C 343 -21.64 -47.68 47.77
C LYS C 343 -20.94 -46.86 48.86
N ASN C 344 -19.77 -47.33 49.31
CA ASN C 344 -19.03 -46.61 50.37
C ASN C 344 -17.99 -45.63 49.78
N PRO C 345 -17.90 -44.41 50.35
CA PRO C 345 -16.80 -43.47 50.06
C PRO C 345 -15.42 -44.09 50.31
N LYS C 346 -14.93 -44.80 49.30
CA LYS C 346 -13.72 -45.59 49.40
C LYS C 346 -12.60 -44.96 48.59
N GLY C 347 -11.44 -44.76 49.22
CA GLY C 347 -10.23 -44.37 48.51
C GLY C 347 -9.67 -45.54 47.73
N GLN C 348 -8.80 -45.25 46.77
CA GLN C 348 -8.20 -46.29 45.92
C GLN C 348 -7.32 -47.28 46.69
N LYS C 349 -6.63 -46.80 47.73
CA LYS C 349 -5.79 -47.67 48.56
C LYS C 349 -6.56 -48.48 49.62
N LYS C 350 -7.79 -48.06 49.93
CA LYS C 350 -8.70 -48.87 50.74
C LYS C 350 -9.22 -50.09 49.94
N MET C 351 -9.54 -49.86 48.66
CA MET C 351 -9.95 -50.92 47.71
C MET C 351 -8.87 -51.99 47.48
N GLN C 352 -7.62 -51.56 47.40
CA GLN C 352 -6.50 -52.46 47.21
C GLN C 352 -6.37 -53.45 48.36
N LYS C 353 -6.52 -52.96 49.59
CA LYS C 353 -6.53 -53.82 50.78
C LYS C 353 -7.70 -54.81 50.75
N ALA C 354 -8.86 -54.36 50.29
CA ALA C 354 -10.05 -55.23 50.15
C ALA C 354 -9.85 -56.35 49.13
N LEU C 355 -9.15 -56.05 48.03
CA LEU C 355 -8.76 -57.08 47.05
C LEU C 355 -7.71 -58.05 47.61
N ILE C 356 -6.82 -57.55 48.45
CA ILE C 356 -5.86 -58.41 49.16
C ILE C 356 -6.55 -59.25 50.25
N ASN C 357 -7.40 -58.63 51.07
CA ASN C 357 -8.03 -59.32 52.20
C ASN C 357 -9.11 -60.35 51.86
N THR C 358 -9.81 -60.17 50.75
CA THR C 358 -10.82 -61.14 50.31
C THR C 358 -10.18 -62.53 50.12
N PRO C 359 -10.84 -63.59 50.63
CA PRO C 359 -10.28 -64.93 50.46
C PRO C 359 -10.34 -65.47 49.01
N LEU C 360 -11.15 -64.85 48.17
CA LEU C 360 -11.28 -65.25 46.76
C LEU C 360 -9.98 -65.02 45.99
N LYS C 361 -9.57 -66.03 45.23
CA LYS C 361 -8.28 -66.01 44.54
C LYS C 361 -8.16 -64.94 43.46
N TRP C 362 -9.28 -64.61 42.80
CA TRP C 362 -9.26 -63.55 41.77
C TRP C 362 -8.87 -62.20 42.34
N GLY C 363 -9.18 -61.94 43.61
CA GLY C 363 -8.81 -60.68 44.27
C GLY C 363 -7.33 -60.36 44.26
N LYS C 364 -6.51 -61.34 44.67
CA LYS C 364 -5.05 -61.17 44.69
C LYS C 364 -4.50 -61.13 43.26
N ARG C 365 -5.00 -62.03 42.41
CA ARG C 365 -4.61 -62.05 41.00
CA ARG C 365 -4.62 -62.06 40.99
C ARG C 365 -4.95 -60.73 40.28
N LEU C 366 -6.08 -60.13 40.65
CA LEU C 366 -6.50 -58.84 40.07
C LEU C 366 -5.58 -57.69 40.52
N ILE C 367 -5.17 -57.74 41.78
CA ILE C 367 -4.26 -56.72 42.35
C ILE C 367 -2.86 -56.84 41.73
N GLU C 368 -2.45 -58.07 41.41
CA GLU C 368 -1.15 -58.33 40.77
C GLU C 368 -1.04 -57.88 39.30
N LEU C 369 -2.16 -57.54 38.66
CA LEU C 369 -2.17 -56.96 37.32
C LEU C 369 -1.95 -55.44 37.30
N PHE C 370 -2.09 -54.78 38.45
CA PHE C 370 -1.98 -53.31 38.56
C PHE C 370 -0.60 -52.82 38.13
N ALA C 371 -0.56 -51.73 37.36
CA ALA C 371 0.70 -51.15 36.89
C ALA C 371 1.03 -49.80 37.56
N ASP C 372 0.52 -49.60 38.76
CA ASP C 372 0.56 -48.27 39.41
C ASP C 372 1.99 -47.78 39.72
N ASN C 373 2.85 -48.67 40.19
CA ASN C 373 4.16 -48.26 40.72
C ASN C 373 5.34 -48.36 39.76
N ASP C 374 5.14 -48.91 38.57
CA ASP C 374 6.25 -49.22 37.64
C ASP C 374 6.13 -48.60 36.22
N PHE C 375 5.16 -47.70 36.02
CA PHE C 375 4.96 -47.03 34.73
C PHE C 375 5.36 -45.56 34.86
N THR C 376 6.56 -45.23 34.38
CA THR C 376 7.13 -43.87 34.53
C THR C 376 6.53 -42.86 33.54
N GLU C 377 6.24 -43.33 32.32
CA GLU C 377 5.69 -42.48 31.25
C GLU C 377 4.28 -41.97 31.58
N ASN C 378 3.82 -40.99 30.79
CA ASN C 378 2.46 -40.44 30.95
C ASN C 378 1.42 -41.55 30.79
N ARG C 379 0.46 -41.60 31.71
CA ARG C 379 -0.55 -42.65 31.74
C ARG C 379 -1.48 -42.70 30.52
N ILE C 380 -1.61 -41.58 29.81
CA ILE C 380 -2.37 -41.54 28.56
C ILE C 380 -1.81 -42.51 27.50
N TYR C 381 -0.50 -42.78 27.54
CA TYR C 381 0.15 -43.73 26.62
C TYR C 381 0.09 -45.20 27.02
N MET C 382 -0.38 -45.51 28.24
CA MET C 382 -0.42 -46.89 28.71
C MET C 382 -1.38 -47.73 27.88
N HIS C 383 -0.98 -48.96 27.55
CA HIS C 383 -1.78 -49.83 26.70
C HIS C 383 -3.08 -50.21 27.42
N PRO C 384 -4.24 -50.06 26.76
CA PRO C 384 -5.56 -50.19 27.42
C PRO C 384 -5.94 -51.57 27.99
N CYS C 385 -5.14 -52.60 27.71
CA CYS C 385 -5.26 -53.92 28.34
C CYS C 385 -4.65 -53.97 29.75
N VAL C 386 -3.86 -52.97 30.12
CA VAL C 386 -3.17 -52.94 31.42
C VAL C 386 -4.06 -52.34 32.52
N LEU C 387 -4.23 -53.07 33.62
CA LEU C 387 -5.06 -52.61 34.73
C LEU C 387 -4.29 -51.66 35.66
N THR C 388 -5.03 -50.71 36.23
CA THR C 388 -4.56 -49.83 37.30
C THR C 388 -5.70 -49.59 38.29
N SER C 389 -5.40 -48.96 39.42
CA SER C 389 -6.40 -48.62 40.44
C SER C 389 -7.49 -47.73 39.86
N GLY C 390 -7.08 -46.72 39.10
CA GLY C 390 -8.00 -45.82 38.41
C GLY C 390 -8.88 -46.52 37.39
N ARG C 391 -8.30 -47.50 36.70
CA ARG C 391 -9.03 -48.28 35.70
C ARG C 391 -9.99 -49.33 36.28
N MET C 392 -10.01 -49.52 37.59
CA MET C 392 -11.03 -50.36 38.24
C MET C 392 -12.46 -49.84 38.01
N SER C 393 -12.59 -48.53 37.73
CA SER C 393 -13.87 -47.93 37.33
C SER C 393 -14.47 -48.55 36.06
N GLU C 394 -13.61 -49.00 35.15
CA GLU C 394 -14.05 -49.71 33.94
C GLU C 394 -14.82 -50.98 34.32
N LEU C 395 -14.21 -51.78 35.21
CA LEU C 395 -14.86 -52.97 35.75
C LEU C 395 -16.12 -52.62 36.53
N GLY C 396 -16.06 -51.53 37.31
CA GLY C 396 -17.18 -51.07 38.11
C GLY C 396 -18.44 -50.80 37.33
N ILE C 397 -18.34 -49.98 36.28
CA ILE C 397 -19.48 -49.68 35.41
C ILE C 397 -19.99 -50.90 34.64
N SER C 398 -19.06 -51.77 34.23
CA SER C 398 -19.40 -53.00 33.50
C SER C 398 -20.22 -53.99 34.33
N PHE C 399 -19.76 -54.27 35.55
CA PHE C 399 -20.29 -55.37 36.37
C PHE C 399 -20.78 -55.00 37.78
N GLY C 400 -20.76 -53.71 38.13
CA GLY C 400 -21.01 -53.27 39.50
C GLY C 400 -22.23 -52.40 39.78
N ALA C 401 -22.98 -51.99 38.76
CA ALA C 401 -24.21 -51.21 38.98
C ALA C 401 -25.43 -52.08 39.32
N VAL C 402 -25.45 -53.32 38.84
CA VAL C 402 -26.49 -54.29 39.17
C VAL C 402 -25.83 -55.55 39.73
N PRO C 403 -26.02 -55.85 41.03
CA PRO C 403 -25.39 -57.01 41.62
C PRO C 403 -26.14 -58.27 41.22
N VAL C 404 -25.47 -59.13 40.46
CA VAL C 404 -26.13 -60.27 39.81
C VAL C 404 -26.69 -61.33 40.78
N THR C 405 -26.14 -61.39 41.99
CA THR C 405 -26.64 -62.29 43.04
C THR C 405 -28.02 -61.86 43.55
N SER C 406 -28.29 -60.55 43.50
CA SER C 406 -29.54 -59.98 43.99
C SER C 406 -29.89 -58.68 43.23
N PRO C 407 -30.28 -58.79 41.93
CA PRO C 407 -30.45 -57.62 41.03
C PRO C 407 -31.36 -56.49 41.53
N ASP C 408 -32.39 -56.82 42.31
CA ASP C 408 -33.27 -55.82 42.90
C ASP C 408 -32.53 -54.78 43.77
N ASP C 409 -31.39 -55.18 44.35
CA ASP C 409 -30.55 -54.27 45.14
C ASP C 409 -29.97 -53.10 44.35
N ALA C 410 -29.90 -53.22 43.02
CA ALA C 410 -29.64 -52.09 42.12
C ALA C 410 -30.39 -50.81 42.51
N ALA C 411 -31.61 -50.95 43.04
CA ALA C 411 -32.40 -49.86 43.62
C ALA C 411 -31.64 -48.98 44.63
N GLN C 412 -30.88 -49.63 45.53
CA GLN C 412 -30.04 -48.92 46.50
C GLN C 412 -29.07 -47.96 45.81
N GLY C 413 -28.55 -48.38 44.66
CA GLY C 413 -27.66 -47.57 43.85
C GLY C 413 -26.21 -47.80 44.21
N SER C 414 -25.37 -47.84 43.16
CA SER C 414 -23.93 -48.00 43.32
C SER C 414 -23.27 -47.01 42.38
N GLY C 415 -22.43 -46.14 42.93
CA GLY C 415 -21.81 -45.07 42.17
C GLY C 415 -20.64 -45.54 41.33
N HIS C 416 -20.68 -45.25 40.03
CA HIS C 416 -19.60 -45.56 39.09
C HIS C 416 -19.42 -44.41 38.11
N THR C 417 -18.21 -43.87 38.02
CA THR C 417 -17.94 -42.64 37.28
C THR C 417 -18.50 -42.62 35.87
N LYS C 418 -18.35 -43.73 35.14
CA LYS C 418 -18.73 -43.80 33.73
C LYS C 418 -20.25 -43.79 33.49
N ALA C 419 -21.03 -43.98 34.57
CA ALA C 419 -22.49 -43.78 34.52
C ALA C 419 -22.92 -42.34 34.16
N VAL C 420 -22.03 -41.37 34.33
CA VAL C 420 -22.24 -39.97 33.89
C VAL C 420 -22.61 -39.85 32.40
N LEU C 421 -22.06 -40.75 31.57
CA LEU C 421 -22.37 -40.78 30.13
C LEU C 421 -23.82 -41.20 29.81
N ASN C 422 -24.52 -41.77 30.78
CA ASN C 422 -25.94 -42.09 30.64
C ASN C 422 -26.88 -40.90 30.85
N TYR C 423 -26.39 -39.80 31.43
CA TYR C 423 -27.19 -38.57 31.52
C TYR C 423 -27.42 -38.01 30.11
N LYS C 424 -28.63 -37.50 29.86
CA LYS C 424 -28.96 -36.96 28.55
C LYS C 424 -28.14 -35.72 28.24
N THR C 425 -28.01 -35.45 26.94
CA THR C 425 -27.23 -34.32 26.45
C THR C 425 -28.14 -33.20 25.91
N LYS C 426 -29.45 -33.41 25.95
CA LYS C 426 -30.40 -32.61 25.16
C LYS C 426 -30.73 -31.28 25.85
N THR C 427 -30.89 -30.24 25.03
CA THR C 427 -31.29 -28.91 25.50
C THR C 427 -32.70 -28.90 26.09
N GLU C 428 -33.53 -29.85 25.65
CA GLU C 428 -34.88 -30.06 26.18
C GLU C 428 -34.95 -30.28 27.71
N VAL C 429 -33.91 -30.91 28.29
CA VAL C 429 -33.81 -31.11 29.75
C VAL C 429 -32.54 -30.49 30.37
N GLY C 430 -31.92 -29.55 29.66
CA GLY C 430 -30.83 -28.73 30.21
C GLY C 430 -29.42 -29.30 30.15
N ASN C 431 -29.22 -30.36 29.36
CA ASN C 431 -27.93 -31.05 29.25
C ASN C 431 -27.33 -31.40 30.64
N PRO C 432 -28.01 -32.32 31.37
CA PRO C 432 -27.53 -32.71 32.69
C PRO C 432 -26.16 -33.38 32.68
N CYS C 433 -25.83 -34.09 31.60
CA CYS C 433 -24.50 -34.67 31.43
C CYS C 433 -23.41 -33.62 31.59
N ALA C 434 -23.50 -32.55 30.80
CA ALA C 434 -22.53 -31.44 30.87
C ALA C 434 -22.53 -30.70 32.21
N CYS C 435 -23.71 -30.56 32.85
CA CYS C 435 -23.81 -29.92 34.17
C CYS C 435 -23.10 -30.74 35.25
N ILE C 436 -23.37 -32.05 35.28
CA ILE C 436 -22.72 -32.96 36.22
C ILE C 436 -21.20 -33.01 35.96
N ILE C 437 -20.80 -33.02 34.69
CA ILE C 437 -19.38 -33.01 34.33
C ILE C 437 -18.70 -31.71 34.79
N SER C 438 -19.37 -30.57 34.57
CA SER C 438 -18.89 -29.27 35.05
C SER C 438 -18.74 -29.26 36.57
N SER C 439 -19.78 -29.70 37.24
CA SER C 439 -19.82 -29.72 38.70
C SER C 439 -18.68 -30.55 39.29
N LEU C 440 -18.50 -31.77 38.82
CA LEU C 440 -17.42 -32.65 39.29
C LEU C 440 -16.02 -32.06 39.03
N PHE C 441 -15.84 -31.36 37.92
CA PHE C 441 -14.59 -30.66 37.63
C PHE C 441 -14.30 -29.54 38.64
N GLU C 442 -15.34 -28.79 39.00
CA GLU C 442 -15.22 -27.74 40.03
C GLU C 442 -14.84 -28.33 41.38
N ILE C 443 -15.43 -29.48 41.71
CA ILE C 443 -15.12 -30.17 42.96
C ILE C 443 -13.68 -30.70 42.93
N GLN C 444 -13.26 -31.26 41.80
CA GLN C 444 -11.88 -31.75 41.64
C GLN C 444 -10.83 -30.66 41.85
N LYS C 445 -10.99 -29.52 41.18
CA LYS C 445 -10.02 -28.42 41.29
C LYS C 445 -10.02 -27.76 42.67
N ALA C 446 -11.15 -27.80 43.37
CA ALA C 446 -11.28 -27.24 44.72
C ALA C 446 -10.45 -27.98 45.79
N GLY C 447 -10.19 -29.27 45.56
CA GLY C 447 -9.40 -30.10 46.50
C GLY C 447 -8.17 -30.79 45.96
N TYR C 448 -7.82 -30.56 44.68
CA TYR C 448 -6.67 -31.22 44.05
C TYR C 448 -5.96 -30.31 43.05
N ASP C 449 -4.68 -30.61 42.81
CA ASP C 449 -3.88 -29.89 41.83
C ASP C 449 -4.11 -30.55 40.46
N ILE C 450 -4.76 -29.82 39.56
CA ILE C 450 -5.25 -30.39 38.29
C ILE C 450 -4.11 -30.70 37.30
N GLU C 451 -3.28 -29.71 37.00
CA GLU C 451 -2.23 -29.87 35.98
C GLU C 451 -1.11 -30.85 36.36
N SER C 452 -1.03 -31.25 37.63
CA SER C 452 -0.18 -32.38 38.03
C SER C 452 -0.72 -33.75 37.59
N MET C 453 -2.04 -33.86 37.43
CA MET C 453 -2.67 -35.12 37.02
C MET C 453 -2.53 -35.34 35.52
N ASP C 454 -2.17 -36.55 35.14
CA ASP C 454 -2.09 -36.94 33.72
C ASP C 454 -3.46 -36.93 33.06
N ILE C 455 -4.42 -37.58 33.71
CA ILE C 455 -5.81 -37.63 33.25
C ILE C 455 -6.71 -37.08 34.36
N VAL C 456 -7.54 -36.10 34.00
CA VAL C 456 -8.59 -35.59 34.87
C VAL C 456 -9.88 -36.28 34.46
N ALA C 457 -10.47 -37.04 35.38
CA ALA C 457 -11.65 -37.87 35.10
C ALA C 457 -12.79 -37.12 34.39
N SER C 458 -13.04 -35.89 34.83
CA SER C 458 -14.13 -35.06 34.28
C SER C 458 -13.87 -34.56 32.85
N GLU C 459 -12.60 -34.25 32.54
CA GLU C 459 -12.20 -33.91 31.17
C GLU C 459 -12.34 -35.10 30.23
N HIS C 460 -11.95 -36.28 30.73
CA HIS C 460 -12.10 -37.54 30.00
C HIS C 460 -13.58 -37.79 29.69
N LEU C 461 -14.45 -37.62 30.69
CA LEU C 461 -15.90 -37.69 30.52
C LEU C 461 -16.43 -36.64 29.53
N LEU C 462 -15.93 -35.42 29.63
CA LEU C 462 -16.32 -34.34 28.71
C LEU C 462 -15.94 -34.68 27.28
N HIS C 463 -14.72 -35.19 27.11
CA HIS C 463 -14.22 -35.57 25.79
C HIS C 463 -15.09 -36.63 25.12
N GLN C 464 -15.46 -37.67 25.87
CA GLN C 464 -16.34 -38.74 25.38
C GLN C 464 -17.70 -38.19 24.94
N SER C 465 -18.27 -37.29 25.76
CA SER C 465 -19.56 -36.68 25.45
C SER C 465 -19.49 -35.76 24.22
N LEU C 466 -18.40 -35.02 24.08
CA LEU C 466 -18.20 -34.12 22.93
C LEU C 466 -18.18 -34.87 21.61
N VAL C 467 -17.44 -35.98 21.55
CA VAL C 467 -17.37 -36.80 20.34
C VAL C 467 -18.65 -37.59 20.00
N GLY C 468 -19.58 -37.71 20.96
CA GLY C 468 -20.88 -38.34 20.73
C GLY C 468 -21.12 -39.68 21.42
N LYS C 469 -20.26 -40.04 22.37
CA LYS C 469 -20.39 -41.30 23.11
C LYS C 469 -21.50 -41.14 24.14
N ARG C 470 -22.53 -41.99 24.04
CA ARG C 470 -23.73 -41.88 24.87
C ARG C 470 -23.93 -43.07 25.80
N SER C 471 -22.95 -43.96 25.88
CA SER C 471 -22.99 -45.10 26.78
C SER C 471 -21.57 -45.55 27.07
N PRO C 472 -21.30 -46.04 28.30
CA PRO C 472 -19.99 -46.66 28.54
C PRO C 472 -19.77 -47.96 27.76
N PHE C 473 -20.85 -48.60 27.28
CA PHE C 473 -20.77 -49.85 26.52
C PHE C 473 -20.66 -49.72 24.99
N GLN C 474 -20.60 -48.48 24.47
CA GLN C 474 -20.28 -48.26 23.06
C GLN C 474 -18.77 -48.28 22.86
N ASN C 475 -18.34 -48.77 21.70
CA ASN C 475 -16.97 -48.55 21.22
C ASN C 475 -16.96 -47.24 20.44
N ALA C 476 -15.93 -46.44 20.64
CA ALA C 476 -15.81 -45.13 19.96
C ALA C 476 -14.43 -44.87 19.36
N TYR C 477 -13.67 -45.93 19.08
CA TYR C 477 -12.36 -45.77 18.42
C TYR C 477 -12.49 -45.28 16.99
N LEU C 478 -13.53 -45.75 16.28
CA LEU C 478 -13.74 -45.40 14.86
C LEU C 478 -14.46 -44.06 14.60
N ILE C 479 -14.58 -43.20 15.61
CA ILE C 479 -15.20 -41.88 15.45
C ILE C 479 -14.36 -41.03 14.50
N LYS C 480 -15.02 -40.36 13.56
CA LYS C 480 -14.39 -39.43 12.62
C LYS C 480 -14.42 -38.03 13.25
N GLY C 481 -13.30 -37.31 13.18
CA GLY C 481 -13.23 -35.94 13.71
C GLY C 481 -12.64 -35.86 15.10
N ASN C 482 -12.46 -34.62 15.58
CA ASN C 482 -11.82 -34.33 16.87
C ASN C 482 -12.75 -33.60 17.85
N ALA C 483 -12.55 -33.86 19.14
CA ALA C 483 -13.22 -33.14 20.23
C ALA C 483 -12.56 -31.78 20.50
N THR C 484 -11.29 -31.66 20.14
CA THR C 484 -10.53 -30.39 20.23
C THR C 484 -11.12 -29.29 19.32
N ASN C 485 -11.66 -29.66 18.16
CA ASN C 485 -12.20 -28.71 17.18
C ASN C 485 -13.65 -28.24 17.40
N ILE C 486 -14.37 -28.87 18.34
CA ILE C 486 -15.81 -28.61 18.53
C ILE C 486 -16.09 -27.25 19.19
N ASN C 487 -17.23 -26.65 18.82
CA ASN C 487 -17.68 -25.36 19.37
C ASN C 487 -18.69 -25.56 20.50
N ILE C 488 -18.43 -24.91 21.63
CA ILE C 488 -19.36 -24.89 22.77
C ILE C 488 -20.21 -23.64 22.64
N ILE C 489 -21.53 -23.79 22.77
CA ILE C 489 -22.48 -22.66 22.79
C ILE C 489 -23.57 -22.89 23.83
N SER D 4 -13.17 -35.11 -13.99
CA SER D 4 -12.75 -34.49 -15.28
C SER D 4 -12.99 -32.97 -15.26
N MET D 5 -12.65 -32.30 -16.38
CA MET D 5 -12.68 -30.86 -16.49
C MET D 5 -13.44 -30.43 -17.74
N GLU D 6 -14.74 -30.19 -17.58
CA GLU D 6 -15.59 -29.71 -18.66
C GLU D 6 -15.63 -28.18 -18.65
N ASN D 7 -15.81 -27.57 -19.83
CA ASN D 7 -16.07 -26.13 -19.95
C ASN D 7 -17.54 -25.90 -19.63
N LYS D 8 -17.84 -25.42 -18.43
CA LYS D 8 -19.21 -25.28 -17.95
C LYS D 8 -19.95 -24.04 -18.46
N ILE D 9 -19.21 -23.10 -19.05
CA ILE D 9 -19.82 -21.90 -19.66
C ILE D 9 -20.27 -22.31 -21.06
N VAL D 10 -21.43 -22.99 -21.11
CA VAL D 10 -21.95 -23.62 -22.32
C VAL D 10 -22.81 -22.63 -23.11
N ALA D 11 -22.27 -22.14 -24.22
CA ALA D 11 -22.98 -21.25 -25.12
C ALA D 11 -22.24 -21.15 -26.44
N SER D 12 -22.93 -21.48 -27.54
CA SER D 12 -22.35 -21.37 -28.90
C SER D 12 -22.94 -20.20 -29.71
N THR D 13 -23.72 -19.34 -29.05
CA THR D 13 -24.31 -18.16 -29.68
C THR D 13 -24.32 -16.99 -28.71
N LYS D 14 -24.57 -15.80 -29.24
CA LYS D 14 -24.77 -14.59 -28.44
C LYS D 14 -25.96 -14.77 -27.50
N GLU D 15 -27.10 -15.20 -28.03
CA GLU D 15 -28.35 -15.31 -27.26
C GLU D 15 -28.30 -16.38 -26.17
N GLU D 16 -27.59 -17.49 -26.42
CA GLU D 16 -27.36 -18.53 -25.40
C GLU D 16 -26.51 -17.98 -24.26
N PHE D 17 -25.45 -17.26 -24.61
CA PHE D 17 -24.54 -16.71 -23.61
C PHE D 17 -25.16 -15.66 -22.69
N ASN D 18 -26.01 -14.79 -23.24
CA ASN D 18 -26.75 -13.79 -22.44
C ASN D 18 -27.62 -14.44 -21.38
N THR D 19 -28.29 -15.53 -21.77
CA THR D 19 -29.05 -16.37 -20.85
C THR D 19 -28.16 -16.85 -19.71
N TRP D 20 -27.00 -17.39 -20.06
CA TRP D 20 -26.03 -17.83 -19.05
C TRP D 20 -25.53 -16.69 -18.17
N TYR D 21 -25.19 -15.56 -18.78
CA TYR D 21 -24.56 -14.45 -18.04
C TYR D 21 -25.52 -13.76 -17.07
N LYS D 22 -26.71 -13.40 -17.54
CA LYS D 22 -27.75 -12.81 -16.67
C LYS D 22 -28.03 -13.71 -15.45
N GLN D 23 -27.99 -15.03 -15.68
CA GLN D 23 -28.18 -16.06 -14.66
C GLN D 23 -27.03 -16.12 -13.66
N PHE D 24 -25.80 -16.07 -14.16
CA PHE D 24 -24.57 -16.01 -13.34
C PHE D 24 -24.44 -14.67 -12.60
N ALA D 25 -24.83 -13.57 -13.25
CA ALA D 25 -24.74 -12.23 -12.68
C ALA D 25 -25.70 -12.03 -11.52
N GLU D 26 -26.96 -12.43 -11.70
CA GLU D 26 -27.98 -12.30 -10.66
C GLU D 26 -27.71 -13.21 -9.45
N LYS D 27 -27.06 -14.35 -9.70
CA LYS D 27 -26.65 -15.27 -8.64
C LYS D 27 -25.56 -14.68 -7.73
N HIS D 28 -24.53 -14.10 -8.35
CA HIS D 28 -23.35 -13.60 -7.63
C HIS D 28 -23.40 -12.11 -7.22
N LYS D 29 -24.52 -11.45 -7.52
CA LYS D 29 -24.74 -10.04 -7.19
C LYS D 29 -23.62 -9.18 -7.79
N LEU D 30 -23.44 -9.28 -9.10
CA LEU D 30 -22.44 -8.48 -9.79
C LEU D 30 -22.83 -6.99 -9.77
N ASN D 31 -21.80 -6.15 -9.75
CA ASN D 31 -21.88 -4.77 -9.29
C ASN D 31 -21.10 -3.84 -10.23
N ASN D 32 -21.80 -2.90 -10.87
CA ASN D 32 -21.16 -1.95 -11.80
C ASN D 32 -21.13 -0.51 -11.24
N LYS D 33 -20.95 -0.39 -9.94
CA LYS D 33 -20.78 0.90 -9.28
C LYS D 33 -19.42 1.49 -9.61
N TYR D 34 -18.38 0.67 -9.44
CA TYR D 34 -16.99 1.10 -9.62
C TYR D 34 -16.35 0.62 -10.93
N THR D 35 -17.00 -0.30 -11.64
CA THR D 35 -16.47 -0.88 -12.88
C THR D 35 -17.38 -0.71 -14.09
N GLU D 36 -16.75 -0.72 -15.26
CA GLU D 36 -17.39 -0.35 -16.52
C GLU D 36 -18.33 -1.47 -16.94
N SER D 37 -17.86 -2.70 -16.81
CA SER D 37 -18.67 -3.92 -16.91
C SER D 37 -18.81 -4.49 -15.50
N ALA D 38 -19.95 -5.13 -15.21
CA ALA D 38 -20.27 -5.59 -13.85
C ALA D 38 -19.26 -6.60 -13.32
N SER D 39 -18.82 -6.40 -12.07
CA SER D 39 -17.73 -7.17 -11.44
C SER D 39 -18.06 -7.59 -10.00
N PHE D 40 -17.10 -8.23 -9.33
CA PHE D 40 -17.20 -8.50 -7.87
C PHE D 40 -16.69 -7.33 -7.01
N CYS D 41 -16.46 -6.16 -7.61
CA CYS D 41 -15.88 -5.03 -6.91
C CYS D 41 -16.91 -4.35 -6.03
N ALA D 42 -16.77 -4.55 -4.72
CA ALA D 42 -17.61 -3.89 -3.73
C ALA D 42 -16.96 -2.62 -3.17
N GLU D 43 -15.66 -2.45 -3.36
CA GLU D 43 -14.97 -1.21 -2.96
C GLU D 43 -13.66 -0.99 -3.72
N ILE D 44 -13.21 0.26 -3.74
CA ILE D 44 -11.96 0.63 -4.40
C ILE D 44 -10.82 0.16 -3.47
N PRO D 45 -9.93 -0.71 -3.97
CA PRO D 45 -8.83 -1.21 -3.13
C PRO D 45 -7.93 -0.12 -2.59
N GLN D 46 -7.36 -0.37 -1.42
CA GLN D 46 -6.46 0.58 -0.77
C GLN D 46 -5.03 0.07 -0.86
N LEU D 47 -4.29 0.54 -1.86
CA LEU D 47 -2.93 0.04 -2.13
C LEU D 47 -1.77 0.82 -1.47
N ASP D 48 -2.04 1.89 -0.72
CA ASP D 48 -0.96 2.71 -0.17
C ASP D 48 0.03 1.94 0.72
N THR D 49 -0.47 0.94 1.44
CA THR D 49 0.37 0.07 2.25
C THR D 49 1.49 -0.64 1.45
N TYR D 50 1.22 -1.05 0.20
CA TYR D 50 2.24 -1.74 -0.62
C TYR D 50 3.36 -0.79 -1.06
N LYS D 51 2.99 0.46 -1.36
CA LYS D 51 3.96 1.52 -1.63
C LYS D 51 4.92 1.69 -0.47
N TYR D 52 4.38 1.73 0.76
CA TYR D 52 5.18 1.91 1.97
C TYR D 52 6.08 0.71 2.26
N LYS D 53 5.55 -0.49 2.04
CA LYS D 53 6.33 -1.75 2.11
C LYS D 53 7.45 -1.79 1.09
N MET D 54 7.16 -1.34 -0.13
CA MET D 54 8.14 -1.29 -1.21
C MET D 54 9.32 -0.37 -0.87
N GLU D 55 9.00 0.79 -0.32
CA GLU D 55 10.01 1.76 0.14
C GLU D 55 11.04 1.17 1.11
N LEU D 56 10.57 0.26 1.97
CA LEU D 56 11.40 -0.40 3.00
C LEU D 56 12.04 -1.73 2.56
N ALA D 57 11.69 -2.25 1.39
CA ALA D 57 12.24 -3.53 0.92
C ALA D 57 13.70 -3.36 0.50
N SER D 58 14.53 -4.35 0.83
CA SER D 58 15.97 -4.33 0.50
C SER D 58 16.43 -5.36 -0.56
N THR D 59 15.56 -6.30 -0.94
CA THR D 59 15.89 -7.32 -1.94
C THR D 59 14.94 -7.30 -3.15
N ASP D 60 15.43 -7.80 -4.29
CA ASP D 60 14.63 -7.81 -5.53
C ASP D 60 13.45 -8.76 -5.48
N ASN D 61 13.65 -9.97 -4.97
CA ASN D 61 12.57 -10.95 -4.87
C ASN D 61 11.43 -10.46 -3.98
N GLU D 62 11.77 -9.70 -2.93
CA GLU D 62 10.75 -9.06 -2.09
C GLU D 62 10.00 -7.99 -2.87
N ARG D 63 10.74 -7.14 -3.57
CA ARG D 63 10.12 -6.11 -4.38
C ARG D 63 9.19 -6.70 -5.45
N ASP D 64 9.61 -7.78 -6.10
CA ASP D 64 8.76 -8.52 -7.04
C ASP D 64 7.52 -9.08 -6.34
N ALA D 65 7.70 -9.59 -5.13
CA ALA D 65 6.59 -10.12 -4.33
C ALA D 65 5.59 -9.04 -3.90
N ILE D 66 6.11 -7.88 -3.47
CA ILE D 66 5.27 -6.75 -3.04
C ILE D 66 4.48 -6.19 -4.21
N TYR D 67 5.11 -6.13 -5.39
CA TYR D 67 4.45 -5.57 -6.56
C TYR D 67 3.31 -6.47 -7.02
N SER D 68 3.58 -7.77 -7.13
CA SER D 68 2.58 -8.69 -7.67
C SER D 68 1.41 -8.88 -6.70
N SER D 69 1.69 -8.89 -5.40
CA SER D 69 0.63 -8.78 -4.36
C SER D 69 -0.23 -7.53 -4.56
N ALA D 70 0.41 -6.39 -4.81
CA ALA D 70 -0.30 -5.14 -5.06
C ALA D 70 -1.18 -5.17 -6.30
N LEU D 71 -0.75 -5.89 -7.34
CA LEU D 71 -1.59 -6.14 -8.52
C LEU D 71 -2.81 -7.00 -8.20
N ILE D 72 -2.63 -8.10 -7.46
CA ILE D 72 -3.72 -9.00 -7.10
C ILE D 72 -4.81 -8.25 -6.32
N GLU D 73 -4.38 -7.46 -5.33
CA GLU D 73 -5.30 -6.66 -4.52
C GLU D 73 -5.99 -5.57 -5.36
N ALA D 74 -5.26 -4.98 -6.30
CA ALA D 74 -5.82 -3.99 -7.22
C ALA D 74 -6.81 -4.56 -8.24
N THR D 75 -6.65 -5.83 -8.64
CA THR D 75 -7.39 -6.39 -9.76
C THR D 75 -8.23 -7.64 -9.50
N ARG D 76 -8.09 -8.29 -8.35
CA ARG D 76 -8.74 -9.60 -8.18
C ARG D 76 -10.28 -9.59 -8.24
N PHE D 77 -10.91 -8.49 -7.82
CA PHE D 77 -12.37 -8.39 -7.76
C PHE D 77 -12.97 -7.45 -8.83
N CYS D 78 -12.20 -7.04 -9.82
CA CYS D 78 -12.69 -6.06 -10.81
C CYS D 78 -12.68 -6.54 -12.27
N ALA D 79 -12.49 -7.85 -12.50
CA ALA D 79 -12.46 -8.39 -13.86
C ALA D 79 -13.82 -8.24 -14.54
N PRO D 80 -13.83 -7.86 -15.84
CA PRO D 80 -15.11 -7.77 -16.57
C PRO D 80 -15.67 -9.15 -16.89
N ILE D 81 -16.60 -9.62 -16.06
CA ILE D 81 -17.05 -11.01 -16.07
C ILE D 81 -17.76 -11.38 -17.38
N MET D 82 -18.68 -10.52 -17.82
CA MET D 82 -19.43 -10.76 -19.06
C MET D 82 -18.52 -10.98 -20.27
N GLU D 83 -17.46 -10.18 -20.37
CA GLU D 83 -16.54 -10.25 -21.51
C GLU D 83 -15.52 -11.39 -21.30
N CYS D 84 -15.04 -11.57 -20.07
CA CYS D 84 -14.13 -12.67 -19.73
C CYS D 84 -14.78 -14.02 -20.01
N ALA D 85 -16.03 -14.17 -19.56
CA ALA D 85 -16.80 -15.38 -19.81
C ALA D 85 -17.01 -15.61 -21.31
N TRP D 86 -17.46 -14.58 -22.02
CA TRP D 86 -17.70 -14.68 -23.48
C TRP D 86 -16.47 -15.21 -24.21
N ALA D 87 -15.31 -14.61 -23.93
CA ALA D 87 -14.03 -15.03 -24.49
C ALA D 87 -13.68 -16.50 -24.19
N SER D 88 -14.19 -17.04 -23.08
CA SER D 88 -13.87 -18.39 -22.61
C SER D 88 -15.01 -19.42 -22.70
N CYS D 89 -16.17 -19.04 -23.25
CA CYS D 89 -17.31 -19.95 -23.41
C CYS D 89 -17.09 -20.96 -24.56
N THR D 90 -17.74 -22.12 -24.46
CA THR D 90 -17.50 -23.26 -25.39
C THR D 90 -17.47 -22.86 -26.86
N GLY D 91 -18.48 -22.11 -27.29
CA GLY D 91 -18.62 -21.70 -28.68
C GLY D 91 -17.50 -20.81 -29.19
N THR D 92 -17.14 -19.82 -28.39
CA THR D 92 -16.04 -18.91 -28.72
C THR D 92 -14.70 -19.67 -28.69
N VAL D 93 -14.56 -20.60 -27.75
CA VAL D 93 -13.35 -21.44 -27.67
C VAL D 93 -13.20 -22.32 -28.92
N LYS D 94 -14.31 -22.93 -29.35
CA LYS D 94 -14.32 -23.81 -30.52
C LYS D 94 -14.00 -23.05 -31.81
N ARG D 95 -14.71 -21.94 -32.05
CA ARG D 95 -14.47 -21.13 -33.25
C ARG D 95 -13.11 -20.44 -33.22
N GLY D 96 -12.73 -19.93 -32.03
CA GLY D 96 -11.48 -19.21 -31.83
C GLY D 96 -10.23 -19.98 -32.22
N LEU D 97 -10.19 -21.25 -31.84
CA LEU D 97 -9.06 -22.14 -32.14
C LEU D 97 -9.13 -22.71 -33.56
N GLU D 98 -10.34 -23.08 -34.00
CA GLU D 98 -10.56 -23.63 -35.35
C GLU D 98 -10.25 -22.62 -36.47
N TRP D 99 -10.46 -21.33 -36.22
CA TRP D 99 -10.08 -20.29 -37.17
C TRP D 99 -8.62 -20.45 -37.63
N PHE D 100 -7.73 -20.83 -36.72
CA PHE D 100 -6.31 -21.02 -37.05
C PHE D 100 -6.02 -22.30 -37.83
N ASP D 101 -6.80 -23.36 -37.62
CA ASP D 101 -6.74 -24.56 -38.48
C ASP D 101 -7.20 -24.22 -39.91
N LYS D 102 -8.19 -23.33 -39.99
CA LYS D 102 -8.79 -22.87 -41.25
C LYS D 102 -8.01 -21.72 -41.96
N ASN D 103 -7.15 -20.99 -41.24
CA ASN D 103 -6.47 -19.81 -41.81
C ASN D 103 -4.93 -19.73 -41.64
N LYS D 104 -4.27 -20.75 -41.09
CA LYS D 104 -2.81 -20.70 -40.91
C LYS D 104 -2.02 -20.48 -42.21
N ASP D 105 -2.55 -20.98 -43.33
CA ASP D 105 -1.90 -20.89 -44.65
C ASP D 105 -2.15 -19.58 -45.43
N SER D 106 -3.10 -18.76 -44.98
CA SER D 106 -3.39 -17.49 -45.66
C SER D 106 -2.27 -16.46 -45.46
N ASP D 107 -2.20 -15.49 -46.38
CA ASP D 107 -1.16 -14.46 -46.38
C ASP D 107 -1.08 -13.68 -45.08
N THR D 108 -2.25 -13.36 -44.52
CA THR D 108 -2.34 -12.47 -43.36
C THR D 108 -1.85 -13.11 -42.06
N VAL D 109 -1.78 -14.45 -42.02
CA VAL D 109 -1.27 -15.18 -40.86
C VAL D 109 0.14 -15.71 -41.09
N LYS D 110 0.32 -16.39 -42.22
CA LYS D 110 1.56 -17.10 -42.55
C LYS D 110 2.88 -16.32 -42.39
N VAL D 111 2.85 -15.01 -42.64
CA VAL D 111 4.10 -14.18 -42.65
C VAL D 111 4.76 -14.09 -41.27
N TRP D 112 3.96 -14.19 -40.20
CA TRP D 112 4.46 -14.20 -38.81
C TRP D 112 4.45 -15.60 -38.20
N ASP D 113 3.34 -16.33 -38.34
CA ASP D 113 3.18 -17.69 -37.80
C ASP D 113 4.30 -18.64 -38.23
N ALA D 114 4.55 -18.72 -39.53
CA ALA D 114 5.62 -19.58 -40.09
C ALA D 114 7.02 -19.16 -39.64
N ASN D 115 7.25 -17.87 -39.46
CA ASN D 115 8.54 -17.33 -39.01
C ASN D 115 8.66 -17.16 -37.48
N TYR D 116 7.87 -17.91 -36.71
CA TYR D 116 7.81 -17.71 -35.25
C TYR D 116 9.19 -17.74 -34.58
N GLN D 117 10.02 -18.70 -34.97
CA GLN D 117 11.34 -18.92 -34.35
C GLN D 117 12.33 -17.77 -34.61
N LYS D 118 12.24 -17.19 -35.80
CA LYS D 118 13.01 -16.00 -36.16
C LYS D 118 12.60 -14.82 -35.26
N LEU D 119 11.29 -14.66 -35.07
CA LEU D 119 10.72 -13.52 -34.32
C LEU D 119 10.88 -13.59 -32.79
N ARG D 120 11.36 -14.72 -32.26
CA ARG D 120 11.78 -14.80 -30.85
C ARG D 120 13.10 -14.07 -30.61
N THR D 121 13.91 -13.96 -31.65
CA THR D 121 15.21 -13.28 -31.60
C THR D 121 15.12 -11.89 -32.25
N GLU D 122 14.71 -11.87 -33.53
CA GLU D 122 14.81 -10.68 -34.38
C GLU D 122 13.52 -9.85 -34.39
N THR D 123 13.67 -8.56 -34.67
CA THR D 123 12.53 -7.66 -34.85
C THR D 123 11.85 -7.97 -36.18
N PRO D 124 10.51 -7.94 -36.22
CA PRO D 124 9.79 -8.32 -37.43
C PRO D 124 9.93 -7.29 -38.55
N PRO D 125 9.85 -7.74 -39.83
CA PRO D 125 9.70 -6.79 -40.92
C PRO D 125 8.30 -6.16 -40.88
N ALA D 126 8.22 -4.91 -41.31
CA ALA D 126 7.00 -4.10 -41.18
C ALA D 126 5.73 -4.78 -41.70
N GLU D 127 5.83 -5.50 -42.81
CA GLU D 127 4.67 -6.19 -43.39
C GLU D 127 4.08 -7.27 -42.48
N ALA D 128 4.94 -7.89 -41.66
CA ALA D 128 4.50 -8.89 -40.67
C ALA D 128 3.58 -8.29 -39.60
N LEU D 129 3.85 -7.04 -39.23
CA LEU D 129 2.99 -6.31 -38.30
C LEU D 129 1.63 -6.04 -38.94
N LEU D 130 1.64 -5.56 -40.20
CA LEU D 130 0.39 -5.31 -40.94
C LEU D 130 -0.46 -6.57 -41.16
N ALA D 131 0.20 -7.71 -41.35
CA ALA D 131 -0.48 -8.97 -41.55
C ALA D 131 -1.25 -9.36 -40.27
N TYR D 132 -0.53 -9.30 -39.14
CA TYR D 132 -1.10 -9.61 -37.83
C TYR D 132 -2.35 -8.80 -37.51
N GLN D 133 -2.26 -7.48 -37.71
CA GLN D 133 -3.38 -6.58 -37.39
C GLN D 133 -4.61 -6.87 -38.29
N LYS D 134 -4.38 -7.19 -39.55
CA LYS D 134 -5.45 -7.69 -40.43
C LYS D 134 -6.03 -9.03 -39.94
N ALA D 135 -5.15 -9.98 -39.65
CA ALA D 135 -5.57 -11.30 -39.15
C ALA D 135 -6.40 -11.22 -37.87
N ALA D 136 -6.06 -10.29 -36.97
CA ALA D 136 -6.81 -10.06 -35.72
C ALA D 136 -8.23 -9.60 -36.00
N LEU D 137 -8.38 -8.66 -36.93
CA LEU D 137 -9.68 -8.10 -37.33
C LEU D 137 -10.51 -9.12 -38.10
N ASN D 138 -9.84 -9.94 -38.92
CA ASN D 138 -10.50 -11.04 -39.64
C ASN D 138 -10.97 -12.12 -38.70
N TRP D 139 -10.15 -12.43 -37.69
CA TRP D 139 -10.50 -13.37 -36.63
C TRP D 139 -11.77 -12.89 -35.91
N ARG D 140 -11.77 -11.62 -35.50
CA ARG D 140 -12.93 -11.04 -34.79
C ARG D 140 -14.18 -11.06 -35.65
N LYS D 141 -14.01 -10.77 -36.94
CA LYS D 141 -15.11 -10.81 -37.90
C LYS D 141 -15.67 -12.24 -38.02
N ASP D 142 -14.80 -13.20 -38.27
CA ASP D 142 -15.22 -14.59 -38.58
C ASP D 142 -15.76 -15.40 -37.39
N VAL D 143 -15.26 -15.08 -36.20
CA VAL D 143 -15.70 -15.74 -34.96
C VAL D 143 -16.97 -15.09 -34.38
N GLY D 144 -17.29 -13.87 -34.84
CA GLY D 144 -18.43 -13.14 -34.32
C GLY D 144 -18.20 -12.71 -32.88
N PHE D 145 -16.97 -12.26 -32.62
CA PHE D 145 -16.51 -11.91 -31.27
C PHE D 145 -17.21 -10.66 -30.71
N SER D 146 -17.55 -9.72 -31.57
CA SER D 146 -18.25 -8.51 -31.14
C SER D 146 -19.68 -8.83 -30.73
N ILE D 147 -20.00 -8.54 -29.46
CA ILE D 147 -21.38 -8.57 -28.95
C ILE D 147 -21.75 -7.27 -28.21
N GLY D 148 -20.91 -6.24 -28.29
CA GLY D 148 -21.11 -5.00 -27.55
C GLY D 148 -19.92 -4.07 -27.62
N GLU D 149 -20.04 -2.94 -26.94
CA GLU D 149 -18.98 -1.92 -26.87
C GLU D 149 -17.63 -2.54 -26.46
N TYR D 150 -17.64 -3.38 -25.42
CA TYR D 150 -16.41 -3.88 -24.79
C TYR D 150 -15.73 -5.04 -25.54
N THR D 151 -16.35 -5.55 -26.61
CA THR D 151 -15.73 -6.63 -27.41
C THR D 151 -15.58 -6.25 -28.88
N SER D 152 -15.48 -4.95 -29.17
CA SER D 152 -15.54 -4.45 -30.56
C SER D 152 -14.23 -3.81 -31.04
N ILE D 153 -14.20 -3.45 -32.32
CA ILE D 153 -13.09 -2.70 -32.90
C ILE D 153 -13.33 -1.22 -32.57
N LEU D 154 -12.43 -0.61 -31.81
CA LEU D 154 -12.51 0.83 -31.56
C LEU D 154 -12.05 1.59 -32.80
N LYS D 155 -12.94 2.48 -33.26
N LYS D 155 -12.76 2.65 -33.17
CA LYS D 155 -12.70 3.44 -34.33
CA LYS D 155 -12.39 3.47 -34.34
C LYS D 155 -13.17 4.78 -33.78
C LYS D 155 -12.28 4.96 -34.04
N LYS D 156 -12.33 5.43 -32.98
N LYS D 156 -12.70 5.36 -32.84
CA LYS D 156 -12.72 6.65 -32.30
CA LYS D 156 -12.87 6.78 -32.54
C LYS D 156 -11.49 7.51 -32.19
C LYS D 156 -11.60 7.49 -32.08
N ALA D 157 -11.64 8.82 -32.13
CA ALA D 157 -10.49 9.70 -31.94
C ALA D 157 -10.06 9.76 -30.47
N VAL D 158 -8.76 9.97 -30.27
CA VAL D 158 -8.22 10.27 -28.94
C VAL D 158 -8.77 11.63 -28.52
N ALA D 159 -9.25 11.71 -27.29
CA ALA D 159 -9.85 12.92 -26.78
C ALA D 159 -8.82 14.02 -26.55
N ALA D 160 -9.27 15.27 -26.56
CA ALA D 160 -8.40 16.42 -26.33
C ALA D 160 -7.89 16.45 -24.89
N GLU D 161 -8.73 16.03 -23.95
CA GLU D 161 -8.42 16.12 -22.52
C GLU D 161 -8.75 14.81 -21.79
N TYR D 162 -8.06 14.59 -20.68
CA TYR D 162 -8.27 13.41 -19.84
C TYR D 162 -8.33 13.85 -18.38
N LYS D 163 -9.52 13.77 -17.80
CA LYS D 163 -9.82 14.34 -16.48
C LYS D 163 -9.45 13.31 -15.40
N VAL D 164 -8.64 13.74 -14.44
CA VAL D 164 -8.24 12.93 -13.28
C VAL D 164 -8.41 13.72 -11.98
N PRO D 165 -8.49 13.02 -10.83
CA PRO D 165 -8.60 13.73 -9.55
C PRO D 165 -7.35 14.52 -9.18
N GLY D 166 -7.54 15.53 -8.34
CA GLY D 166 -6.44 16.33 -7.79
C GLY D 166 -5.40 15.54 -7.01
N THR D 167 -5.82 14.51 -6.27
CA THR D 167 -4.87 13.79 -5.39
C THR D 167 -3.86 12.94 -6.20
N VAL D 168 -4.14 12.71 -7.49
CA VAL D 168 -3.23 11.95 -8.38
C VAL D 168 -2.75 12.73 -9.62
N ILE D 169 -3.11 14.01 -9.76
CA ILE D 169 -2.81 14.75 -10.98
C ILE D 169 -1.29 14.93 -11.22
N ASN D 170 -0.56 15.30 -10.17
CA ASN D 170 0.90 15.45 -10.27
C ASN D 170 1.55 14.19 -10.79
N ASN D 171 1.17 13.06 -10.19
CA ASN D 171 1.75 11.79 -10.55
C ASN D 171 1.38 11.31 -11.98
N ILE D 172 0.18 11.61 -12.44
CA ILE D 172 -0.23 11.28 -13.81
C ILE D 172 0.54 12.12 -14.84
N LYS D 173 0.82 13.38 -14.49
CA LYS D 173 1.66 14.25 -15.33
C LYS D 173 3.11 13.78 -15.40
N GLU D 174 3.62 13.27 -14.27
CA GLU D 174 4.94 12.64 -14.21
C GLU D 174 5.01 11.41 -15.10
N MET D 175 3.95 10.62 -15.09
CA MET D 175 3.84 9.47 -15.99
C MET D 175 3.79 9.89 -17.46
N LEU D 176 2.86 10.79 -17.79
CA LEU D 176 2.73 11.26 -19.16
C LEU D 176 4.04 11.89 -19.62
N SER D 177 4.71 12.61 -18.73
CA SER D 177 6.02 13.20 -19.06
C SER D 177 7.07 12.15 -19.44
N ASP D 178 7.14 11.05 -18.69
CA ASP D 178 8.05 9.94 -19.03
C ASP D 178 7.65 9.29 -20.36
N MET D 179 6.35 9.15 -20.60
CA MET D 179 5.85 8.61 -21.87
C MET D 179 6.19 9.51 -23.07
N ILE D 180 6.07 10.84 -22.91
CA ILE D 180 6.49 11.81 -23.94
C ILE D 180 7.96 11.55 -24.26
N ARG D 181 8.78 11.38 -23.22
CA ARG D 181 10.22 11.18 -23.37
C ARG D 181 10.59 9.84 -24.02
N ARG D 182 9.84 8.79 -23.69
CA ARG D 182 10.04 7.46 -24.31
C ARG D 182 9.69 7.47 -25.79
N ARG D 183 8.60 8.16 -26.16
CA ARG D 183 8.23 8.35 -27.57
C ARG D 183 9.33 9.08 -28.36
N ASN D 184 9.93 10.10 -27.75
CA ASN D 184 10.99 10.88 -28.40
C ASN D 184 12.25 10.05 -28.68
N ARG D 185 12.55 9.08 -27.82
CA ARG D 185 13.72 8.20 -28.03
C ARG D 185 13.48 7.19 -29.15
N ILE D 186 12.25 6.70 -29.26
CA ILE D 186 11.82 5.84 -30.38
C ILE D 186 12.00 6.57 -31.73
N ILE D 187 11.56 7.84 -31.80
CA ILE D 187 11.74 8.65 -33.01
C ILE D 187 13.23 9.00 -33.29
N ASN D 188 13.99 9.20 -32.21
N ASN D 188 13.99 9.32 -32.24
CA ASN D 188 15.46 9.47 -32.17
CA ASN D 188 15.40 9.70 -32.36
C ASN D 188 15.75 10.94 -31.92
C ASN D 188 16.35 8.57 -32.00
N GLY D 189 16.72 11.20 -31.04
N GLY D 189 17.19 8.79 -30.99
CA GLY D 189 17.41 10.11 -30.32
CA GLY D 189 17.25 10.09 -30.32
C GLY D 189 17.21 10.03 -28.82
C GLY D 189 17.20 10.02 -28.80
N GLY D 190 17.02 11.17 -28.16
CA GLY D 190 16.91 11.27 -26.70
C GLY D 190 16.01 12.42 -26.26
N VAL D 200 14.24 23.41 -44.92
CA VAL D 200 13.44 23.54 -46.14
C VAL D 200 11.99 23.14 -45.91
N GLY D 201 11.77 21.99 -45.25
CA GLY D 201 10.44 21.39 -45.10
C GLY D 201 9.84 21.59 -43.72
N ARG D 202 9.41 22.82 -43.44
CA ARG D 202 8.57 23.13 -42.28
C ARG D 202 7.23 23.74 -42.73
N GLU D 203 7.28 24.67 -43.67
CA GLU D 203 6.08 25.07 -44.43
C GLU D 203 5.52 23.92 -45.28
N HIS D 204 6.41 23.04 -45.76
CA HIS D 204 5.99 21.85 -46.53
C HIS D 204 5.15 20.90 -45.66
N LEU D 205 5.63 20.63 -44.45
CA LEU D 205 4.88 19.80 -43.48
C LEU D 205 3.52 20.41 -43.15
N ASP D 206 3.48 21.73 -42.93
CA ASP D 206 2.24 22.45 -42.65
C ASP D 206 1.24 22.34 -43.80
N TRP D 207 1.76 22.37 -45.04
CA TRP D 207 0.94 22.19 -46.24
C TRP D 207 0.49 20.73 -46.39
N CYS D 208 1.43 19.79 -46.18
CA CYS D 208 1.11 18.36 -46.19
C CYS D 208 0.08 17.96 -45.14
N ARG D 209 0.13 18.60 -43.97
CA ARG D 209 -0.82 18.35 -42.88
C ARG D 209 -2.20 18.93 -43.22
N GLU D 210 -2.21 20.17 -43.74
CA GLU D 210 -3.43 20.81 -44.24
C GLU D 210 -4.15 19.97 -45.30
N PHE D 211 -3.38 19.47 -46.26
CA PHE D 211 -3.92 18.62 -47.34
C PHE D 211 -4.48 17.30 -46.81
N ALA D 212 -3.73 16.65 -45.93
CA ALA D 212 -4.18 15.41 -45.28
C ALA D 212 -5.45 15.60 -44.45
N SER D 213 -5.51 16.71 -43.71
CA SER D 213 -6.62 16.99 -42.80
C SER D 213 -7.99 17.28 -43.46
N GLY D 214 -8.03 17.46 -44.78
CA GLY D 214 -9.29 17.67 -45.50
C GLY D 214 -9.36 18.85 -46.48
N LYS D 215 -8.30 19.67 -46.52
CA LYS D 215 -8.19 20.74 -47.53
C LYS D 215 -7.62 20.14 -48.82
N PHE D 216 -8.45 19.35 -49.50
CA PHE D 216 -8.03 18.59 -50.70
C PHE D 216 -7.76 19.47 -51.92
N LEU D 217 -8.37 20.65 -51.96
CA LEU D 217 -8.18 21.60 -53.05
C LEU D 217 -6.78 22.24 -53.09
N ASN D 218 -6.05 22.16 -51.97
CA ASN D 218 -4.62 22.52 -51.92
C ASN D 218 -3.80 21.87 -53.03
N ALA D 219 -4.11 20.61 -53.34
CA ALA D 219 -3.43 19.83 -54.39
C ALA D 219 -3.30 20.52 -55.75
N PHE D 220 -4.25 21.41 -56.08
CA PHE D 220 -4.16 22.22 -57.30
C PHE D 220 -2.99 23.21 -57.30
N ASN D 221 -2.59 23.66 -56.10
CA ASN D 221 -1.59 24.71 -55.97
C ASN D 221 -0.53 24.39 -54.89
N PRO D 222 0.44 23.51 -55.22
CA PRO D 222 1.52 23.21 -54.27
C PRO D 222 2.56 24.34 -54.18
N PRO D 223 3.08 24.63 -52.97
CA PRO D 223 4.02 25.74 -52.79
C PRO D 223 5.44 25.51 -53.36
N TRP D 224 5.85 24.26 -53.51
CA TRP D 224 7.16 23.92 -54.12
C TRP D 224 7.14 23.90 -55.65
N GLY D 225 5.96 23.85 -56.26
CA GLY D 225 5.81 23.84 -57.72
C GLY D 225 4.80 22.78 -58.14
N GLU D 226 5.24 21.87 -59.03
CA GLU D 226 4.40 20.73 -59.44
C GLU D 226 4.23 19.75 -58.28
N ILE D 227 3.08 19.07 -58.26
CA ILE D 227 2.70 18.14 -57.18
C ILE D 227 3.71 17.00 -56.96
N ASN D 228 4.31 16.51 -58.04
CA ASN D 228 5.26 15.39 -57.99
C ASN D 228 6.73 15.80 -58.10
N LYS D 229 7.08 16.95 -57.55
CA LYS D 229 8.47 17.43 -57.59
C LYS D 229 9.32 16.62 -56.62
N ALA D 230 10.46 16.12 -57.12
CA ALA D 230 11.37 15.30 -56.31
C ALA D 230 12.29 16.17 -55.45
N GLY D 231 12.58 15.70 -54.23
CA GLY D 231 13.44 16.42 -53.29
C GLY D 231 14.91 16.05 -53.44
N LYS D 232 15.65 16.16 -52.33
CA LYS D 232 17.09 15.84 -52.32
C LYS D 232 17.36 14.33 -52.42
N SER D 233 16.50 13.54 -51.79
CA SER D 233 16.57 12.08 -51.85
C SER D 233 16.22 11.48 -53.23
N GLY D 234 15.41 12.21 -54.01
CA GLY D 234 14.93 11.74 -55.31
C GLY D 234 13.52 11.18 -55.29
N TYR D 235 12.87 11.20 -54.13
CA TYR D 235 11.45 10.84 -53.98
C TYR D 235 10.62 12.13 -53.99
N PRO D 236 9.33 12.05 -54.40
CA PRO D 236 8.45 13.23 -54.37
C PRO D 236 8.36 13.91 -53.00
N LEU D 237 8.25 15.24 -53.00
CA LEU D 237 8.17 16.02 -51.76
C LEU D 237 6.90 15.74 -50.97
N LEU D 238 5.82 15.39 -51.66
CA LEU D 238 4.58 14.95 -51.01
C LEU D 238 4.78 13.62 -50.28
N ALA D 239 5.52 12.71 -50.89
CA ALA D 239 5.83 11.39 -50.31
C ALA D 239 6.75 11.51 -49.09
N THR D 240 7.79 12.34 -49.21
CA THR D 240 8.71 12.64 -48.11
C THR D 240 8.02 13.41 -46.98
N GLY D 241 7.14 14.35 -47.35
CA GLY D 241 6.40 15.17 -46.39
C GLY D 241 5.39 14.39 -45.56
N LEU D 242 4.68 13.46 -46.21
CA LEU D 242 3.76 12.56 -45.51
C LEU D 242 4.51 11.52 -44.68
N ALA D 243 5.62 11.02 -45.20
CA ALA D 243 6.47 10.06 -44.49
C ALA D 243 7.03 10.61 -43.17
N LYS D 244 7.43 11.88 -43.18
CA LYS D 244 7.89 12.55 -41.95
C LYS D 244 6.73 12.86 -40.99
N LEU D 245 5.54 13.16 -41.54
CA LEU D 245 4.32 13.33 -40.73
C LEU D 245 3.87 12.05 -40.02
N VAL D 246 4.25 10.88 -40.55
CA VAL D 246 4.00 9.59 -39.89
C VAL D 246 4.88 9.42 -38.66
N GLU D 247 6.18 9.71 -38.81
CA GLU D 247 7.12 9.66 -37.67
C GLU D 247 6.69 10.50 -36.47
N LEU D 248 6.14 11.69 -36.74
CA LEU D 248 5.76 12.64 -35.70
C LEU D 248 4.38 12.35 -35.11
N GLU D 249 3.33 12.44 -35.93
CA GLU D 249 1.93 12.26 -35.45
C GLU D 249 1.39 10.82 -35.50
N GLY D 250 2.02 9.94 -36.28
CA GLY D 250 1.58 8.54 -36.39
C GLY D 250 0.93 8.20 -37.72
N LYS D 251 0.52 6.94 -37.85
CA LYS D 251 -0.04 6.39 -39.10
C LYS D 251 -1.41 6.97 -39.52
N ASP D 252 -2.12 7.59 -38.58
CA ASP D 252 -3.46 8.16 -38.84
C ASP D 252 -3.48 9.28 -39.90
N VAL D 253 -2.35 9.95 -40.10
CA VAL D 253 -2.20 10.95 -41.17
C VAL D 253 -2.40 10.35 -42.59
N MET D 254 -1.95 9.11 -42.79
CA MET D 254 -2.12 8.42 -44.07
C MET D 254 -3.56 8.01 -44.34
N ASP D 255 -4.29 7.64 -43.29
CA ASP D 255 -5.73 7.34 -43.41
C ASP D 255 -6.51 8.61 -43.77
N LYS D 256 -6.15 9.72 -43.14
CA LYS D 256 -6.72 11.04 -43.46
C LYS D 256 -6.35 11.50 -44.88
N ALA D 257 -5.10 11.24 -45.27
CA ALA D 257 -4.62 11.56 -46.63
C ALA D 257 -5.38 10.80 -47.71
N LYS D 258 -5.60 9.49 -47.50
CA LYS D 258 -6.40 8.67 -48.42
C LYS D 258 -7.85 9.15 -48.50
N ALA D 259 -8.41 9.62 -47.38
CA ALA D 259 -9.74 10.23 -47.35
C ALA D 259 -9.79 11.55 -48.13
N SER D 260 -8.72 12.35 -47.99
CA SER D 260 -8.60 13.62 -48.71
C SER D 260 -8.47 13.42 -50.23
N ILE D 261 -7.70 12.41 -50.64
CA ILE D 261 -7.54 12.07 -52.07
C ILE D 261 -8.86 11.58 -52.70
N ALA D 262 -9.64 10.82 -51.94
CA ALA D 262 -10.97 10.37 -52.40
C ALA D 262 -11.94 11.54 -52.60
N GLN D 263 -11.86 12.55 -51.74
CA GLN D 263 -12.63 13.79 -51.93
C GLN D 263 -12.19 14.55 -53.18
N LEU D 264 -10.88 14.51 -53.45
CA LEU D 264 -10.31 15.14 -54.64
C LEU D 264 -10.88 14.51 -55.92
N GLU D 265 -10.85 13.18 -55.99
CA GLU D 265 -11.51 12.43 -57.08
C GLU D 265 -12.98 12.78 -57.19
N GLY D 266 -13.68 12.73 -56.06
CA GLY D 266 -15.09 13.11 -55.98
C GLY D 266 -15.37 14.51 -56.49
N TRP D 267 -14.47 15.44 -56.19
CA TRP D 267 -14.60 16.82 -56.65
C TRP D 267 -14.33 16.97 -58.15
N VAL D 268 -13.25 16.37 -58.64
CA VAL D 268 -12.84 16.49 -60.05
C VAL D 268 -13.91 15.97 -61.03
N LYS D 269 -14.54 14.84 -60.69
CA LYS D 269 -15.59 14.24 -61.51
C LYS D 269 -16.92 15.00 -61.40
N GLU D 270 -17.24 15.47 -60.19
CA GLU D 270 -18.43 16.32 -59.96
C GLU D 270 -18.31 17.66 -60.70
N ASN D 271 -17.09 18.20 -60.78
CA ASN D 271 -16.83 19.49 -61.42
C ASN D 271 -15.86 19.36 -62.61
N LYS D 272 -16.17 18.44 -63.53
CA LYS D 272 -15.35 18.19 -64.72
C LYS D 272 -15.30 19.36 -65.71
N ASP D 273 -16.38 20.13 -65.77
CA ASP D 273 -16.46 21.31 -66.65
C ASP D 273 -15.49 22.44 -66.27
N GLN D 274 -15.10 22.50 -64.99
CA GLN D 274 -14.21 23.57 -64.50
C GLN D 274 -12.72 23.25 -64.66
N VAL D 275 -12.39 22.01 -65.08
CA VAL D 275 -10.99 21.55 -65.14
C VAL D 275 -10.61 20.95 -66.50
N ASP D 276 -9.31 21.03 -66.82
CA ASP D 276 -8.73 20.28 -67.92
C ASP D 276 -8.57 18.84 -67.47
N GLN D 277 -9.35 17.94 -68.08
CA GLN D 277 -9.46 16.55 -67.61
C GLN D 277 -8.15 15.75 -67.69
N ASP D 278 -7.28 16.08 -68.65
CA ASP D 278 -5.96 15.45 -68.76
C ASP D 278 -5.07 15.79 -67.56
N LYS D 279 -4.92 17.08 -67.29
CA LYS D 279 -4.11 17.54 -66.13
C LYS D 279 -4.74 17.19 -64.78
N ALA D 280 -6.07 17.06 -64.74
CA ALA D 280 -6.77 16.58 -63.55
C ALA D 280 -6.47 15.10 -63.28
N GLU D 281 -6.44 14.30 -64.35
CA GLU D 281 -6.06 12.88 -64.23
C GLU D 281 -4.56 12.68 -63.98
N ASP D 282 -3.71 13.52 -64.59
CA ASP D 282 -2.27 13.52 -64.31
C ASP D 282 -1.97 13.89 -62.84
N LEU D 283 -2.78 14.79 -62.28
CA LEU D 283 -2.68 15.17 -60.87
C LEU D 283 -3.00 13.99 -59.93
N LEU D 284 -4.16 13.38 -60.15
CA LEU D 284 -4.63 12.26 -59.31
C LEU D 284 -3.71 11.03 -59.39
N LYS D 285 -3.22 10.71 -60.59
CA LYS D 285 -2.27 9.60 -60.78
C LYS D 285 -0.93 9.84 -60.09
N GLY D 286 -0.48 11.09 -60.06
CA GLY D 286 0.73 11.48 -59.34
C GLY D 286 0.58 11.43 -57.83
N VAL D 287 -0.58 11.89 -57.34
CA VAL D 287 -0.88 11.89 -55.90
C VAL D 287 -1.03 10.46 -55.37
N ARG D 288 -1.69 9.59 -56.13
CA ARG D 288 -1.79 8.17 -55.77
C ARG D 288 -0.44 7.46 -55.78
N GLU D 289 0.45 7.83 -56.70
CA GLU D 289 1.84 7.33 -56.71
C GLU D 289 2.64 7.88 -55.51
N SER D 290 2.49 9.18 -55.23
CA SER D 290 3.15 9.81 -54.09
C SER D 290 2.66 9.25 -52.74
N TYR D 291 1.37 8.93 -52.68
CA TYR D 291 0.79 8.26 -51.51
C TYR D 291 1.42 6.88 -51.28
N LYS D 292 1.45 6.05 -52.32
CA LYS D 292 2.03 4.70 -52.23
C LYS D 292 3.52 4.70 -51.85
N THR D 293 4.26 5.69 -52.33
CA THR D 293 5.67 5.85 -51.97
C THR D 293 5.84 6.29 -50.50
N ALA D 294 4.89 7.09 -50.00
CA ALA D 294 4.87 7.49 -48.59
C ALA D 294 4.61 6.31 -47.65
N LEU D 295 3.75 5.36 -48.05
CA LEU D 295 3.52 4.13 -47.27
C LEU D 295 4.81 3.34 -47.10
N ALA D 296 5.50 3.08 -48.21
CA ALA D 296 6.77 2.35 -48.21
C ALA D 296 7.80 2.94 -47.22
N LEU D 297 7.91 4.27 -47.21
CA LEU D 297 8.80 4.97 -46.30
C LEU D 297 8.23 5.06 -44.87
N ALA D 298 6.91 5.15 -44.75
CA ALA D 298 6.22 5.16 -43.44
C ALA D 298 6.40 3.84 -42.67
N LYS D 299 6.24 2.72 -43.38
CA LYS D 299 6.42 1.37 -42.80
C LYS D 299 7.85 1.13 -42.30
N GLN D 300 8.82 1.82 -42.91
CA GLN D 300 10.22 1.73 -42.52
C GLN D 300 10.54 2.41 -41.18
N SER D 301 9.71 3.38 -40.77
CA SER D 301 10.00 4.22 -39.60
C SER D 301 9.81 3.52 -38.25
N ASN D 302 10.60 3.93 -37.26
CA ASN D 302 10.51 3.42 -35.87
C ASN D 302 9.15 3.61 -35.23
N ALA D 303 8.50 4.74 -35.50
CA ALA D 303 7.18 5.04 -34.95
C ALA D 303 6.15 3.97 -35.31
N PHE D 304 6.14 3.55 -36.57
CA PHE D 304 5.24 2.49 -37.02
C PHE D 304 5.64 1.11 -36.47
N ARG D 305 6.94 0.84 -36.39
CA ARG D 305 7.46 -0.42 -35.85
C ARG D 305 7.00 -0.66 -34.40
N ALA D 306 6.82 0.42 -33.63
CA ALA D 306 6.24 0.34 -32.29
C ALA D 306 4.72 0.21 -32.31
N GLN D 307 4.06 1.08 -33.10
CA GLN D 307 2.58 1.08 -33.23
C GLN D 307 2.01 -0.23 -33.78
N GLY D 308 2.66 -0.76 -34.82
CA GLY D 308 2.26 -2.00 -35.46
C GLY D 308 2.42 -3.25 -34.61
N ALA D 309 3.26 -3.16 -33.57
CA ALA D 309 3.50 -4.24 -32.62
C ALA D 309 2.54 -4.27 -31.42
N GLN D 310 1.38 -3.63 -31.55
CA GLN D 310 0.41 -3.54 -30.46
C GLN D 310 -0.41 -4.83 -30.41
N ILE D 311 -0.43 -5.47 -29.24
CA ILE D 311 -1.04 -6.79 -29.08
C ILE D 311 -2.54 -6.65 -29.07
N ASP D 312 -3.23 -7.51 -29.81
CA ASP D 312 -4.67 -7.69 -29.68
C ASP D 312 -4.84 -8.81 -28.68
N THR D 313 -5.04 -8.43 -27.41
CA THR D 313 -5.00 -9.35 -26.27
C THR D 313 -5.69 -10.70 -26.51
N VAL D 314 -6.95 -10.67 -26.95
CA VAL D 314 -7.73 -11.90 -27.13
C VAL D 314 -7.33 -12.68 -28.39
N PHE D 315 -6.86 -12.00 -29.42
CA PHE D 315 -6.41 -12.67 -30.66
C PHE D 315 -5.11 -13.45 -30.44
N SER D 316 -4.10 -12.76 -29.90
CA SER D 316 -2.83 -13.41 -29.56
C SER D 316 -2.98 -14.49 -28.49
N SER D 317 -3.93 -14.31 -27.57
CA SER D 317 -4.22 -15.31 -26.54
C SER D 317 -4.69 -16.62 -27.18
N TYR D 318 -5.68 -16.53 -28.06
CA TYR D 318 -6.17 -17.68 -28.83
C TYR D 318 -5.11 -18.27 -29.75
N TYR D 319 -4.27 -17.43 -30.33
CA TYR D 319 -3.15 -17.91 -31.16
C TYR D 319 -2.17 -18.76 -30.34
N TRP D 320 -1.81 -18.32 -29.14
CA TRP D 320 -0.86 -19.05 -28.29
C TRP D 320 -1.38 -20.40 -27.80
N LEU D 321 -2.68 -20.48 -27.51
CA LEU D 321 -3.29 -21.76 -27.17
C LEU D 321 -3.23 -22.73 -28.35
N TRP D 322 -3.55 -22.22 -29.55
CA TRP D 322 -3.45 -23.00 -30.78
C TRP D 322 -2.02 -23.48 -31.06
N LYS D 323 -1.04 -22.60 -30.87
CA LYS D 323 0.38 -22.96 -31.04
C LYS D 323 0.84 -24.04 -30.06
N ALA D 324 0.33 -24.01 -28.83
CA ALA D 324 0.68 -25.00 -27.80
C ALA D 324 -0.11 -26.31 -27.89
N GLY D 325 -1.02 -26.42 -28.86
CA GLY D 325 -1.75 -27.66 -29.12
C GLY D 325 -3.04 -27.81 -28.33
N VAL D 326 -3.59 -26.70 -27.84
CA VAL D 326 -4.81 -26.73 -27.03
C VAL D 326 -6.02 -26.89 -27.95
N THR D 327 -7.00 -27.66 -27.47
CA THR D 327 -8.27 -27.88 -28.15
C THR D 327 -9.37 -27.49 -27.16
N PRO D 328 -10.66 -27.57 -27.57
CA PRO D 328 -11.76 -27.36 -26.60
C PRO D 328 -11.78 -28.32 -25.39
N VAL D 329 -11.18 -29.50 -25.53
CA VAL D 329 -11.10 -30.49 -24.46
C VAL D 329 -10.05 -30.10 -23.41
N THR D 330 -8.86 -29.70 -23.88
CA THR D 330 -7.77 -29.27 -23.00
C THR D 330 -7.80 -27.79 -22.59
N PHE D 331 -8.76 -27.01 -23.11
CA PHE D 331 -8.89 -25.60 -22.74
C PHE D 331 -9.22 -25.37 -21.26
N PRO D 332 -10.17 -26.15 -20.69
CA PRO D 332 -10.45 -26.02 -19.26
C PRO D 332 -9.25 -26.20 -18.32
N SER D 333 -8.31 -27.08 -18.67
CA SER D 333 -7.08 -27.23 -17.88
C SER D 333 -6.22 -25.97 -17.90
N VAL D 334 -6.24 -25.25 -19.02
CA VAL D 334 -5.48 -24.01 -19.20
C VAL D 334 -6.13 -22.87 -18.41
N SER D 335 -7.46 -22.74 -18.54
CA SER D 335 -8.23 -21.74 -17.79
C SER D 335 -8.08 -21.90 -16.27
N GLN D 336 -8.01 -23.15 -15.81
CA GLN D 336 -7.83 -23.46 -14.39
C GLN D 336 -6.45 -23.02 -13.91
N PHE D 337 -5.42 -23.36 -14.67
CA PHE D 337 -4.04 -22.96 -14.38
C PHE D 337 -3.91 -21.44 -14.22
N LEU D 338 -4.47 -20.70 -15.17
CA LEU D 338 -4.38 -19.24 -15.18
C LEU D 338 -5.17 -18.59 -14.04
N PHE D 339 -6.31 -19.19 -13.69
CA PHE D 339 -7.10 -18.72 -12.54
C PHE D 339 -6.34 -18.86 -11.22
N GLU D 340 -5.70 -20.02 -11.03
CA GLU D 340 -4.88 -20.27 -9.83
C GLU D 340 -3.64 -19.37 -9.84
N LEU D 341 -3.06 -19.18 -11.01
CA LEU D 341 -1.90 -18.30 -11.20
C LEU D 341 -2.14 -16.86 -10.72
N GLY D 342 -3.34 -16.35 -10.97
CA GLY D 342 -3.72 -15.00 -10.54
C GLY D 342 -4.09 -14.84 -9.07
N LYS D 343 -3.98 -15.90 -8.26
CA LYS D 343 -4.31 -15.85 -6.83
C LYS D 343 -3.07 -15.78 -5.93
N ASN D 344 -2.07 -16.59 -6.23
CA ASN D 344 -0.79 -16.53 -5.49
C ASN D 344 0.16 -15.48 -6.11
N PRO D 345 0.78 -14.61 -5.28
CA PRO D 345 1.82 -13.68 -5.77
C PRO D 345 3.05 -14.37 -6.36
N LYS D 346 2.89 -14.92 -7.56
CA LYS D 346 3.88 -15.78 -8.18
C LYS D 346 4.91 -14.96 -8.94
N GLY D 347 6.19 -15.19 -8.64
CA GLY D 347 7.28 -14.66 -9.45
C GLY D 347 7.28 -15.36 -10.80
N GLN D 348 7.67 -14.62 -11.85
CA GLN D 348 7.64 -15.16 -13.22
C GLN D 348 8.54 -16.39 -13.44
N LYS D 349 9.61 -16.52 -12.66
CA LYS D 349 10.48 -17.70 -12.69
C LYS D 349 9.81 -18.92 -12.02
N LYS D 350 9.03 -18.67 -10.96
CA LYS D 350 8.24 -19.72 -10.27
C LYS D 350 7.18 -20.33 -11.20
N MET D 351 6.59 -19.51 -12.05
CA MET D 351 5.65 -19.97 -13.09
C MET D 351 6.32 -20.85 -14.15
N GLN D 352 7.51 -20.46 -14.59
CA GLN D 352 8.26 -21.20 -15.62
C GLN D 352 8.56 -22.66 -15.23
N LYS D 353 8.79 -22.89 -13.94
CA LYS D 353 8.96 -24.25 -13.41
C LYS D 353 7.65 -25.03 -13.45
N ALA D 354 6.54 -24.38 -13.06
CA ALA D 354 5.22 -25.02 -13.06
C ALA D 354 4.84 -25.59 -14.43
N LEU D 355 5.08 -24.82 -15.48
CA LEU D 355 4.82 -25.25 -16.85
C LEU D 355 5.70 -26.44 -17.29
N ILE D 356 6.92 -26.49 -16.77
CA ILE D 356 7.81 -27.65 -16.98
C ILE D 356 7.35 -28.86 -16.15
N ASN D 357 6.94 -28.61 -14.91
CA ASN D 357 6.54 -29.68 -13.99
C ASN D 357 5.24 -30.38 -14.38
N THR D 358 4.20 -29.60 -14.68
CA THR D 358 2.88 -30.16 -15.02
C THR D 358 2.98 -31.26 -16.09
N PRO D 359 2.27 -32.39 -15.88
CA PRO D 359 2.33 -33.48 -16.86
C PRO D 359 1.55 -33.19 -18.15
N LEU D 360 0.61 -32.25 -18.10
CA LEU D 360 -0.18 -31.86 -19.27
C LEU D 360 0.73 -31.33 -20.39
N LYS D 361 0.43 -31.72 -21.63
CA LYS D 361 1.34 -31.49 -22.76
C LYS D 361 1.49 -30.03 -23.17
N TRP D 362 0.41 -29.27 -23.10
CA TRP D 362 0.46 -27.83 -23.43
C TRP D 362 1.41 -27.03 -22.56
N GLY D 363 1.62 -27.47 -21.31
CA GLY D 363 2.56 -26.83 -20.39
C GLY D 363 3.96 -26.64 -20.96
N LYS D 364 4.55 -27.73 -21.46
CA LYS D 364 5.89 -27.68 -22.04
C LYS D 364 5.90 -26.95 -23.38
N ARG D 365 4.88 -27.17 -24.20
CA ARG D 365 4.76 -26.51 -25.51
C ARG D 365 4.57 -24.99 -25.37
N LEU D 366 3.85 -24.56 -24.34
CA LEU D 366 3.67 -23.13 -24.05
C LEU D 366 4.96 -22.48 -23.55
N ILE D 367 5.70 -23.18 -22.67
CA ILE D 367 6.97 -22.68 -22.12
C ILE D 367 8.01 -22.48 -23.24
N GLU D 368 7.98 -23.36 -24.25
CA GLU D 368 8.91 -23.29 -25.39
C GLU D 368 8.63 -22.16 -26.37
N LEU D 369 7.43 -21.57 -26.32
CA LEU D 369 7.10 -20.37 -27.11
C LEU D 369 7.67 -19.07 -26.53
N PHE D 370 8.14 -19.10 -25.28
CA PHE D 370 8.65 -17.89 -24.60
C PHE D 370 9.84 -17.33 -25.36
N ALA D 371 9.81 -16.03 -25.66
CA ALA D 371 10.96 -15.36 -26.28
C ALA D 371 12.10 -15.24 -25.30
N ASP D 372 13.31 -15.11 -25.84
CA ASP D 372 14.55 -15.24 -25.08
C ASP D 372 14.66 -14.33 -23.86
N ASN D 373 15.41 -14.82 -22.87
CA ASN D 373 15.90 -14.01 -21.74
C ASN D 373 16.45 -12.66 -22.22
N ASP D 374 17.23 -12.73 -23.31
CA ASP D 374 17.84 -11.54 -23.93
C ASP D 374 17.43 -11.38 -25.40
N PHE D 375 16.16 -11.08 -25.63
CA PHE D 375 15.70 -10.53 -26.91
C PHE D 375 16.41 -9.18 -27.03
N THR D 376 17.38 -9.10 -27.95
CA THR D 376 18.41 -8.06 -27.93
C THR D 376 17.89 -6.65 -28.19
N GLU D 377 17.01 -6.51 -29.18
CA GLU D 377 16.37 -5.23 -29.50
C GLU D 377 15.36 -4.82 -28.42
N ASN D 378 14.90 -3.58 -28.49
CA ASN D 378 13.90 -3.05 -27.53
C ASN D 378 12.60 -3.85 -27.63
N ARG D 379 12.07 -4.26 -26.47
CA ARG D 379 10.88 -5.13 -26.40
C ARG D 379 9.59 -4.51 -26.96
N ILE D 380 9.54 -3.19 -27.05
CA ILE D 380 8.43 -2.50 -27.74
C ILE D 380 8.31 -2.89 -29.21
N TYR D 381 9.42 -3.29 -29.85
CA TYR D 381 9.41 -3.74 -31.26
C TYR D 381 9.07 -5.22 -31.49
N MET D 382 9.11 -6.04 -30.44
CA MET D 382 8.81 -7.49 -30.54
C MET D 382 7.40 -7.71 -31.12
N HIS D 383 7.30 -8.66 -32.05
CA HIS D 383 6.05 -8.94 -32.75
C HIS D 383 4.98 -9.41 -31.74
N PRO D 384 3.73 -8.91 -31.86
CA PRO D 384 2.67 -9.20 -30.87
C PRO D 384 2.19 -10.66 -30.77
N CYS D 385 2.60 -11.50 -31.72
CA CYS D 385 2.29 -12.93 -31.72
C CYS D 385 3.23 -13.75 -30.85
N VAL D 386 4.35 -13.15 -30.43
CA VAL D 386 5.37 -13.85 -29.64
C VAL D 386 5.04 -13.83 -28.15
N LEU D 387 4.93 -15.01 -27.55
CA LEU D 387 4.68 -15.12 -26.12
C LEU D 387 5.96 -14.84 -25.32
N THR D 388 5.77 -14.33 -24.11
CA THR D 388 6.85 -14.09 -23.13
C THR D 388 6.29 -14.37 -21.74
N SER D 389 7.12 -14.24 -20.71
CA SER D 389 6.67 -14.37 -19.32
C SER D 389 5.68 -13.27 -18.95
N GLY D 390 6.03 -12.03 -19.29
CA GLY D 390 5.17 -10.87 -19.06
C GLY D 390 3.86 -10.88 -19.83
N ARG D 391 3.87 -11.48 -21.02
CA ARG D 391 2.67 -11.60 -21.86
C ARG D 391 1.75 -12.78 -21.48
N MET D 392 2.07 -13.54 -20.43
CA MET D 392 1.11 -14.50 -19.85
C MET D 392 -0.10 -13.79 -19.22
N SER D 393 0.09 -12.53 -18.82
CA SER D 393 -1.01 -11.67 -18.36
C SER D 393 -2.10 -11.45 -19.40
N GLU D 394 -1.75 -11.56 -20.68
CA GLU D 394 -2.72 -11.50 -21.79
C GLU D 394 -3.64 -12.73 -21.74
N LEU D 395 -3.05 -13.91 -21.56
CA LEU D 395 -3.82 -15.14 -21.37
C LEU D 395 -4.62 -15.10 -20.07
N GLY D 396 -3.99 -14.59 -19.01
CA GLY D 396 -4.62 -14.44 -17.70
C GLY D 396 -5.94 -13.69 -17.72
N ILE D 397 -5.95 -12.51 -18.33
CA ILE D 397 -7.19 -11.71 -18.43
C ILE D 397 -8.21 -12.35 -19.39
N SER D 398 -7.72 -13.04 -20.43
CA SER D 398 -8.59 -13.67 -21.41
C SER D 398 -9.35 -14.88 -20.87
N PHE D 399 -8.63 -15.78 -20.20
CA PHE D 399 -9.17 -17.09 -19.78
C PHE D 399 -9.09 -17.39 -18.28
N GLY D 400 -8.49 -16.50 -17.49
CA GLY D 400 -8.16 -16.78 -16.09
C GLY D 400 -8.91 -16.01 -15.01
N ALA D 401 -9.78 -15.08 -15.39
CA ALA D 401 -10.62 -14.39 -14.40
C ALA D 401 -11.72 -15.34 -13.93
N VAL D 402 -12.37 -16.00 -14.88
CA VAL D 402 -13.39 -17.01 -14.61
C VAL D 402 -12.84 -18.39 -14.99
N PRO D 403 -12.67 -19.30 -13.99
CA PRO D 403 -12.23 -20.65 -14.31
C PRO D 403 -13.42 -21.45 -14.84
N VAL D 404 -13.31 -21.93 -16.07
CA VAL D 404 -14.45 -22.54 -16.77
C VAL D 404 -14.92 -23.90 -16.20
N THR D 405 -14.05 -24.59 -15.47
CA THR D 405 -14.41 -25.86 -14.82
C THR D 405 -15.35 -25.66 -13.63
N SER D 406 -15.18 -24.55 -12.92
CA SER D 406 -16.05 -24.19 -11.80
C SER D 406 -16.22 -22.67 -11.76
N PRO D 407 -17.03 -22.11 -12.68
CA PRO D 407 -17.25 -20.65 -12.83
C PRO D 407 -17.54 -19.86 -11.55
N ASP D 408 -18.23 -20.49 -10.60
CA ASP D 408 -18.58 -19.85 -9.33
C ASP D 408 -17.36 -19.48 -8.48
N ASP D 409 -16.25 -20.17 -8.67
CA ASP D 409 -14.98 -19.84 -7.99
C ASP D 409 -14.43 -18.44 -8.34
N ALA D 410 -14.84 -17.88 -9.47
CA ALA D 410 -14.55 -16.47 -9.82
C ALA D 410 -14.76 -15.47 -8.68
N ALA D 411 -15.74 -15.72 -7.82
CA ALA D 411 -16.01 -14.88 -6.63
C ALA D 411 -14.84 -14.78 -5.65
N GLN D 412 -13.96 -15.78 -5.62
CA GLN D 412 -12.71 -15.74 -4.84
C GLN D 412 -11.81 -14.61 -5.33
N GLY D 413 -11.81 -14.39 -6.64
CA GLY D 413 -11.08 -13.31 -7.29
C GLY D 413 -9.74 -13.81 -7.78
N SER D 414 -9.37 -13.41 -9.00
CA SER D 414 -8.08 -13.75 -9.58
C SER D 414 -7.53 -12.49 -10.25
N GLY D 415 -6.35 -12.06 -9.79
CA GLY D 415 -5.76 -10.80 -10.25
C GLY D 415 -5.08 -10.90 -11.60
N HIS D 416 -5.46 -10.00 -12.51
CA HIS D 416 -4.85 -9.89 -13.83
C HIS D 416 -4.71 -8.42 -14.19
N THR D 417 -3.52 -8.03 -14.64
CA THR D 417 -3.14 -6.62 -14.85
C THR D 417 -4.15 -5.81 -15.68
N LYS D 418 -4.61 -6.38 -16.79
CA LYS D 418 -5.46 -5.64 -17.73
C LYS D 418 -6.88 -5.38 -17.22
N ALA D 419 -7.28 -6.08 -16.15
CA ALA D 419 -8.57 -5.84 -15.49
C ALA D 419 -8.69 -4.43 -14.84
N VAL D 420 -7.57 -3.73 -14.67
CA VAL D 420 -7.59 -2.31 -14.26
C VAL D 420 -8.37 -1.45 -15.27
N LEU D 421 -8.37 -1.85 -16.54
CA LEU D 421 -9.11 -1.13 -17.59
C LEU D 421 -10.64 -1.18 -17.42
N ASN D 422 -11.13 -2.12 -16.61
CA ASN D 422 -12.55 -2.22 -16.28
C ASN D 422 -12.99 -1.21 -15.23
N TYR D 423 -12.07 -0.70 -14.41
CA TYR D 423 -12.40 0.39 -13.48
C TYR D 423 -12.93 1.61 -14.24
N LYS D 424 -13.91 2.28 -13.64
CA LYS D 424 -14.55 3.42 -14.27
C LYS D 424 -13.63 4.63 -14.28
N THR D 425 -13.92 5.55 -15.20
CA THR D 425 -13.13 6.75 -15.40
C THR D 425 -13.85 8.00 -14.88
N LYS D 426 -15.05 7.81 -14.32
CA LYS D 426 -15.99 8.91 -14.08
C LYS D 426 -15.69 9.63 -12.78
N THR D 427 -15.68 10.97 -12.83
CA THR D 427 -15.46 11.81 -11.65
C THR D 427 -16.53 11.59 -10.57
N GLU D 428 -17.73 11.20 -11.00
CA GLU D 428 -18.83 10.77 -10.13
C GLU D 428 -18.45 9.74 -9.03
N VAL D 429 -17.48 8.87 -9.31
CA VAL D 429 -17.01 7.85 -8.36
C VAL D 429 -15.50 7.92 -8.06
N GLY D 430 -14.89 9.08 -8.36
CA GLY D 430 -13.49 9.34 -8.03
C GLY D 430 -12.44 8.93 -9.05
N ASN D 431 -12.87 8.47 -10.24
CA ASN D 431 -11.96 7.97 -11.28
C ASN D 431 -10.99 6.91 -10.71
N PRO D 432 -11.52 5.75 -10.28
CA PRO D 432 -10.68 4.69 -9.71
C PRO D 432 -9.65 4.10 -10.68
N CYS D 433 -9.95 4.08 -11.97
CA CYS D 433 -8.99 3.65 -13.00
C CYS D 433 -7.70 4.46 -12.93
N ALA D 434 -7.84 5.79 -12.97
CA ALA D 434 -6.69 6.69 -12.87
C ALA D 434 -6.02 6.62 -11.50
N CYS D 435 -6.81 6.46 -10.43
CA CYS D 435 -6.27 6.32 -9.08
C CYS D 435 -5.44 5.05 -8.91
N ILE D 436 -5.98 3.92 -9.37
CA ILE D 436 -5.28 2.63 -9.31
C ILE D 436 -4.01 2.65 -10.16
N ILE D 437 -4.11 3.15 -11.40
CA ILE D 437 -2.95 3.30 -12.29
C ILE D 437 -1.87 4.20 -11.67
N SER D 438 -2.30 5.30 -11.06
CA SER D 438 -1.39 6.21 -10.34
C SER D 438 -0.68 5.50 -9.18
N SER D 439 -1.43 4.73 -8.41
CA SER D 439 -0.90 4.01 -7.25
C SER D 439 0.09 2.91 -7.66
N LEU D 440 -0.27 2.15 -8.68
CA LEU D 440 0.62 1.12 -9.24
C LEU D 440 1.94 1.72 -9.74
N PHE D 441 1.86 2.89 -10.37
CA PHE D 441 3.06 3.60 -10.81
C PHE D 441 3.92 4.02 -9.62
N GLU D 442 3.29 4.57 -8.58
CA GLU D 442 3.99 4.94 -7.32
C GLU D 442 4.74 3.75 -6.72
N ILE D 443 4.10 2.59 -6.74
CA ILE D 443 4.70 1.35 -6.21
C ILE D 443 5.85 0.89 -7.10
N GLN D 444 5.70 0.96 -8.42
CA GLN D 444 6.78 0.58 -9.33
C GLN D 444 8.04 1.43 -9.18
N LYS D 445 7.88 2.76 -9.13
CA LYS D 445 9.02 3.67 -8.99
C LYS D 445 9.67 3.61 -7.59
N ALA D 446 8.87 3.25 -6.59
CA ALA D 446 9.38 3.05 -5.23
C ALA D 446 10.38 1.88 -5.12
N GLY D 447 10.22 0.87 -5.99
CA GLY D 447 11.06 -0.34 -5.97
C GLY D 447 12.04 -0.51 -7.11
N TYR D 448 11.61 -0.17 -8.33
CA TYR D 448 12.42 -0.35 -9.54
C TYR D 448 12.90 0.98 -10.13
N ASP D 449 14.00 0.91 -10.88
CA ASP D 449 14.47 2.04 -11.67
C ASP D 449 13.66 2.06 -12.95
N ILE D 450 12.93 3.16 -13.18
CA ILE D 450 11.87 3.19 -14.21
C ILE D 450 12.40 3.29 -15.64
N GLU D 451 13.30 4.25 -15.88
CA GLU D 451 13.82 4.47 -17.24
C GLU D 451 14.75 3.34 -17.75
N SER D 452 15.21 2.47 -16.85
CA SER D 452 15.89 1.23 -17.24
C SER D 452 14.97 0.23 -17.94
N MET D 453 13.69 0.21 -17.55
CA MET D 453 12.70 -0.72 -18.11
C MET D 453 12.30 -0.30 -19.53
N ASP D 454 12.13 -1.29 -20.41
CA ASP D 454 11.67 -1.04 -21.79
C ASP D 454 10.20 -0.59 -21.83
N ILE D 455 9.35 -1.32 -21.10
CA ILE D 455 7.91 -0.99 -20.96
C ILE D 455 7.54 -1.01 -19.47
N VAL D 456 6.86 0.05 -19.03
CA VAL D 456 6.36 0.15 -17.66
C VAL D 456 4.86 -0.15 -17.70
N ALA D 457 4.45 -1.17 -16.92
CA ALA D 457 3.08 -1.69 -16.96
C ALA D 457 2.02 -0.65 -16.64
N SER D 458 2.32 0.22 -15.66
CA SER D 458 1.41 1.30 -15.26
C SER D 458 1.26 2.37 -16.35
N GLU D 459 2.35 2.69 -17.04
CA GLU D 459 2.32 3.59 -18.20
C GLU D 459 1.53 3.00 -19.37
N HIS D 460 1.77 1.72 -19.64
CA HIS D 460 1.05 0.98 -20.69
C HIS D 460 -0.46 0.95 -20.39
N LEU D 461 -0.82 0.72 -19.13
CA LEU D 461 -2.22 0.81 -18.70
C LEU D 461 -2.80 2.22 -18.86
N LEU D 462 -2.01 3.24 -18.51
CA LEU D 462 -2.41 4.64 -18.66
C LEU D 462 -2.67 4.98 -20.13
N HIS D 463 -1.70 4.64 -20.98
CA HIS D 463 -1.80 4.84 -22.43
C HIS D 463 -3.11 4.26 -23.01
N GLN D 464 -3.43 3.02 -22.63
CA GLN D 464 -4.69 2.40 -23.03
C GLN D 464 -5.91 3.22 -22.58
N SER D 465 -5.88 3.69 -21.34
CA SER D 465 -6.95 4.55 -20.81
C SER D 465 -7.01 5.91 -21.51
N LEU D 466 -5.84 6.49 -21.81
CA LEU D 466 -5.76 7.78 -22.51
C LEU D 466 -6.37 7.77 -23.90
N VAL D 467 -6.23 6.65 -24.62
CA VAL D 467 -6.82 6.53 -25.98
C VAL D 467 -8.30 6.11 -26.00
N GLY D 468 -8.89 5.85 -24.83
CA GLY D 468 -10.30 5.51 -24.72
C GLY D 468 -10.63 4.03 -24.69
N LYS D 469 -9.65 3.19 -24.31
CA LYS D 469 -9.83 1.74 -24.24
C LYS D 469 -10.45 1.39 -22.88
N ARG D 470 -11.71 0.98 -22.90
CA ARG D 470 -12.47 0.72 -21.66
C ARG D 470 -12.54 -0.77 -21.28
N SER D 471 -11.91 -1.64 -22.06
CA SER D 471 -11.90 -3.07 -21.81
C SER D 471 -10.67 -3.72 -22.45
N PRO D 472 -10.14 -4.79 -21.83
CA PRO D 472 -9.05 -5.52 -22.48
C PRO D 472 -9.43 -6.27 -23.77
N PHE D 473 -10.72 -6.54 -23.97
CA PHE D 473 -11.21 -7.30 -25.13
C PHE D 473 -11.55 -6.47 -26.38
N GLN D 474 -11.34 -5.16 -26.32
CA GLN D 474 -11.46 -4.31 -27.50
C GLN D 474 -10.17 -4.32 -28.30
N ASN D 475 -10.28 -4.19 -29.62
CA ASN D 475 -9.13 -3.88 -30.47
C ASN D 475 -9.02 -2.36 -30.56
N ALA D 476 -7.81 -1.83 -30.40
CA ALA D 476 -7.57 -0.38 -30.40
C ALA D 476 -6.51 0.07 -31.41
N TYR D 477 -6.20 -0.77 -32.40
CA TYR D 477 -5.20 -0.44 -33.41
C TYR D 477 -5.66 0.70 -34.34
N LEU D 478 -6.97 0.75 -34.61
CA LEU D 478 -7.54 1.78 -35.50
C LEU D 478 -8.01 3.06 -34.76
N ILE D 479 -7.48 3.34 -33.56
CA ILE D 479 -7.72 4.61 -32.88
C ILE D 479 -7.00 5.72 -33.66
N LYS D 480 -7.71 6.80 -33.94
CA LYS D 480 -7.15 7.96 -34.64
C LYS D 480 -6.51 8.91 -33.61
N GLY D 481 -5.33 9.42 -33.93
CA GLY D 481 -4.64 10.41 -33.09
C GLY D 481 -3.66 9.80 -32.09
N ASN D 482 -3.07 10.67 -31.26
CA ASN D 482 -2.02 10.29 -30.31
C ASN D 482 -2.40 10.57 -28.85
N ALA D 483 -2.11 9.60 -27.98
CA ALA D 483 -2.24 9.78 -26.53
C ALA D 483 -1.25 10.82 -26.01
N THR D 484 -0.04 10.78 -26.55
CA THR D 484 1.04 11.75 -26.25
C THR D 484 0.61 13.24 -26.32
N ASN D 485 -0.30 13.57 -27.25
CA ASN D 485 -0.77 14.95 -27.42
C ASN D 485 -1.83 15.42 -26.40
N ILE D 486 -2.34 14.51 -25.56
CA ILE D 486 -3.47 14.79 -24.67
C ILE D 486 -3.07 15.68 -23.49
N ASN D 487 -4.05 16.44 -22.97
CA ASN D 487 -3.84 17.35 -21.84
C ASN D 487 -4.54 16.86 -20.57
N ILE D 488 -3.79 16.70 -19.50
CA ILE D 488 -4.31 16.20 -18.23
C ILE D 488 -4.83 17.38 -17.41
N ILE D 489 -6.06 17.25 -16.90
CA ILE D 489 -6.72 18.32 -16.13
C ILE D 489 -7.34 17.80 -14.84
#